data_7AVC
# 
_entry.id   7AVC 
# 
_audit_conform.dict_name       mmcif_pdbx.dic 
_audit_conform.dict_version    5.384 
_audit_conform.dict_location   http://mmcif.pdb.org/dictionaries/ascii/mmcif_pdbx.dic 
# 
loop_
_database_2.database_id 
_database_2.database_code 
_database_2.pdbx_database_accession 
_database_2.pdbx_DOI 
PDB   7AVC         pdb_00007avc 10.2210/pdb7avc/pdb 
WWPDB D_1292111146 ?            ?                   
# 
loop_
_pdbx_audit_revision_history.ordinal 
_pdbx_audit_revision_history.data_content_type 
_pdbx_audit_revision_history.major_revision 
_pdbx_audit_revision_history.minor_revision 
_pdbx_audit_revision_history.revision_date 
1 'Structure model' 1 0 2021-02-10 
2 'Structure model' 1 1 2024-01-31 
# 
_pdbx_audit_revision_details.ordinal             1 
_pdbx_audit_revision_details.revision_ordinal    1 
_pdbx_audit_revision_details.data_content_type   'Structure model' 
_pdbx_audit_revision_details.provider            repository 
_pdbx_audit_revision_details.type                'Initial release' 
_pdbx_audit_revision_details.description         ? 
_pdbx_audit_revision_details.details             ? 
# 
loop_
_pdbx_audit_revision_group.ordinal 
_pdbx_audit_revision_group.revision_ordinal 
_pdbx_audit_revision_group.data_content_type 
_pdbx_audit_revision_group.group 
1 2 'Structure model' 'Data collection'        
2 2 'Structure model' 'Database references'    
3 2 'Structure model' 'Derived calculations'   
4 2 'Structure model' 'Refinement description' 
# 
loop_
_pdbx_audit_revision_category.ordinal 
_pdbx_audit_revision_category.revision_ordinal 
_pdbx_audit_revision_category.data_content_type 
_pdbx_audit_revision_category.category 
1 2 'Structure model' atom_type                     
2 2 'Structure model' chem_comp_atom                
3 2 'Structure model' chem_comp_bond                
4 2 'Structure model' citation                      
5 2 'Structure model' database_2                    
6 2 'Structure model' pdbx_initial_refinement_model 
# 
loop_
_pdbx_audit_revision_item.ordinal 
_pdbx_audit_revision_item.revision_ordinal 
_pdbx_audit_revision_item.data_content_type 
_pdbx_audit_revision_item.item 
1 2 'Structure model' '_atom_type.pdbx_N_electrons'         
2 2 'Structure model' '_atom_type.pdbx_scat_Z'              
3 2 'Structure model' '_citation.country'                   
4 2 'Structure model' '_database_2.pdbx_DOI'                
5 2 'Structure model' '_database_2.pdbx_database_accession' 
# 
_pdbx_database_status.status_code                     REL 
_pdbx_database_status.status_code_sf                  REL 
_pdbx_database_status.status_code_mr                  ? 
_pdbx_database_status.entry_id                        7AVC 
_pdbx_database_status.recvd_initial_deposition_date   2020-11-05 
_pdbx_database_status.SG_entry                        N 
_pdbx_database_status.deposit_site                    PDBE 
_pdbx_database_status.process_site                    PDBE 
_pdbx_database_status.status_code_cs                  ? 
_pdbx_database_status.status_code_nmr_data            ? 
_pdbx_database_status.methods_development_category    ? 
_pdbx_database_status.pdb_format_compatible           N 
# 
loop_
_audit_author.name 
_audit_author.pdbx_ordinal 
_audit_author.identifier_ORCID 
'Kolenko, P.'   1 0000-0002-4619-9276 
'Pham, N.P.'    2 0000-0002-5447-3343 
'Pavlicek, J.'  3 ?                   
'Mikulecky, P.' 4 0000-0003-2838-0335 
'Schneider, B.' 5 0000-0001-7855-3690 
# 
_citation.abstract                  ? 
_citation.abstract_id_CAS           ? 
_citation.book_id_ISBN              ? 
_citation.book_publisher            ? 
_citation.book_publisher_city       ? 
_citation.book_title                ? 
_citation.coordinate_linkage        ? 
_citation.country                   CH 
_citation.database_id_Medline       ? 
_citation.details                   ? 
_citation.id                        primary 
_citation.journal_abbrev            Viruses 
_citation.journal_id_ASTM           ? 
_citation.journal_id_CSD            ? 
_citation.journal_id_ISSN           1999-4915 
_citation.journal_full              ? 
_citation.journal_issue             ? 
_citation.journal_volume            13 
_citation.language                  ? 
_citation.page_first                ? 
_citation.page_last                 ? 
_citation.title                     
'Protein Binder (ProBi) as a New Class of Structurally Robust Non-Antibody Protein Scaffold for Directed Evolution.' 
_citation.year                      2021 
_citation.database_id_CSD           ? 
_citation.pdbx_database_id_DOI      10.3390/v13020190 
_citation.pdbx_database_id_PubMed   33514045 
_citation.unpublished_flag          ? 
# 
loop_
_citation_author.citation_id 
_citation_author.name 
_citation_author.ordinal 
_citation_author.identifier_ORCID 
primary 'Pham, P.N.'        1  ?                   
primary 'Huliciak, M.'      2  ?                   
primary 'Biedermannova, L.' 3  ?                   
primary 'Cerny, J.'         4  0000-0002-1969-9304 
primary 'Charnavets, T.'    5  ?                   
primary 'Fuertes, G.'       6  0000-0002-8564-8644 
primary 'Herynek, S.'       7  ?                   
primary 'Kolarova, L.'      8  ?                   
primary 'Kolenko, P.'       9  0000-0002-4619-9276 
primary 'Pavlicek, J.'      10 ?                   
primary 'Zahradnik, J.'     11 ?                   
primary 'Mikulecky, P.'     12 0000-0003-2838-0335 
primary 'Schneider, B.'     13 0000-0001-7855-3690 
# 
loop_
_entity.id 
_entity.type 
_entity.src_method 
_entity.pdbx_description 
_entity.formula_weight 
_entity.pdbx_number_of_molecules 
_entity.pdbx_ec 
_entity.pdbx_mutation 
_entity.pdbx_fragment 
_entity.details 
1 polymer     man 'PIH1 domain-containing protein 1' 17009.355 1   ? ? ? ? 
2 non-polymer syn 'SODIUM ION'                       22.990    1   ? ? ? ? 
3 non-polymer syn GLYCEROL                           92.094    1   ? ? ? ? 
4 water       nat water                              18.015    203 ? ? ? ? 
# 
_entity_name_com.entity_id   1 
_entity_name_com.name        'Nucleolar protein 17 homolog' 
# 
_entity_poly.entity_id                      1 
_entity_poly.type                           'polypeptide(L)' 
_entity_poly.nstd_linkage                   no 
_entity_poly.nstd_monomer                   no 
_entity_poly.pdbx_seq_one_letter_code       
;MAHHHHHHSAALEVLFQGPGQPGFCIKTNSSEGKVFINICHSPSIPPPADVTEEELLQMLEEDQAGFRIPMSLGEPHAEL
DAKGQGCTAYDVAVNSDFYRRMQNSDFLRLLVIRIARQGLEYKYDLRLAPPWDMMKNRPFMGSISQQNIR
;
_entity_poly.pdbx_seq_one_letter_code_can   
;MAHHHHHHSAALEVLFQGPGQPGFCIKTNSSEGKVFINICHSPSIPPPADVTEEELLQMLEEDQAGFRIPMSLGEPHAEL
DAKGQGCTAYDVAVNSDFYRRMQNSDFLRLLVIRIARQGLEYKYDLRLAPPWDMMKNRPFMGSISQQNIR
;
_entity_poly.pdbx_strand_id                 AAA 
_entity_poly.pdbx_target_identifier         ? 
# 
loop_
_pdbx_entity_nonpoly.entity_id 
_pdbx_entity_nonpoly.name 
_pdbx_entity_nonpoly.comp_id 
2 'SODIUM ION' NA  
3 GLYCEROL     GOL 
4 water        HOH 
# 
loop_
_entity_poly_seq.entity_id 
_entity_poly_seq.num 
_entity_poly_seq.mon_id 
_entity_poly_seq.hetero 
1 1   MET n 
1 2   ALA n 
1 3   HIS n 
1 4   HIS n 
1 5   HIS n 
1 6   HIS n 
1 7   HIS n 
1 8   HIS n 
1 9   SER n 
1 10  ALA n 
1 11  ALA n 
1 12  LEU n 
1 13  GLU n 
1 14  VAL n 
1 15  LEU n 
1 16  PHE n 
1 17  GLN n 
1 18  GLY n 
1 19  PRO n 
1 20  GLY n 
1 21  GLN n 
1 22  PRO n 
1 23  GLY n 
1 24  PHE n 
1 25  CYS n 
1 26  ILE n 
1 27  LYS n 
1 28  THR n 
1 29  ASN n 
1 30  SER n 
1 31  SER n 
1 32  GLU n 
1 33  GLY n 
1 34  LYS n 
1 35  VAL n 
1 36  PHE n 
1 37  ILE n 
1 38  ASN n 
1 39  ILE n 
1 40  CYS n 
1 41  HIS n 
1 42  SER n 
1 43  PRO n 
1 44  SER n 
1 45  ILE n 
1 46  PRO n 
1 47  PRO n 
1 48  PRO n 
1 49  ALA n 
1 50  ASP n 
1 51  VAL n 
1 52  THR n 
1 53  GLU n 
1 54  GLU n 
1 55  GLU n 
1 56  LEU n 
1 57  LEU n 
1 58  GLN n 
1 59  MET n 
1 60  LEU n 
1 61  GLU n 
1 62  GLU n 
1 63  ASP n 
1 64  GLN n 
1 65  ALA n 
1 66  GLY n 
1 67  PHE n 
1 68  ARG n 
1 69  ILE n 
1 70  PRO n 
1 71  MET n 
1 72  SER n 
1 73  LEU n 
1 74  GLY n 
1 75  GLU n 
1 76  PRO n 
1 77  HIS n 
1 78  ALA n 
1 79  GLU n 
1 80  LEU n 
1 81  ASP n 
1 82  ALA n 
1 83  LYS n 
1 84  GLY n 
1 85  GLN n 
1 86  GLY n 
1 87  CYS n 
1 88  THR n 
1 89  ALA n 
1 90  TYR n 
1 91  ASP n 
1 92  VAL n 
1 93  ALA n 
1 94  VAL n 
1 95  ASN n 
1 96  SER n 
1 97  ASP n 
1 98  PHE n 
1 99  TYR n 
1 100 ARG n 
1 101 ARG n 
1 102 MET n 
1 103 GLN n 
1 104 ASN n 
1 105 SER n 
1 106 ASP n 
1 107 PHE n 
1 108 LEU n 
1 109 ARG n 
1 110 LEU n 
1 111 LEU n 
1 112 VAL n 
1 113 ILE n 
1 114 ARG n 
1 115 ILE n 
1 116 ALA n 
1 117 ARG n 
1 118 GLN n 
1 119 GLY n 
1 120 LEU n 
1 121 GLU n 
1 122 TYR n 
1 123 LYS n 
1 124 TYR n 
1 125 ASP n 
1 126 LEU n 
1 127 ARG n 
1 128 LEU n 
1 129 ALA n 
1 130 PRO n 
1 131 PRO n 
1 132 TRP n 
1 133 ASP n 
1 134 MET n 
1 135 MET n 
1 136 LYS n 
1 137 ASN n 
1 138 ARG n 
1 139 PRO n 
1 140 PHE n 
1 141 MET n 
1 142 GLY n 
1 143 SER n 
1 144 ILE n 
1 145 SER n 
1 146 GLN n 
1 147 GLN n 
1 148 ASN n 
1 149 ILE n 
1 150 ARG n 
# 
_entity_src_gen.entity_id                          1 
_entity_src_gen.pdbx_src_id                        1 
_entity_src_gen.pdbx_alt_source_flag               sample 
_entity_src_gen.pdbx_seq_type                      'Biological sequence' 
_entity_src_gen.pdbx_beg_seq_num                   1 
_entity_src_gen.pdbx_end_seq_num                   150 
_entity_src_gen.gene_src_common_name               Human 
_entity_src_gen.gene_src_genus                     ? 
_entity_src_gen.pdbx_gene_src_gene                 'PIH1D1, NOP17' 
_entity_src_gen.gene_src_species                   ? 
_entity_src_gen.gene_src_strain                    ? 
_entity_src_gen.gene_src_tissue                    ? 
_entity_src_gen.gene_src_tissue_fraction           ? 
_entity_src_gen.gene_src_details                   ? 
_entity_src_gen.pdbx_gene_src_fragment             ? 
_entity_src_gen.pdbx_gene_src_scientific_name      'Homo sapiens' 
_entity_src_gen.pdbx_gene_src_ncbi_taxonomy_id     9606 
_entity_src_gen.pdbx_gene_src_variant              ? 
_entity_src_gen.pdbx_gene_src_cell_line            ? 
_entity_src_gen.pdbx_gene_src_atcc                 ? 
_entity_src_gen.pdbx_gene_src_organ                ? 
_entity_src_gen.pdbx_gene_src_organelle            ? 
_entity_src_gen.pdbx_gene_src_cell                 ? 
_entity_src_gen.pdbx_gene_src_cellular_location    ? 
_entity_src_gen.host_org_common_name               ? 
_entity_src_gen.pdbx_host_org_scientific_name      'Escherichia coli BL21(DE3)' 
_entity_src_gen.pdbx_host_org_ncbi_taxonomy_id     469008 
_entity_src_gen.host_org_genus                     ? 
_entity_src_gen.pdbx_host_org_gene                 ? 
_entity_src_gen.pdbx_host_org_organ                ? 
_entity_src_gen.host_org_species                   ? 
_entity_src_gen.pdbx_host_org_tissue               ? 
_entity_src_gen.pdbx_host_org_tissue_fraction      ? 
_entity_src_gen.pdbx_host_org_strain               ? 
_entity_src_gen.pdbx_host_org_variant              ? 
_entity_src_gen.pdbx_host_org_cell_line            ? 
_entity_src_gen.pdbx_host_org_atcc                 ? 
_entity_src_gen.pdbx_host_org_culture_collection   ? 
_entity_src_gen.pdbx_host_org_cell                 ? 
_entity_src_gen.pdbx_host_org_organelle            ? 
_entity_src_gen.pdbx_host_org_cellular_location    ? 
_entity_src_gen.pdbx_host_org_vector_type          ? 
_entity_src_gen.pdbx_host_org_vector               ? 
_entity_src_gen.host_org_details                   ? 
_entity_src_gen.expression_system_id               ? 
_entity_src_gen.plasmid_name                       ? 
_entity_src_gen.plasmid_details                    ? 
_entity_src_gen.pdbx_description                   ? 
# 
loop_
_chem_comp.id 
_chem_comp.type 
_chem_comp.mon_nstd_flag 
_chem_comp.name 
_chem_comp.pdbx_synonyms 
_chem_comp.formula 
_chem_comp.formula_weight 
ALA 'L-peptide linking' y ALANINE         ?                               'C3 H7 N O2'     89.093  
ARG 'L-peptide linking' y ARGININE        ?                               'C6 H15 N4 O2 1' 175.209 
ASN 'L-peptide linking' y ASPARAGINE      ?                               'C4 H8 N2 O3'    132.118 
ASP 'L-peptide linking' y 'ASPARTIC ACID' ?                               'C4 H7 N O4'     133.103 
CYS 'L-peptide linking' y CYSTEINE        ?                               'C3 H7 N O2 S'   121.158 
GLN 'L-peptide linking' y GLUTAMINE       ?                               'C5 H10 N2 O3'   146.144 
GLU 'L-peptide linking' y 'GLUTAMIC ACID' ?                               'C5 H9 N O4'     147.129 
GLY 'peptide linking'   y GLYCINE         ?                               'C2 H5 N O2'     75.067  
GOL non-polymer         . GLYCEROL        'GLYCERIN; PROPANE-1,2,3-TRIOL' 'C3 H8 O3'       92.094  
HIS 'L-peptide linking' y HISTIDINE       ?                               'C6 H10 N3 O2 1' 156.162 
HOH non-polymer         . WATER           ?                               'H2 O'           18.015  
ILE 'L-peptide linking' y ISOLEUCINE      ?                               'C6 H13 N O2'    131.173 
LEU 'L-peptide linking' y LEUCINE         ?                               'C6 H13 N O2'    131.173 
LYS 'L-peptide linking' y LYSINE          ?                               'C6 H15 N2 O2 1' 147.195 
MET 'L-peptide linking' y METHIONINE      ?                               'C5 H11 N O2 S'  149.211 
NA  non-polymer         . 'SODIUM ION'    ?                               'Na 1'           22.990  
PHE 'L-peptide linking' y PHENYLALANINE   ?                               'C9 H11 N O2'    165.189 
PRO 'L-peptide linking' y PROLINE         ?                               'C5 H9 N O2'     115.130 
SER 'L-peptide linking' y SERINE          ?                               'C3 H7 N O3'     105.093 
THR 'L-peptide linking' y THREONINE       ?                               'C4 H9 N O3'     119.119 
TRP 'L-peptide linking' y TRYPTOPHAN      ?                               'C11 H12 N2 O2'  204.225 
TYR 'L-peptide linking' y TYROSINE        ?                               'C9 H11 N O3'    181.189 
VAL 'L-peptide linking' y VALINE          ?                               'C5 H11 N O2'    117.146 
# 
loop_
_pdbx_poly_seq_scheme.asym_id 
_pdbx_poly_seq_scheme.entity_id 
_pdbx_poly_seq_scheme.seq_id 
_pdbx_poly_seq_scheme.mon_id 
_pdbx_poly_seq_scheme.ndb_seq_num 
_pdbx_poly_seq_scheme.pdb_seq_num 
_pdbx_poly_seq_scheme.auth_seq_num 
_pdbx_poly_seq_scheme.pdb_mon_id 
_pdbx_poly_seq_scheme.auth_mon_id 
_pdbx_poly_seq_scheme.pdb_strand_id 
_pdbx_poly_seq_scheme.pdb_ins_code 
_pdbx_poly_seq_scheme.hetero 
A 1 1   MET 1   1   ?   ?   ?   AAA . n 
A 1 2   ALA 2   2   2   ALA ALA AAA . n 
A 1 3   HIS 3   3   3   HIS HIS AAA . n 
A 1 4   HIS 4   4   4   HIS HIS AAA . n 
A 1 5   HIS 5   5   5   HIS HIS AAA . n 
A 1 6   HIS 6   6   6   HIS HIS AAA . n 
A 1 7   HIS 7   7   7   HIS HIS AAA . n 
A 1 8   HIS 8   8   8   HIS HIS AAA . n 
A 1 9   SER 9   9   9   SER SER AAA . n 
A 1 10  ALA 10  10  10  ALA ALA AAA . n 
A 1 11  ALA 11  11  11  ALA ALA AAA . n 
A 1 12  LEU 12  12  12  LEU LEU AAA . n 
A 1 13  GLU 13  13  13  GLU GLU AAA . n 
A 1 14  VAL 14  14  14  VAL VAL AAA . n 
A 1 15  LEU 15  15  15  LEU LEU AAA . n 
A 1 16  PHE 16  16  16  PHE PHE AAA . n 
A 1 17  GLN 17  17  17  GLN GLN AAA . n 
A 1 18  GLY 18  18  18  GLY GLY AAA . n 
A 1 19  PRO 19  19  19  PRO PRO AAA . n 
A 1 20  GLY 20  20  20  GLY GLY AAA . n 
A 1 21  GLN 21  21  21  GLN GLN AAA . n 
A 1 22  PRO 22  22  22  PRO PRO AAA . n 
A 1 23  GLY 23  23  23  GLY GLY AAA . n 
A 1 24  PHE 24  24  24  PHE PHE AAA . n 
A 1 25  CYS 25  25  25  CYS CYS AAA . n 
A 1 26  ILE 26  26  26  ILE ILE AAA . n 
A 1 27  LYS 27  27  27  LYS LYS AAA . n 
A 1 28  THR 28  28  28  THR THR AAA . n 
A 1 29  ASN 29  29  29  ASN ASN AAA . n 
A 1 30  SER 30  30  30  SER SER AAA . n 
A 1 31  SER 31  31  31  SER SER AAA . n 
A 1 32  GLU 32  32  32  GLU GLU AAA . n 
A 1 33  GLY 33  33  33  GLY GLY AAA . n 
A 1 34  LYS 34  34  34  LYS LYS AAA . n 
A 1 35  VAL 35  35  35  VAL VAL AAA . n 
A 1 36  PHE 36  36  36  PHE PHE AAA . n 
A 1 37  ILE 37  37  37  ILE ILE AAA . n 
A 1 38  ASN 38  38  38  ASN ASN AAA . n 
A 1 39  ILE 39  39  39  ILE ILE AAA . n 
A 1 40  CYS 40  40  40  CYS CYS AAA . n 
A 1 41  HIS 41  41  41  HIS HIS AAA . n 
A 1 42  SER 42  42  42  SER SER AAA . n 
A 1 43  PRO 43  43  43  PRO PRO AAA . n 
A 1 44  SER 44  44  44  SER SER AAA . n 
A 1 45  ILE 45  45  45  ILE ILE AAA . n 
A 1 46  PRO 46  46  46  PRO PRO AAA . n 
A 1 47  PRO 47  47  47  PRO PRO AAA . n 
A 1 48  PRO 48  48  48  PRO PRO AAA . n 
A 1 49  ALA 49  49  49  ALA ALA AAA . n 
A 1 50  ASP 50  50  50  ASP ASP AAA . n 
A 1 51  VAL 51  51  51  VAL VAL AAA . n 
A 1 52  THR 52  52  52  THR THR AAA . n 
A 1 53  GLU 53  53  53  GLU GLU AAA . n 
A 1 54  GLU 54  54  54  GLU GLU AAA . n 
A 1 55  GLU 55  55  55  GLU GLU AAA . n 
A 1 56  LEU 56  56  56  LEU LEU AAA . n 
A 1 57  LEU 57  57  57  LEU LEU AAA . n 
A 1 58  GLN 58  58  58  GLN GLN AAA . n 
A 1 59  MET 59  59  59  MET MET AAA . n 
A 1 60  LEU 60  60  60  LEU LEU AAA . n 
A 1 61  GLU 61  61  61  GLU GLU AAA . n 
A 1 62  GLU 62  62  62  GLU GLU AAA . n 
A 1 63  ASP 63  63  63  ASP ASP AAA . n 
A 1 64  GLN 64  64  64  GLN GLN AAA . n 
A 1 65  ALA 65  65  65  ALA ALA AAA . n 
A 1 66  GLY 66  66  66  GLY GLY AAA . n 
A 1 67  PHE 67  67  67  PHE PHE AAA . n 
A 1 68  ARG 68  68  68  ARG ARG AAA . n 
A 1 69  ILE 69  69  69  ILE ILE AAA . n 
A 1 70  PRO 70  70  70  PRO PRO AAA . n 
A 1 71  MET 71  71  71  MET MET AAA . n 
A 1 72  SER 72  72  72  SER SER AAA . n 
A 1 73  LEU 73  73  73  LEU LEU AAA . n 
A 1 74  GLY 74  74  74  GLY GLY AAA . n 
A 1 75  GLU 75  75  75  GLU GLU AAA . n 
A 1 76  PRO 76  76  76  PRO PRO AAA . n 
A 1 77  HIS 77  77  77  HIS HIS AAA . n 
A 1 78  ALA 78  78  78  ALA ALA AAA . n 
A 1 79  GLU 79  79  79  GLU GLU AAA . n 
A 1 80  LEU 80  80  80  LEU LEU AAA . n 
A 1 81  ASP 81  81  81  ASP ASP AAA . n 
A 1 82  ALA 82  82  82  ALA ALA AAA . n 
A 1 83  LYS 83  83  83  LYS LYS AAA . n 
A 1 84  GLY 84  84  84  GLY GLY AAA . n 
A 1 85  GLN 85  85  85  GLN GLN AAA . n 
A 1 86  GLY 86  86  86  GLY GLY AAA . n 
A 1 87  CYS 87  87  87  CYS CYS AAA . n 
A 1 88  THR 88  88  88  THR THR AAA . n 
A 1 89  ALA 89  89  89  ALA ALA AAA . n 
A 1 90  TYR 90  90  90  TYR TYR AAA . n 
A 1 91  ASP 91  91  91  ASP ASP AAA . n 
A 1 92  VAL 92  92  92  VAL VAL AAA . n 
A 1 93  ALA 93  93  93  ALA ALA AAA . n 
A 1 94  VAL 94  94  94  VAL VAL AAA . n 
A 1 95  ASN 95  95  95  ASN ASN AAA . n 
A 1 96  SER 96  96  96  SER SER AAA . n 
A 1 97  ASP 97  97  97  ASP ASP AAA . n 
A 1 98  PHE 98  98  98  PHE PHE AAA . n 
A 1 99  TYR 99  99  99  TYR TYR AAA . n 
A 1 100 ARG 100 100 100 ARG ARG AAA . n 
A 1 101 ARG 101 101 101 ARG ARG AAA . n 
A 1 102 MET 102 102 102 MET MET AAA . n 
A 1 103 GLN 103 103 103 GLN GLN AAA . n 
A 1 104 ASN 104 104 104 ASN ASN AAA . n 
A 1 105 SER 105 105 105 SER SER AAA . n 
A 1 106 ASP 106 106 106 ASP ASP AAA . n 
A 1 107 PHE 107 107 107 PHE PHE AAA . n 
A 1 108 LEU 108 108 108 LEU LEU AAA . n 
A 1 109 ARG 109 109 109 ARG ARG AAA . n 
A 1 110 LEU 110 110 110 LEU LEU AAA . n 
A 1 111 LEU 111 111 111 LEU LEU AAA . n 
A 1 112 VAL 112 112 112 VAL VAL AAA . n 
A 1 113 ILE 113 113 113 ILE ILE AAA . n 
A 1 114 ARG 114 114 114 ARG ARG AAA . n 
A 1 115 ILE 115 115 115 ILE ILE AAA . n 
A 1 116 ALA 116 116 116 ALA ALA AAA . n 
A 1 117 ARG 117 117 117 ARG ARG AAA . n 
A 1 118 GLN 118 118 118 GLN GLN AAA . n 
A 1 119 GLY 119 119 119 GLY GLY AAA . n 
A 1 120 LEU 120 120 120 LEU LEU AAA . n 
A 1 121 GLU 121 121 121 GLU GLU AAA . n 
A 1 122 TYR 122 122 122 TYR TYR AAA . n 
A 1 123 LYS 123 123 123 LYS LYS AAA . n 
A 1 124 TYR 124 124 124 TYR TYR AAA . n 
A 1 125 ASP 125 125 125 ASP ASP AAA . n 
A 1 126 LEU 126 126 126 LEU LEU AAA . n 
A 1 127 ARG 127 127 127 ARG ARG AAA . n 
A 1 128 LEU 128 128 128 LEU LEU AAA . n 
A 1 129 ALA 129 129 129 ALA ALA AAA . n 
A 1 130 PRO 130 130 130 PRO PRO AAA . n 
A 1 131 PRO 131 131 131 PRO PRO AAA . n 
A 1 132 TRP 132 132 132 TRP TRP AAA . n 
A 1 133 ASP 133 133 133 ASP ASP AAA . n 
A 1 134 MET 134 134 134 MET MET AAA . n 
A 1 135 MET 135 135 135 MET MET AAA . n 
A 1 136 LYS 136 136 136 LYS LYS AAA . n 
A 1 137 ASN 137 137 137 ASN ASN AAA . n 
A 1 138 ARG 138 138 138 ARG ARG AAA . n 
A 1 139 PRO 139 139 139 PRO PRO AAA . n 
A 1 140 PHE 140 140 140 PHE PHE AAA . n 
A 1 141 MET 141 141 141 MET MET AAA . n 
A 1 142 GLY 142 142 142 GLY GLY AAA . n 
A 1 143 SER 143 143 143 SER SER AAA . n 
A 1 144 ILE 144 144 144 ILE ILE AAA . n 
A 1 145 SER 145 145 ?   ?   ?   AAA . n 
A 1 146 GLN 146 146 ?   ?   ?   AAA . n 
A 1 147 GLN 147 147 ?   ?   ?   AAA . n 
A 1 148 ASN 148 148 ?   ?   ?   AAA . n 
A 1 149 ILE 149 149 ?   ?   ?   AAA . n 
A 1 150 ARG 150 150 ?   ?   ?   AAA . n 
# 
loop_
_pdbx_nonpoly_scheme.asym_id 
_pdbx_nonpoly_scheme.entity_id 
_pdbx_nonpoly_scheme.mon_id 
_pdbx_nonpoly_scheme.ndb_seq_num 
_pdbx_nonpoly_scheme.pdb_seq_num 
_pdbx_nonpoly_scheme.auth_seq_num 
_pdbx_nonpoly_scheme.pdb_mon_id 
_pdbx_nonpoly_scheme.auth_mon_id 
_pdbx_nonpoly_scheme.pdb_strand_id 
_pdbx_nonpoly_scheme.pdb_ins_code 
B 2 NA  1   201 1   NA  NA  AAA . 
C 3 GOL 1   202 1   GOL GOL AAA . 
D 4 HOH 1   301 188 HOH HOH AAA . 
D 4 HOH 2   302 170 HOH HOH AAA . 
D 4 HOH 3   303 1   HOH HOH AAA . 
D 4 HOH 4   304 31  HOH HOH AAA . 
D 4 HOH 5   305 30  HOH HOH AAA . 
D 4 HOH 6   306 13  HOH HOH AAA . 
D 4 HOH 7   307 167 HOH HOH AAA . 
D 4 HOH 8   308 7   HOH HOH AAA . 
D 4 HOH 9   309 70  HOH HOH AAA . 
D 4 HOH 10  310 150 HOH HOH AAA . 
D 4 HOH 11  311 181 HOH HOH AAA . 
D 4 HOH 12  312 88  HOH HOH AAA . 
D 4 HOH 13  313 96  HOH HOH AAA . 
D 4 HOH 14  314 24  HOH HOH AAA . 
D 4 HOH 15  315 122 HOH HOH AAA . 
D 4 HOH 16  316 105 HOH HOH AAA . 
D 4 HOH 17  317 82  HOH HOH AAA . 
D 4 HOH 18  318 107 HOH HOH AAA . 
D 4 HOH 19  319 99  HOH HOH AAA . 
D 4 HOH 20  320 11  HOH HOH AAA . 
D 4 HOH 21  321 151 HOH HOH AAA . 
D 4 HOH 22  322 22  HOH HOH AAA . 
D 4 HOH 23  323 121 HOH HOH AAA . 
D 4 HOH 24  324 16  HOH HOH AAA . 
D 4 HOH 25  325 163 HOH HOH AAA . 
D 4 HOH 26  326 46  HOH HOH AAA . 
D 4 HOH 27  327 79  HOH HOH AAA . 
D 4 HOH 28  328 6   HOH HOH AAA . 
D 4 HOH 29  329 72  HOH HOH AAA . 
D 4 HOH 30  330 2   HOH HOH AAA . 
D 4 HOH 31  331 138 HOH HOH AAA . 
D 4 HOH 32  332 8   HOH HOH AAA . 
D 4 HOH 33  333 7   HOH HOH AAA . 
D 4 HOH 34  334 66  HOH HOH AAA . 
D 4 HOH 35  335 3   HOH HOH AAA . 
D 4 HOH 36  336 159 HOH HOH AAA . 
D 4 HOH 37  337 98  HOH HOH AAA . 
D 4 HOH 38  338 40  HOH HOH AAA . 
D 4 HOH 39  339 24  HOH HOH AAA . 
D 4 HOH 40  340 58  HOH HOH AAA . 
D 4 HOH 41  341 228 HOH HOH AAA . 
D 4 HOH 42  342 46  HOH HOH AAA . 
D 4 HOH 43  343 3   HOH HOH AAA . 
D 4 HOH 44  344 14  HOH HOH AAA . 
D 4 HOH 45  345 54  HOH HOH AAA . 
D 4 HOH 46  346 57  HOH HOH AAA . 
D 4 HOH 47  347 23  HOH HOH AAA . 
D 4 HOH 48  348 229 HOH HOH AAA . 
D 4 HOH 49  349 18  HOH HOH AAA . 
D 4 HOH 50  350 35  HOH HOH AAA . 
D 4 HOH 51  351 49  HOH HOH AAA . 
D 4 HOH 52  352 17  HOH HOH AAA . 
D 4 HOH 53  353 92  HOH HOH AAA . 
D 4 HOH 54  354 10  HOH HOH AAA . 
D 4 HOH 55  355 21  HOH HOH AAA . 
D 4 HOH 56  356 31  HOH HOH AAA . 
D 4 HOH 57  357 19  HOH HOH AAA . 
D 4 HOH 58  358 22  HOH HOH AAA . 
D 4 HOH 59  359 74  HOH HOH AAA . 
D 4 HOH 60  360 20  HOH HOH AAA . 
D 4 HOH 61  361 120 HOH HOH AAA . 
D 4 HOH 62  362 56  HOH HOH AAA . 
D 4 HOH 63  363 84  HOH HOH AAA . 
D 4 HOH 64  364 206 HOH HOH AAA . 
D 4 HOH 65  365 13  HOH HOH AAA . 
D 4 HOH 66  366 4   HOH HOH AAA . 
D 4 HOH 67  367 42  HOH HOH AAA . 
D 4 HOH 68  368 21  HOH HOH AAA . 
D 4 HOH 69  369 102 HOH HOH AAA . 
D 4 HOH 70  370 45  HOH HOH AAA . 
D 4 HOH 71  371 2   HOH HOH AAA . 
D 4 HOH 72  372 32  HOH HOH AAA . 
D 4 HOH 73  373 33  HOH HOH AAA . 
D 4 HOH 74  374 55  HOH HOH AAA . 
D 4 HOH 75  375 1   HOH HOH AAA . 
D 4 HOH 76  376 38  HOH HOH AAA . 
D 4 HOH 77  377 3   HOH HOH AAA . 
D 4 HOH 78  378 68  HOH HOH AAA . 
D 4 HOH 79  379 29  HOH HOH AAA . 
D 4 HOH 80  380 17  HOH HOH AAA . 
D 4 HOH 81  381 12  HOH HOH AAA . 
D 4 HOH 82  382 47  HOH HOH AAA . 
D 4 HOH 83  383 65  HOH HOH AAA . 
D 4 HOH 84  384 52  HOH HOH AAA . 
D 4 HOH 85  385 36  HOH HOH AAA . 
D 4 HOH 86  386 37  HOH HOH AAA . 
D 4 HOH 87  387 168 HOH HOH AAA . 
D 4 HOH 88  388 85  HOH HOH AAA . 
D 4 HOH 89  389 44  HOH HOH AAA . 
D 4 HOH 90  390 116 HOH HOH AAA . 
D 4 HOH 91  391 15  HOH HOH AAA . 
D 4 HOH 92  392 51  HOH HOH AAA . 
D 4 HOH 93  393 35  HOH HOH AAA . 
D 4 HOH 94  394 101 HOH HOH AAA . 
D 4 HOH 95  395 63  HOH HOH AAA . 
D 4 HOH 96  396 62  HOH HOH AAA . 
D 4 HOH 97  397 41  HOH HOH AAA . 
D 4 HOH 98  398 212 HOH HOH AAA . 
D 4 HOH 99  399 75  HOH HOH AAA . 
D 4 HOH 100 400 81  HOH HOH AAA . 
D 4 HOH 101 401 66  HOH HOH AAA . 
D 4 HOH 102 402 90  HOH HOH AAA . 
D 4 HOH 103 403 18  HOH HOH AAA . 
D 4 HOH 104 404 26  HOH HOH AAA . 
D 4 HOH 105 405 50  HOH HOH AAA . 
D 4 HOH 106 406 103 HOH HOH AAA . 
D 4 HOH 107 407 44  HOH HOH AAA . 
D 4 HOH 108 408 64  HOH HOH AAA . 
D 4 HOH 109 409 32  HOH HOH AAA . 
D 4 HOH 110 410 48  HOH HOH AAA . 
D 4 HOH 111 411 91  HOH HOH AAA . 
D 4 HOH 112 412 59  HOH HOH AAA . 
D 4 HOH 113 413 25  HOH HOH AAA . 
D 4 HOH 114 414 29  HOH HOH AAA . 
D 4 HOH 115 415 71  HOH HOH AAA . 
D 4 HOH 116 416 136 HOH HOH AAA . 
D 4 HOH 117 417 225 HOH HOH AAA . 
D 4 HOH 118 418 30  HOH HOH AAA . 
D 4 HOH 119 419 5   HOH HOH AAA . 
D 4 HOH 120 420 27  HOH HOH AAA . 
D 4 HOH 121 421 106 HOH HOH AAA . 
D 4 HOH 122 422 223 HOH HOH AAA . 
D 4 HOH 123 423 4   HOH HOH AAA . 
D 4 HOH 124 424 89  HOH HOH AAA . 
D 4 HOH 125 425 76  HOH HOH AAA . 
D 4 HOH 126 426 60  HOH HOH AAA . 
D 4 HOH 127 427 6   HOH HOH AAA . 
D 4 HOH 128 428 65  HOH HOH AAA . 
D 4 HOH 129 429 117 HOH HOH AAA . 
D 4 HOH 130 430 158 HOH HOH AAA . 
D 4 HOH 131 431 165 HOH HOH AAA . 
D 4 HOH 132 432 80  HOH HOH AAA . 
D 4 HOH 133 433 226 HOH HOH AAA . 
D 4 HOH 134 434 173 HOH HOH AAA . 
D 4 HOH 135 435 4   HOH HOH AAA . 
D 4 HOH 136 436 49  HOH HOH AAA . 
D 4 HOH 137 437 110 HOH HOH AAA . 
D 4 HOH 138 438 174 HOH HOH AAA . 
D 4 HOH 139 439 73  HOH HOH AAA . 
D 4 HOH 140 440 48  HOH HOH AAA . 
D 4 HOH 141 441 61  HOH HOH AAA . 
D 4 HOH 142 442 6   HOH HOH AAA . 
D 4 HOH 143 443 211 HOH HOH AAA . 
D 4 HOH 144 444 31  HOH HOH AAA . 
D 4 HOH 145 445 227 HOH HOH AAA . 
D 4 HOH 146 446 14  HOH HOH AAA . 
D 4 HOH 147 447 55  HOH HOH AAA . 
D 4 HOH 148 448 210 HOH HOH AAA . 
D 4 HOH 149 449 77  HOH HOH AAA . 
D 4 HOH 150 450 53  HOH HOH AAA . 
D 4 HOH 151 451 214 HOH HOH AAA . 
D 4 HOH 152 452 29  HOH HOH AAA . 
D 4 HOH 153 453 209 HOH HOH AAA . 
D 4 HOH 154 454 24  HOH HOH AAA . 
D 4 HOH 155 455 171 HOH HOH AAA . 
D 4 HOH 156 456 95  HOH HOH AAA . 
D 4 HOH 157 457 25  HOH HOH AAA . 
D 4 HOH 158 458 154 HOH HOH AAA . 
D 4 HOH 159 459 184 HOH HOH AAA . 
D 4 HOH 160 460 220 HOH HOH AAA . 
D 4 HOH 161 461 130 HOH HOH AAA . 
D 4 HOH 162 462 189 HOH HOH AAA . 
D 4 HOH 163 463 157 HOH HOH AAA . 
D 4 HOH 164 464 14  HOH HOH AAA . 
D 4 HOH 165 465 179 HOH HOH AAA . 
D 4 HOH 166 466 8   HOH HOH AAA . 
D 4 HOH 167 467 109 HOH HOH AAA . 
D 4 HOH 168 468 62  HOH HOH AAA . 
D 4 HOH 169 469 26  HOH HOH AAA . 
D 4 HOH 170 470 142 HOH HOH AAA . 
D 4 HOH 171 471 27  HOH HOH AAA . 
D 4 HOH 172 472 83  HOH HOH AAA . 
D 4 HOH 173 473 104 HOH HOH AAA . 
D 4 HOH 174 474 128 HOH HOH AAA . 
D 4 HOH 175 475 32  HOH HOH AAA . 
D 4 HOH 176 476 205 HOH HOH AAA . 
D 4 HOH 177 477 137 HOH HOH AAA . 
D 4 HOH 178 478 28  HOH HOH AAA . 
D 4 HOH 179 479 126 HOH HOH AAA . 
D 4 HOH 180 480 219 HOH HOH AAA . 
D 4 HOH 181 481 203 HOH HOH AAA . 
D 4 HOH 182 482 196 HOH HOH AAA . 
D 4 HOH 183 483 217 HOH HOH AAA . 
D 4 HOH 184 484 155 HOH HOH AAA . 
D 4 HOH 185 485 61  HOH HOH AAA . 
D 4 HOH 186 486 218 HOH HOH AAA . 
D 4 HOH 187 487 139 HOH HOH AAA . 
D 4 HOH 188 488 222 HOH HOH AAA . 
D 4 HOH 189 489 172 HOH HOH AAA . 
D 4 HOH 190 490 28  HOH HOH AAA . 
D 4 HOH 191 491 207 HOH HOH AAA . 
D 4 HOH 192 492 149 HOH HOH AAA . 
D 4 HOH 193 493 216 HOH HOH AAA . 
D 4 HOH 194 494 224 HOH HOH AAA . 
D 4 HOH 195 495 112 HOH HOH AAA . 
D 4 HOH 196 496 8   HOH HOH AAA . 
D 4 HOH 197 497 183 HOH HOH AAA . 
D 4 HOH 198 498 221 HOH HOH AAA . 
D 4 HOH 199 499 204 HOH HOH AAA . 
D 4 HOH 200 500 134 HOH HOH AAA . 
D 4 HOH 201 501 113 HOH HOH AAA . 
D 4 HOH 202 502 202 HOH HOH AAA . 
D 4 HOH 203 503 215 HOH HOH AAA . 
# 
loop_
_software.citation_id 
_software.classification 
_software.compiler_name 
_software.compiler_version 
_software.contact_author 
_software.contact_author_email 
_software.date 
_software.description 
_software.dependencies 
_software.hardware 
_software.language 
_software.location 
_software.mods 
_software.name 
_software.os 
_software.os_version 
_software.type 
_software.version 
_software.pdbx_ordinal 
? refinement       ? ? ? ? ? ? ? ? ? ? ? REFMAC  ? ? ? 5.8.0258 1 
? 'data reduction' ? ? ? ? ? ? ? ? ? ? ? XDS     ? ? ? .        2 
? 'data scaling'   ? ? ? ? ? ? ? ? ? ? ? Aimless ? ? ? .        3 
? phasing          ? ? ? ? ? ? ? ? ? ? ? PHASER  ? ? ? .        4 
# 
_cell.angle_alpha                  90.000 
_cell.angle_alpha_esd              ? 
_cell.angle_beta                   90.000 
_cell.angle_beta_esd               ? 
_cell.angle_gamma                  120.000 
_cell.angle_gamma_esd              ? 
_cell.entry_id                     7AVC 
_cell.details                      ? 
_cell.formula_units_Z              ? 
_cell.length_a                     72.723 
_cell.length_a_esd                 ? 
_cell.length_b                     72.723 
_cell.length_b_esd                 ? 
_cell.length_c                     192.775 
_cell.length_c_esd                 ? 
_cell.volume                       ? 
_cell.volume_esd                   ? 
_cell.Z_PDB                        18 
_cell.reciprocal_angle_alpha       ? 
_cell.reciprocal_angle_beta        ? 
_cell.reciprocal_angle_gamma       ? 
_cell.reciprocal_angle_alpha_esd   ? 
_cell.reciprocal_angle_beta_esd    ? 
_cell.reciprocal_angle_gamma_esd   ? 
_cell.reciprocal_length_a          ? 
_cell.reciprocal_length_b          ? 
_cell.reciprocal_length_c          ? 
_cell.reciprocal_length_a_esd      ? 
_cell.reciprocal_length_b_esd      ? 
_cell.reciprocal_length_c_esd      ? 
_cell.pdbx_unique_axis             ? 
# 
_symmetry.entry_id                         7AVC 
_symmetry.cell_setting                     ? 
_symmetry.Int_Tables_number                155 
_symmetry.space_group_name_Hall            ? 
_symmetry.space_group_name_H-M             'H 3 2' 
_symmetry.pdbx_full_space_group_name_H-M   ? 
# 
_exptl.absorpt_coefficient_mu     ? 
_exptl.absorpt_correction_T_max   ? 
_exptl.absorpt_correction_T_min   ? 
_exptl.absorpt_correction_type    ? 
_exptl.absorpt_process_details    ? 
_exptl.entry_id                   7AVC 
_exptl.crystals_number            1 
_exptl.details                    ? 
_exptl.method                     'X-RAY DIFFRACTION' 
_exptl.method_details             ? 
# 
_exptl_crystal.colour                      ? 
_exptl_crystal.density_diffrn              ? 
_exptl_crystal.density_Matthews            2.88 
_exptl_crystal.density_method              ? 
_exptl_crystal.density_percent_sol         57.35 
_exptl_crystal.description                 ? 
_exptl_crystal.F_000                       ? 
_exptl_crystal.id                          1 
_exptl_crystal.preparation                 ? 
_exptl_crystal.size_max                    ? 
_exptl_crystal.size_mid                    ? 
_exptl_crystal.size_min                    ? 
_exptl_crystal.size_rad                    ? 
_exptl_crystal.colour_lustre               ? 
_exptl_crystal.colour_modifier             ? 
_exptl_crystal.colour_primary              ? 
_exptl_crystal.density_meas                ? 
_exptl_crystal.density_meas_esd            ? 
_exptl_crystal.density_meas_gt             ? 
_exptl_crystal.density_meas_lt             ? 
_exptl_crystal.density_meas_temp           ? 
_exptl_crystal.density_meas_temp_esd       ? 
_exptl_crystal.density_meas_temp_gt        ? 
_exptl_crystal.density_meas_temp_lt        ? 
_exptl_crystal.pdbx_crystal_image_url      ? 
_exptl_crystal.pdbx_crystal_image_format   ? 
_exptl_crystal.pdbx_mosaicity              ? 
_exptl_crystal.pdbx_mosaicity_esd          ? 
# 
_exptl_crystal_grow.apparatus       ? 
_exptl_crystal_grow.atmosphere      ? 
_exptl_crystal_grow.crystal_id      1 
_exptl_crystal_grow.details         ? 
_exptl_crystal_grow.method          'VAPOR DIFFUSION, HANGING DROP' 
_exptl_crystal_grow.method_ref      ? 
_exptl_crystal_grow.pH              ? 
_exptl_crystal_grow.pressure        ? 
_exptl_crystal_grow.pressure_esd    ? 
_exptl_crystal_grow.seeding         ? 
_exptl_crystal_grow.seeding_ref     ? 
_exptl_crystal_grow.temp            293 
_exptl_crystal_grow.temp_details    ? 
_exptl_crystal_grow.temp_esd        ? 
_exptl_crystal_grow.time            ? 
_exptl_crystal_grow.pdbx_details    '10% glycerol, 4M sodium formate' 
_exptl_crystal_grow.pdbx_pH_range   ? 
# 
_diffrn.ambient_environment              ? 
_diffrn.ambient_temp                     100 
_diffrn.ambient_temp_details             ? 
_diffrn.ambient_temp_esd                 ? 
_diffrn.crystal_id                       1 
_diffrn.crystal_support                  ? 
_diffrn.crystal_treatment                ? 
_diffrn.details                          ? 
_diffrn.id                               1 
_diffrn.ambient_pressure                 ? 
_diffrn.ambient_pressure_esd             ? 
_diffrn.ambient_pressure_gt              ? 
_diffrn.ambient_pressure_lt              ? 
_diffrn.ambient_temp_gt                  ? 
_diffrn.ambient_temp_lt                  ? 
_diffrn.pdbx_serial_crystal_experiment   N 
# 
_diffrn_detector.details                      ? 
_diffrn_detector.detector                     PIXEL 
_diffrn_detector.diffrn_id                    1 
_diffrn_detector.type                         'DECTRIS PILATUS 6M' 
_diffrn_detector.area_resol_mean              ? 
_diffrn_detector.dtime                        ? 
_diffrn_detector.pdbx_frames_total            ? 
_diffrn_detector.pdbx_collection_time_total   ? 
_diffrn_detector.pdbx_collection_date         2016-05-18 
_diffrn_detector.pdbx_frequency               ? 
# 
_diffrn_radiation.collimation                      ? 
_diffrn_radiation.diffrn_id                        1 
_diffrn_radiation.filter_edge                      ? 
_diffrn_radiation.inhomogeneity                    ? 
_diffrn_radiation.monochromator                    Si111 
_diffrn_radiation.polarisn_norm                    ? 
_diffrn_radiation.polarisn_ratio                   ? 
_diffrn_radiation.probe                            ? 
_diffrn_radiation.type                             ? 
_diffrn_radiation.xray_symbol                      ? 
_diffrn_radiation.wavelength_id                    1 
_diffrn_radiation.pdbx_monochromatic_or_laue_m_l   M 
_diffrn_radiation.pdbx_wavelength_list             ? 
_diffrn_radiation.pdbx_wavelength                  ? 
_diffrn_radiation.pdbx_diffrn_protocol             'SINGLE WAVELENGTH' 
_diffrn_radiation.pdbx_analyzer                    ? 
_diffrn_radiation.pdbx_scattering_type             x-ray 
# 
_diffrn_radiation_wavelength.id           1 
_diffrn_radiation_wavelength.wavelength   0.91841 
_diffrn_radiation_wavelength.wt           1.0 
# 
_diffrn_source.current                     ? 
_diffrn_source.details                     ? 
_diffrn_source.diffrn_id                   1 
_diffrn_source.power                       ? 
_diffrn_source.size                        ? 
_diffrn_source.source                      SYNCHROTRON 
_diffrn_source.target                      ? 
_diffrn_source.type                        'BESSY BEAMLINE 14.1' 
_diffrn_source.voltage                     ? 
_diffrn_source.take-off_angle              ? 
_diffrn_source.pdbx_wavelength_list        0.91841 
_diffrn_source.pdbx_wavelength             ? 
_diffrn_source.pdbx_synchrotron_beamline   14.1 
_diffrn_source.pdbx_synchrotron_site       BESSY 
# 
_reflns.B_iso_Wilson_estimate            11.7 
_reflns.entry_id                         7AVC 
_reflns.data_reduction_details           ? 
_reflns.data_reduction_method            ? 
_reflns.d_resolution_high                1.20 
_reflns.d_resolution_low                 38.27 
_reflns.details                          ? 
_reflns.limit_h_max                      ? 
_reflns.limit_h_min                      ? 
_reflns.limit_k_max                      ? 
_reflns.limit_k_min                      ? 
_reflns.limit_l_max                      ? 
_reflns.limit_l_min                      ? 
_reflns.number_all                       ? 
_reflns.number_obs                       59704 
_reflns.observed_criterion               ? 
_reflns.observed_criterion_F_max         ? 
_reflns.observed_criterion_F_min         ? 
_reflns.observed_criterion_I_max         ? 
_reflns.observed_criterion_I_min         ? 
_reflns.observed_criterion_sigma_F       ? 
_reflns.observed_criterion_sigma_I       ? 
_reflns.percent_possible_obs             97.1 
_reflns.R_free_details                   ? 
_reflns.Rmerge_F_all                     ? 
_reflns.Rmerge_F_obs                     ? 
_reflns.Friedel_coverage                 ? 
_reflns.number_gt                        ? 
_reflns.threshold_expression             ? 
_reflns.pdbx_redundancy                  9.6 
_reflns.pdbx_Rmerge_I_obs                0.247 
_reflns.pdbx_Rmerge_I_all                ? 
_reflns.pdbx_Rsym_value                  ? 
_reflns.pdbx_netI_over_av_sigmaI         ? 
_reflns.pdbx_netI_over_sigmaI            5.4 
_reflns.pdbx_res_netI_over_av_sigmaI_2   ? 
_reflns.pdbx_res_netI_over_sigmaI_2      ? 
_reflns.pdbx_chi_squared                 ? 
_reflns.pdbx_scaling_rejects             ? 
_reflns.pdbx_d_res_high_opt              ? 
_reflns.pdbx_d_res_low_opt               ? 
_reflns.pdbx_d_res_opt_method            ? 
_reflns.phase_calculation_details        ? 
_reflns.pdbx_Rrim_I_all                  0.261 
_reflns.pdbx_Rpim_I_all                  0.083 
_reflns.pdbx_d_opt                       ? 
_reflns.pdbx_number_measured_all         ? 
_reflns.pdbx_diffrn_id                   1 
_reflns.pdbx_ordinal                     1 
_reflns.pdbx_CC_half                     0.978 
_reflns.pdbx_CC_star                     ? 
_reflns.pdbx_R_split                     ? 
# 
loop_
_reflns_shell.d_res_high 
_reflns_shell.d_res_low 
_reflns_shell.meanI_over_sigI_all 
_reflns_shell.meanI_over_sigI_obs 
_reflns_shell.number_measured_all 
_reflns_shell.number_measured_obs 
_reflns_shell.number_possible 
_reflns_shell.number_unique_all 
_reflns_shell.number_unique_obs 
_reflns_shell.percent_possible_all 
_reflns_shell.percent_possible_obs 
_reflns_shell.Rmerge_F_all 
_reflns_shell.Rmerge_F_obs 
_reflns_shell.Rmerge_I_all 
_reflns_shell.Rmerge_I_obs 
_reflns_shell.meanI_over_sigI_gt 
_reflns_shell.meanI_over_uI_all 
_reflns_shell.meanI_over_uI_gt 
_reflns_shell.number_measured_gt 
_reflns_shell.number_unique_gt 
_reflns_shell.percent_possible_gt 
_reflns_shell.Rmerge_F_gt 
_reflns_shell.Rmerge_I_gt 
_reflns_shell.pdbx_redundancy 
_reflns_shell.pdbx_Rsym_value 
_reflns_shell.pdbx_chi_squared 
_reflns_shell.pdbx_netI_over_sigmaI_all 
_reflns_shell.pdbx_netI_over_sigmaI_obs 
_reflns_shell.pdbx_Rrim_I_all 
_reflns_shell.pdbx_Rpim_I_all 
_reflns_shell.pdbx_rejects 
_reflns_shell.pdbx_ordinal 
_reflns_shell.pdbx_diffrn_id 
_reflns_shell.pdbx_CC_half 
_reflns_shell.pdbx_CC_star 
_reflns_shell.pdbx_R_split 
1.20 1.22 ? 1.3 ? ? ? ? 2225 74.4 ? ? ? ? 1.215 ? ? ? ? ? ? ? ? 6.4 ? ? ? ? 1.320 0.500 ? 1 1 0.498 ? ? 
6.58 38.3 ? 9.7 ? ? ? ? 438  99.5 ? ? ? ? 0.207 ? ? ? ? ? ? ? ? 9.6 ? ? ? ? 0.218 0.068 ? 2 1 0.976 ? ? 
# 
_refine.aniso_B[1][1]                            0.148 
_refine.aniso_B[1][2]                            0.074 
_refine.aniso_B[1][3]                            0.000 
_refine.aniso_B[2][2]                            0.148 
_refine.aniso_B[2][3]                            0.000 
_refine.aniso_B[3][3]                            -0.479 
_refine.B_iso_max                                ? 
_refine.B_iso_mean                               19.703 
_refine.B_iso_min                                ? 
_refine.correlation_coeff_Fo_to_Fc               0.973 
_refine.correlation_coeff_Fo_to_Fc_free          ? 
_refine.details                                  'Hydrogens have been added in their riding positions' 
_refine.diff_density_max                         ? 
_refine.diff_density_max_esd                     ? 
_refine.diff_density_min                         ? 
_refine.diff_density_min_esd                     ? 
_refine.diff_density_rms                         ? 
_refine.diff_density_rms_esd                     ? 
_refine.entry_id                                 7AVC 
_refine.pdbx_refine_id                           'X-RAY DIFFRACTION' 
_refine.ls_abs_structure_details                 ? 
_refine.ls_abs_structure_Flack                   ? 
_refine.ls_abs_structure_Flack_esd               ? 
_refine.ls_abs_structure_Rogers                  ? 
_refine.ls_abs_structure_Rogers_esd              ? 
_refine.ls_d_res_high                            1.200 
_refine.ls_d_res_low                             38.27 
_refine.ls_extinction_coef                       ? 
_refine.ls_extinction_coef_esd                   ? 
_refine.ls_extinction_expression                 ? 
_refine.ls_extinction_method                     ? 
_refine.ls_goodness_of_fit_all                   ? 
_refine.ls_goodness_of_fit_all_esd               ? 
_refine.ls_goodness_of_fit_obs                   ? 
_refine.ls_goodness_of_fit_obs_esd               ? 
_refine.ls_hydrogen_treatment                    ? 
_refine.ls_matrix_type                           ? 
_refine.ls_number_constraints                    ? 
_refine.ls_number_parameters                     ? 
_refine.ls_number_reflns_all                     ? 
_refine.ls_number_reflns_obs                     59703 
_refine.ls_number_reflns_R_free                  3028 
_refine.ls_number_reflns_R_work                  59703 
_refine.ls_number_restraints                     ? 
_refine.ls_percent_reflns_obs                    96.869 
_refine.ls_percent_reflns_R_free                 5.1 
_refine.ls_R_factor_all                          0.173 
_refine.ls_R_factor_obs                          0.13984 
_refine.ls_R_factor_R_free                       0.15419 
_refine.ls_R_factor_R_free_error                 ? 
_refine.ls_R_factor_R_free_error_details         ? 
_refine.ls_R_factor_R_work                       0.13611 
_refine.ls_R_Fsqd_factor_obs                     ? 
_refine.ls_R_I_factor_obs                        ? 
_refine.ls_redundancy_reflns_all                 ? 
_refine.ls_redundancy_reflns_obs                 ? 
_refine.ls_restrained_S_all                      ? 
_refine.ls_restrained_S_obs                      ? 
_refine.ls_shift_over_esd_max                    ? 
_refine.ls_shift_over_esd_mean                   ? 
_refine.ls_structure_factor_coef                 ? 
_refine.ls_weighting_details                     ? 
_refine.ls_weighting_scheme                      ? 
_refine.ls_wR_factor_all                         ? 
_refine.ls_wR_factor_obs                         ? 
_refine.ls_wR_factor_R_free                      ? 
_refine.ls_wR_factor_R_work                      ? 
_refine.occupancy_max                            ? 
_refine.occupancy_min                            ? 
_refine.solvent_model_details                    'MASK BULK SOLVENT' 
_refine.solvent_model_param_bsol                 ? 
_refine.solvent_model_param_ksol                 ? 
_refine.pdbx_R_complete                          ? 
_refine.ls_R_factor_gt                           ? 
_refine.ls_goodness_of_fit_gt                    ? 
_refine.ls_goodness_of_fit_ref                   ? 
_refine.ls_shift_over_su_max                     ? 
_refine.ls_shift_over_su_max_lt                  ? 
_refine.ls_shift_over_su_mean                    ? 
_refine.ls_shift_over_su_mean_lt                 ? 
_refine.pdbx_ls_sigma_I                          ? 
_refine.pdbx_ls_sigma_F                          ? 
_refine.pdbx_ls_sigma_Fsqd                       ? 
_refine.pdbx_data_cutoff_high_absF               ? 
_refine.pdbx_data_cutoff_high_rms_absF           ? 
_refine.pdbx_data_cutoff_low_absF                ? 
_refine.pdbx_isotropic_thermal_model             ? 
_refine.pdbx_ls_cross_valid_method               THROUGHOUT 
_refine.pdbx_method_to_determine_struct          'MOLECULAR REPLACEMENT' 
_refine.pdbx_starting_model                      4PSF 
_refine.pdbx_stereochemistry_target_values       ? 
_refine.pdbx_R_Free_selection_details            ? 
_refine.pdbx_stereochem_target_val_spec_case     ? 
_refine.pdbx_overall_ESU_R                       0.034 
_refine.pdbx_overall_ESU_R_Free                  ? 
_refine.pdbx_solvent_vdw_probe_radii             1.200 
_refine.pdbx_solvent_ion_probe_radii             0.800 
_refine.pdbx_solvent_shrinkage_radii             0.800 
_refine.pdbx_real_space_R                        ? 
_refine.pdbx_density_correlation                 ? 
_refine.pdbx_pd_number_of_powder_patterns        ? 
_refine.pdbx_pd_number_of_points                 ? 
_refine.pdbx_pd_meas_number_of_points            ? 
_refine.pdbx_pd_proc_ls_prof_R_factor            ? 
_refine.pdbx_pd_proc_ls_prof_wR_factor           ? 
_refine.pdbx_pd_Marquardt_correlation_coeff      ? 
_refine.pdbx_pd_Fsqrd_R_factor                   ? 
_refine.pdbx_pd_ls_matrix_band_width             ? 
_refine.pdbx_overall_phase_error                 ? 
_refine.pdbx_overall_SU_R_free_Cruickshank_DPI   ? 
_refine.pdbx_overall_SU_R_free_Blow_DPI          ? 
_refine.pdbx_overall_SU_R_Blow_DPI               ? 
_refine.pdbx_TLS_residual_ADP_flag               ? 
_refine.pdbx_diffrn_id                           1 
_refine.overall_SU_B                             ? 
_refine.overall_SU_ML                            ? 
_refine.overall_SU_R_Cruickshank_DPI             ? 
_refine.overall_SU_R_free                        ? 
_refine.overall_FOM_free_R_set                   ? 
_refine.overall_FOM_work_R_set                   ? 
_refine.pdbx_average_fsc_overall                 ? 
_refine.pdbx_average_fsc_work                    ? 
_refine.pdbx_average_fsc_free                    ? 
# 
_refine_hist.pdbx_refine_id                   'X-RAY DIFFRACTION' 
_refine_hist.cycle_id                         LAST 
_refine_hist.pdbx_number_atoms_protein        1132 
_refine_hist.pdbx_number_atoms_nucleic_acid   0 
_refine_hist.pdbx_number_atoms_ligand         7 
_refine_hist.number_atoms_solvent             203 
_refine_hist.number_atoms_total               1342 
_refine_hist.d_res_high                       1.200 
_refine_hist.d_res_low                        38.27 
# 
loop_
_refine_ls_restr.pdbx_refine_id 
_refine_ls_restr.criterion 
_refine_ls_restr.dev_ideal 
_refine_ls_restr.dev_ideal_target 
_refine_ls_restr.number 
_refine_ls_restr.rejects 
_refine_ls_restr.type 
_refine_ls_restr.weight 
_refine_ls_restr.pdbx_restraint_function 
'X-RAY DIFFRACTION' ? 0.017  0.013  1238 ? r_bond_refined_d               ? ? 
'X-RAY DIFFRACTION' ? 0.034  0.017  1140 ? r_bond_other_d                 ? ? 
'X-RAY DIFFRACTION' ? 1.921  1.642  1684 ? r_angle_refined_deg            ? ? 
'X-RAY DIFFRACTION' ? 2.335  1.570  2666 ? r_angle_other_deg              ? ? 
'X-RAY DIFFRACTION' ? 6.092  5.000  161  ? r_dihedral_angle_1_deg         ? ? 
'X-RAY DIFFRACTION' ? 33.651 21.429 70   ? r_dihedral_angle_2_deg         ? ? 
'X-RAY DIFFRACTION' ? 13.320 15.000 216  ? r_dihedral_angle_3_deg         ? ? 
'X-RAY DIFFRACTION' ? 25.033 15.000 10   ? r_dihedral_angle_4_deg         ? ? 
'X-RAY DIFFRACTION' ? 0.113  0.200  154  ? r_chiral_restr                 ? ? 
'X-RAY DIFFRACTION' ? 0.015  0.020  1401 ? r_gen_planes_refined           ? ? 
'X-RAY DIFFRACTION' ? 0.031  0.020  265  ? r_gen_planes_other             ? ? 
'X-RAY DIFFRACTION' ? 0.231  0.200  225  ? r_nbd_refined                  ? ? 
'X-RAY DIFFRACTION' ? 0.210  0.200  987  ? r_symmetry_nbd_other           ? ? 
'X-RAY DIFFRACTION' ? 0.182  0.200  567  ? r_nbtor_refined                ? ? 
'X-RAY DIFFRACTION' ? 0.083  0.200  564  ? r_symmetry_nbtor_other         ? ? 
'X-RAY DIFFRACTION' ? 0.209  0.200  117  ? r_xyhbond_nbd_refined          ? ? 
'X-RAY DIFFRACTION' ? 0.080  0.200  3    ? r_metal_ion_refined            ? ? 
'X-RAY DIFFRACTION' ? 0.249  0.200  17   ? r_symmetry_nbd_refined         ? ? 
'X-RAY DIFFRACTION' ? 0.243  0.200  55   ? r_nbd_other                    ? ? 
'X-RAY DIFFRACTION' ? 0.217  0.200  29   ? r_symmetry_xyhbond_nbd_refined ? ? 
'X-RAY DIFFRACTION' ? 0.146  0.200  2    ? r_symmetry_metal_ion_refined   ? ? 
'X-RAY DIFFRACTION' ? 2.352  1.675  594  ? r_mcbond_it                    ? ? 
'X-RAY DIFFRACTION' ? 2.339  1.664  593  ? r_mcbond_other                 ? ? 
'X-RAY DIFFRACTION' ? 3.514  2.511  747  ? r_mcangle_it                   ? ? 
'X-RAY DIFFRACTION' ? 3.512  2.523  748  ? r_mcangle_other                ? ? 
'X-RAY DIFFRACTION' ? 3.915  2.075  643  ? r_scbond_it                    ? ? 
'X-RAY DIFFRACTION' ? 3.912  2.076  644  ? r_scbond_other                 ? ? 
'X-RAY DIFFRACTION' ? 5.400  2.971  928  ? r_scangle_it                   ? ? 
'X-RAY DIFFRACTION' ? 5.397  2.972  929  ? r_scangle_other                ? ? 
'X-RAY DIFFRACTION' ? 6.827  22.026 1389 ? r_lrange_it                    ? ? 
'X-RAY DIFFRACTION' ? 6.500  20.513 1326 ? r_lrange_other                 ? ? 
# 
_refine_ls_shell.pdbx_refine_id                   'X-RAY DIFFRACTION' 
_refine_ls_shell.d_res_high                       1.200 
_refine_ls_shell.d_res_low                        1.232 
_refine_ls_shell.number_reflns_all                ? 
_refine_ls_shell.number_reflns_obs                ? 
_refine_ls_shell.number_reflns_R_free             166 
_refine_ls_shell.number_reflns_R_work             3249 
_refine_ls_shell.percent_reflns_obs               75.7038 
_refine_ls_shell.percent_reflns_R_free            5 
_refine_ls_shell.R_factor_all                     ? 
_refine_ls_shell.R_factor_obs                     ? 
_refine_ls_shell.R_factor_R_free                  0.283 
_refine_ls_shell.R_factor_R_free_error            ? 
_refine_ls_shell.R_factor_R_work                  0.259 
_refine_ls_shell.redundancy_reflns_all            ? 
_refine_ls_shell.redundancy_reflns_obs            ? 
_refine_ls_shell.wR_factor_all                    ? 
_refine_ls_shell.wR_factor_obs                    ? 
_refine_ls_shell.wR_factor_R_free                 ? 
_refine_ls_shell.wR_factor_R_work                 ? 
_refine_ls_shell.pdbx_R_complete                  ? 
_refine_ls_shell.pdbx_total_number_of_bins_used   ? 
_refine_ls_shell.pdbx_phase_error                 ? 
_refine_ls_shell.pdbx_fsc_work                    ? 
_refine_ls_shell.pdbx_fsc_free                    ? 
# 
_struct.entry_id                     7AVC 
_struct.title                        'DoBi scaffold based on PIH1D1 N-terminal domain' 
_struct.pdbx_model_details           ? 
_struct.pdbx_formula_weight          ? 
_struct.pdbx_formula_weight_method   ? 
_struct.pdbx_model_type_details      ? 
_struct.pdbx_CASP_flag               N 
# 
_struct_keywords.entry_id        7AVC 
_struct_keywords.text            'Protein scaffold, cytokine binding, PROTEIN BINDING' 
_struct_keywords.pdbx_keywords   'PROTEIN BINDING' 
# 
loop_
_struct_asym.id 
_struct_asym.pdbx_blank_PDB_chainid_flag 
_struct_asym.pdbx_modified 
_struct_asym.entity_id 
_struct_asym.details 
A N N 1 ? 
B N N 2 ? 
C N N 3 ? 
D N N 4 ? 
# 
_struct_ref.id                         1 
_struct_ref.db_name                    UNP 
_struct_ref.db_code                    PIHD1_HUMAN 
_struct_ref.pdbx_db_accession          Q9NWS0 
_struct_ref.pdbx_db_isoform            ? 
_struct_ref.entity_id                  1 
_struct_ref.pdbx_seq_one_letter_code   
;QPGFCIKTNSSEGKVFINICHSPSIPPPADVTEEELLQMLEEDQAGFRIPMSLGEPHAELDAKGQGCTAYDVAVNSDFYR
RMQNSDFLRELVITIAREGLEDKYNLQLNPEWRMMKNRPFMGSISQQNIR
;
_struct_ref.pdbx_align_begin           51 
# 
_struct_ref_seq.align_id                      1 
_struct_ref_seq.ref_id                        1 
_struct_ref_seq.pdbx_PDB_id_code              7AVC 
_struct_ref_seq.pdbx_strand_id                AAA 
_struct_ref_seq.seq_align_beg                 21 
_struct_ref_seq.pdbx_seq_align_beg_ins_code   ? 
_struct_ref_seq.seq_align_end                 150 
_struct_ref_seq.pdbx_seq_align_end_ins_code   ? 
_struct_ref_seq.pdbx_db_accession             Q9NWS0 
_struct_ref_seq.db_align_beg                  51 
_struct_ref_seq.pdbx_db_align_beg_ins_code    ? 
_struct_ref_seq.db_align_end                  180 
_struct_ref_seq.pdbx_db_align_end_ins_code    ? 
_struct_ref_seq.pdbx_auth_seq_align_beg       21 
_struct_ref_seq.pdbx_auth_seq_align_end       150 
# 
loop_
_struct_ref_seq_dif.align_id 
_struct_ref_seq_dif.pdbx_pdb_id_code 
_struct_ref_seq_dif.mon_id 
_struct_ref_seq_dif.pdbx_pdb_strand_id 
_struct_ref_seq_dif.seq_num 
_struct_ref_seq_dif.pdbx_pdb_ins_code 
_struct_ref_seq_dif.pdbx_seq_db_name 
_struct_ref_seq_dif.pdbx_seq_db_accession_code 
_struct_ref_seq_dif.db_mon_id 
_struct_ref_seq_dif.pdbx_seq_db_seq_num 
_struct_ref_seq_dif.details 
_struct_ref_seq_dif.pdbx_auth_seq_num 
_struct_ref_seq_dif.pdbx_ordinal 
1 7AVC MET AAA 1   ? UNP Q9NWS0 ?   ?   'initiating methionine' 1   1  
1 7AVC ALA AAA 2   ? UNP Q9NWS0 ?   ?   'expression tag'        2   2  
1 7AVC HIS AAA 3   ? UNP Q9NWS0 ?   ?   'expression tag'        3   3  
1 7AVC HIS AAA 4   ? UNP Q9NWS0 ?   ?   'expression tag'        4   4  
1 7AVC HIS AAA 5   ? UNP Q9NWS0 ?   ?   'expression tag'        5   5  
1 7AVC HIS AAA 6   ? UNP Q9NWS0 ?   ?   'expression tag'        6   6  
1 7AVC HIS AAA 7   ? UNP Q9NWS0 ?   ?   'expression tag'        7   7  
1 7AVC HIS AAA 8   ? UNP Q9NWS0 ?   ?   'expression tag'        8   8  
1 7AVC SER AAA 9   ? UNP Q9NWS0 ?   ?   'expression tag'        9   9  
1 7AVC ALA AAA 10  ? UNP Q9NWS0 ?   ?   'expression tag'        10  10 
1 7AVC ALA AAA 11  ? UNP Q9NWS0 ?   ?   'expression tag'        11  11 
1 7AVC LEU AAA 12  ? UNP Q9NWS0 ?   ?   'expression tag'        12  12 
1 7AVC GLU AAA 13  ? UNP Q9NWS0 ?   ?   'expression tag'        13  13 
1 7AVC VAL AAA 14  ? UNP Q9NWS0 ?   ?   'expression tag'        14  14 
1 7AVC LEU AAA 15  ? UNP Q9NWS0 ?   ?   'expression tag'        15  15 
1 7AVC PHE AAA 16  ? UNP Q9NWS0 ?   ?   'expression tag'        16  16 
1 7AVC GLN AAA 17  ? UNP Q9NWS0 ?   ?   'expression tag'        17  17 
1 7AVC GLY AAA 18  ? UNP Q9NWS0 ?   ?   'expression tag'        18  18 
1 7AVC PRO AAA 19  ? UNP Q9NWS0 ?   ?   'expression tag'        19  19 
1 7AVC GLY AAA 20  ? UNP Q9NWS0 ?   ?   'expression tag'        20  20 
1 7AVC LEU AAA 110 ? UNP Q9NWS0 GLU 140 conflict                110 21 
1 7AVC ARG AAA 114 ? UNP Q9NWS0 THR 144 conflict                114 22 
1 7AVC GLN AAA 118 ? UNP Q9NWS0 GLU 148 conflict                118 23 
1 7AVC TYR AAA 122 ? UNP Q9NWS0 ASP 152 conflict                122 24 
1 7AVC ASP AAA 125 ? UNP Q9NWS0 ASN 155 conflict                125 25 
1 7AVC ARG AAA 127 ? UNP Q9NWS0 GLN 157 conflict                127 26 
1 7AVC ALA AAA 129 ? UNP Q9NWS0 ASN 159 conflict                129 27 
1 7AVC PRO AAA 131 ? UNP Q9NWS0 GLU 161 conflict                131 28 
1 7AVC ASP AAA 133 ? UNP Q9NWS0 ARG 163 conflict                133 29 
# 
_pdbx_struct_assembly.id                   1 
_pdbx_struct_assembly.details              author_and_software_defined_assembly 
_pdbx_struct_assembly.method_details       PISA 
_pdbx_struct_assembly.oligomeric_details   monomeric 
_pdbx_struct_assembly.oligomeric_count     1 
# 
loop_
_pdbx_struct_assembly_prop.biol_id 
_pdbx_struct_assembly_prop.type 
_pdbx_struct_assembly_prop.value 
_pdbx_struct_assembly_prop.details 
1 'ABSA (A^2)' 200  ? 
1 MORE         -8   ? 
1 'SSA (A^2)'  8620 ? 
# 
_pdbx_struct_assembly_gen.assembly_id       1 
_pdbx_struct_assembly_gen.oper_expression   1 
_pdbx_struct_assembly_gen.asym_id_list      A,B,C,D 
# 
_pdbx_struct_assembly_auth_evidence.id                     1 
_pdbx_struct_assembly_auth_evidence.assembly_id            1 
_pdbx_struct_assembly_auth_evidence.experimental_support   'gel filtration' 
_pdbx_struct_assembly_auth_evidence.details                ? 
# 
_pdbx_struct_oper_list.id                   1 
_pdbx_struct_oper_list.type                 'identity operation' 
_pdbx_struct_oper_list.name                 1_555 
_pdbx_struct_oper_list.symmetry_operation   x,y,z 
_pdbx_struct_oper_list.matrix[1][1]         1.0000000000 
_pdbx_struct_oper_list.matrix[1][2]         0.0000000000 
_pdbx_struct_oper_list.matrix[1][3]         0.0000000000 
_pdbx_struct_oper_list.vector[1]            0.0000000000 
_pdbx_struct_oper_list.matrix[2][1]         0.0000000000 
_pdbx_struct_oper_list.matrix[2][2]         1.0000000000 
_pdbx_struct_oper_list.matrix[2][3]         0.0000000000 
_pdbx_struct_oper_list.vector[2]            0.0000000000 
_pdbx_struct_oper_list.matrix[3][1]         0.0000000000 
_pdbx_struct_oper_list.matrix[3][2]         0.0000000000 
_pdbx_struct_oper_list.matrix[3][3]         1.0000000000 
_pdbx_struct_oper_list.vector[3]            0.0000000000 
# 
loop_
_struct_conf.conf_type_id 
_struct_conf.id 
_struct_conf.pdbx_PDB_helix_id 
_struct_conf.beg_label_comp_id 
_struct_conf.beg_label_asym_id 
_struct_conf.beg_label_seq_id 
_struct_conf.pdbx_beg_PDB_ins_code 
_struct_conf.end_label_comp_id 
_struct_conf.end_label_asym_id 
_struct_conf.end_label_seq_id 
_struct_conf.pdbx_end_PDB_ins_code 
_struct_conf.beg_auth_comp_id 
_struct_conf.beg_auth_asym_id 
_struct_conf.beg_auth_seq_id 
_struct_conf.end_auth_comp_id 
_struct_conf.end_auth_asym_id 
_struct_conf.end_auth_seq_id 
_struct_conf.pdbx_PDB_helix_class 
_struct_conf.details 
_struct_conf.pdbx_PDB_helix_length 
HELX_P HELX_P1 AA1 THR A 52  ? GLU A 62  ? THR AAA 52  GLU AAA 62  1 ? 11 
HELX_P HELX_P2 AA2 SER A 96  ? GLN A 103 ? SER AAA 96  GLN AAA 103 1 ? 8  
HELX_P HELX_P3 AA3 SER A 105 ? ASP A 125 ? SER AAA 105 ASP AAA 125 1 ? 21 
# 
_struct_conf_type.id          HELX_P 
_struct_conf_type.criteria    ? 
_struct_conf_type.reference   ? 
# 
loop_
_struct_conn.id 
_struct_conn.conn_type_id 
_struct_conn.pdbx_leaving_atom_flag 
_struct_conn.pdbx_PDB_id 
_struct_conn.ptnr1_label_asym_id 
_struct_conn.ptnr1_label_comp_id 
_struct_conn.ptnr1_label_seq_id 
_struct_conn.ptnr1_label_atom_id 
_struct_conn.pdbx_ptnr1_label_alt_id 
_struct_conn.pdbx_ptnr1_PDB_ins_code 
_struct_conn.pdbx_ptnr1_standard_comp_id 
_struct_conn.ptnr1_symmetry 
_struct_conn.ptnr2_label_asym_id 
_struct_conn.ptnr2_label_comp_id 
_struct_conn.ptnr2_label_seq_id 
_struct_conn.ptnr2_label_atom_id 
_struct_conn.pdbx_ptnr2_label_alt_id 
_struct_conn.pdbx_ptnr2_PDB_ins_code 
_struct_conn.ptnr1_auth_asym_id 
_struct_conn.ptnr1_auth_comp_id 
_struct_conn.ptnr1_auth_seq_id 
_struct_conn.ptnr2_auth_asym_id 
_struct_conn.ptnr2_auth_comp_id 
_struct_conn.ptnr2_auth_seq_id 
_struct_conn.ptnr2_symmetry 
_struct_conn.pdbx_ptnr3_label_atom_id 
_struct_conn.pdbx_ptnr3_label_seq_id 
_struct_conn.pdbx_ptnr3_label_comp_id 
_struct_conn.pdbx_ptnr3_label_asym_id 
_struct_conn.pdbx_ptnr3_label_alt_id 
_struct_conn.pdbx_ptnr3_PDB_ins_code 
_struct_conn.details 
_struct_conn.pdbx_dist_value 
_struct_conn.pdbx_value_order 
_struct_conn.pdbx_role 
metalc1 metalc ? ? A HIS 7  O   ? ? ? 1_555 B NA  . NA ? ? AAA HIS 7   AAA NA  201 1_555  ? ? ? ? ? ? ? 2.281 ? ? 
metalc2 metalc ? ? A GLU 61 O   ? ? ? 1_555 B NA  . NA ? ? AAA GLU 61  AAA NA  201 11_445 ? ? ? ? ? ? ? 2.328 ? ? 
metalc3 metalc ? ? A ASP 63 OD1 ? ? ? 1_555 B NA  . NA ? ? AAA ASP 63  AAA NA  201 1_555  ? ? ? ? ? ? ? 2.366 ? ? 
metalc4 metalc ? ? B NA  .  NA  ? ? ? 1_555 D HOH . O  ? ? AAA NA  201 AAA HOH 332 1_555  ? ? ? ? ? ? ? 2.220 ? ? 
metalc5 metalc ? ? B NA  .  NA  ? ? ? 1_555 D HOH . O  ? ? AAA NA  201 AAA HOH 391 11_445 ? ? ? ? ? ? ? 2.391 ? ? 
# 
_struct_conn_type.id          metalc 
_struct_conn_type.criteria    ? 
_struct_conn_type.reference   ? 
# 
loop_
_pdbx_struct_conn_angle.id 
_pdbx_struct_conn_angle.ptnr1_label_atom_id 
_pdbx_struct_conn_angle.ptnr1_label_alt_id 
_pdbx_struct_conn_angle.ptnr1_label_asym_id 
_pdbx_struct_conn_angle.ptnr1_label_comp_id 
_pdbx_struct_conn_angle.ptnr1_label_seq_id 
_pdbx_struct_conn_angle.ptnr1_auth_atom_id 
_pdbx_struct_conn_angle.ptnr1_auth_asym_id 
_pdbx_struct_conn_angle.ptnr1_auth_comp_id 
_pdbx_struct_conn_angle.ptnr1_auth_seq_id 
_pdbx_struct_conn_angle.ptnr1_PDB_ins_code 
_pdbx_struct_conn_angle.ptnr1_symmetry 
_pdbx_struct_conn_angle.ptnr2_label_atom_id 
_pdbx_struct_conn_angle.ptnr2_label_alt_id 
_pdbx_struct_conn_angle.ptnr2_label_asym_id 
_pdbx_struct_conn_angle.ptnr2_label_comp_id 
_pdbx_struct_conn_angle.ptnr2_label_seq_id 
_pdbx_struct_conn_angle.ptnr2_auth_atom_id 
_pdbx_struct_conn_angle.ptnr2_auth_asym_id 
_pdbx_struct_conn_angle.ptnr2_auth_comp_id 
_pdbx_struct_conn_angle.ptnr2_auth_seq_id 
_pdbx_struct_conn_angle.ptnr2_PDB_ins_code 
_pdbx_struct_conn_angle.ptnr2_symmetry 
_pdbx_struct_conn_angle.ptnr3_label_atom_id 
_pdbx_struct_conn_angle.ptnr3_label_alt_id 
_pdbx_struct_conn_angle.ptnr3_label_asym_id 
_pdbx_struct_conn_angle.ptnr3_label_comp_id 
_pdbx_struct_conn_angle.ptnr3_label_seq_id 
_pdbx_struct_conn_angle.ptnr3_auth_atom_id 
_pdbx_struct_conn_angle.ptnr3_auth_asym_id 
_pdbx_struct_conn_angle.ptnr3_auth_comp_id 
_pdbx_struct_conn_angle.ptnr3_auth_seq_id 
_pdbx_struct_conn_angle.ptnr3_PDB_ins_code 
_pdbx_struct_conn_angle.ptnr3_symmetry 
_pdbx_struct_conn_angle.value 
_pdbx_struct_conn_angle.value_esd 
1  O   ? A HIS 7  ? AAA HIS 7   ? 1_555 NA ? B NA . ? AAA NA 201 ? 1_555 O   ? A GLU 61 ? AAA GLU 61  ? 1_555  162.6 ? 
2  O   ? A HIS 7  ? AAA HIS 7   ? 1_555 NA ? B NA . ? AAA NA 201 ? 1_555 OD1 ? A ASP 63 ? AAA ASP 63  ? 1_555  87.9  ? 
3  O   ? A GLU 61 ? AAA GLU 61  ? 1_555 NA ? B NA . ? AAA NA 201 ? 1_555 OD1 ? A ASP 63 ? AAA ASP 63  ? 1_555  74.8  ? 
4  O   ? A HIS 7  ? AAA HIS 7   ? 1_555 NA ? B NA . ? AAA NA 201 ? 1_555 O   ? D HOH .  ? AAA HOH 332 ? 1_555  177.8 ? 
5  O   ? A GLU 61 ? AAA GLU 61  ? 1_555 NA ? B NA . ? AAA NA 201 ? 1_555 O   ? D HOH .  ? AAA HOH 332 ? 1_555  18.8  ? 
6  OD1 ? A ASP 63 ? AAA ASP 63  ? 1_555 NA ? B NA . ? AAA NA 201 ? 1_555 O   ? D HOH .  ? AAA HOH 332 ? 1_555  93.3  ? 
7  O   ? A HIS 7  ? AAA HIS 7   ? 1_555 NA ? B NA . ? AAA NA 201 ? 1_555 O   ? D HOH .  ? AAA HOH 391 ? 11_445 85.3  ? 
8  O   ? A GLU 61 ? AAA GLU 61  ? 1_555 NA ? B NA . ? AAA NA 201 ? 1_555 O   ? D HOH .  ? AAA HOH 391 ? 11_445 103.5 ? 
9  OD1 ? A ASP 63 ? AAA ASP 63  ? 1_555 NA ? B NA . ? AAA NA 201 ? 1_555 O   ? D HOH .  ? AAA HOH 391 ? 11_445 125.0 ? 
10 O   ? D HOH .  ? AAA HOH 332 ? 1_555 NA ? B NA . ? AAA NA 201 ? 1_555 O   ? D HOH .  ? AAA HOH 391 ? 11_445 95.6  ? 
# 
_struct_mon_prot_cis.pdbx_id                1 
_struct_mon_prot_cis.label_comp_id          GLY 
_struct_mon_prot_cis.label_seq_id           18 
_struct_mon_prot_cis.label_asym_id          A 
_struct_mon_prot_cis.label_alt_id           . 
_struct_mon_prot_cis.pdbx_PDB_ins_code      ? 
_struct_mon_prot_cis.auth_comp_id           GLY 
_struct_mon_prot_cis.auth_seq_id            18 
_struct_mon_prot_cis.auth_asym_id           AAA 
_struct_mon_prot_cis.pdbx_label_comp_id_2   PRO 
_struct_mon_prot_cis.pdbx_label_seq_id_2    19 
_struct_mon_prot_cis.pdbx_label_asym_id_2   A 
_struct_mon_prot_cis.pdbx_PDB_ins_code_2    ? 
_struct_mon_prot_cis.pdbx_auth_comp_id_2    PRO 
_struct_mon_prot_cis.pdbx_auth_seq_id_2     19 
_struct_mon_prot_cis.pdbx_auth_asym_id_2    AAA 
_struct_mon_prot_cis.pdbx_PDB_model_num     1 
_struct_mon_prot_cis.pdbx_omega_angle       8.84 
# 
loop_
_struct_sheet.id 
_struct_sheet.type 
_struct_sheet.number_strands 
_struct_sheet.details 
AA1 ? 4 ? 
AA2 ? 6 ? 
# 
loop_
_struct_sheet_order.sheet_id 
_struct_sheet_order.range_id_1 
_struct_sheet_order.range_id_2 
_struct_sheet_order.offset 
_struct_sheet_order.sense 
AA1 1 2 ? parallel      
AA1 2 3 ? anti-parallel 
AA1 3 4 ? anti-parallel 
AA2 1 2 ? parallel      
AA2 2 3 ? anti-parallel 
AA2 3 4 ? parallel      
AA2 4 5 ? anti-parallel 
AA2 5 6 ? anti-parallel 
# 
loop_
_struct_sheet_range.sheet_id 
_struct_sheet_range.id 
_struct_sheet_range.beg_label_comp_id 
_struct_sheet_range.beg_label_asym_id 
_struct_sheet_range.beg_label_seq_id 
_struct_sheet_range.pdbx_beg_PDB_ins_code 
_struct_sheet_range.end_label_comp_id 
_struct_sheet_range.end_label_asym_id 
_struct_sheet_range.end_label_seq_id 
_struct_sheet_range.pdbx_end_PDB_ins_code 
_struct_sheet_range.beg_auth_comp_id 
_struct_sheet_range.beg_auth_asym_id 
_struct_sheet_range.beg_auth_seq_id 
_struct_sheet_range.end_auth_comp_id 
_struct_sheet_range.end_auth_asym_id 
_struct_sheet_range.end_auth_seq_id 
AA1 1 ALA A 10  ? GLU A 13  ? ALA AAA 10  GLU AAA 13  
AA1 2 ARG A 68  ? LEU A 73  ? ARG AAA 68  LEU AAA 73  
AA1 3 GLY A 86  ? ASN A 95  ? GLY AAA 86  ASN AAA 95  
AA1 4 HIS A 77  ? LEU A 80  ? HIS AAA 77  LEU AAA 80  
AA2 1 ALA A 10  ? GLU A 13  ? ALA AAA 10  GLU AAA 13  
AA2 2 ARG A 68  ? LEU A 73  ? ARG AAA 68  LEU AAA 73  
AA2 3 GLY A 86  ? ASN A 95  ? GLY AAA 86  ASN AAA 95  
AA2 4 LYS A 34  ? SER A 42  ? LYS AAA 34  SER AAA 42  
AA2 5 GLN A 21  ? SER A 30  ? GLN AAA 21  SER AAA 30  
AA2 6 LEU A 128 ? MET A 134 ? LEU AAA 128 MET AAA 134 
# 
loop_
_pdbx_struct_sheet_hbond.sheet_id 
_pdbx_struct_sheet_hbond.range_id_1 
_pdbx_struct_sheet_hbond.range_id_2 
_pdbx_struct_sheet_hbond.range_1_label_atom_id 
_pdbx_struct_sheet_hbond.range_1_label_comp_id 
_pdbx_struct_sheet_hbond.range_1_label_asym_id 
_pdbx_struct_sheet_hbond.range_1_label_seq_id 
_pdbx_struct_sheet_hbond.range_1_PDB_ins_code 
_pdbx_struct_sheet_hbond.range_1_auth_atom_id 
_pdbx_struct_sheet_hbond.range_1_auth_comp_id 
_pdbx_struct_sheet_hbond.range_1_auth_asym_id 
_pdbx_struct_sheet_hbond.range_1_auth_seq_id 
_pdbx_struct_sheet_hbond.range_2_label_atom_id 
_pdbx_struct_sheet_hbond.range_2_label_comp_id 
_pdbx_struct_sheet_hbond.range_2_label_asym_id 
_pdbx_struct_sheet_hbond.range_2_label_seq_id 
_pdbx_struct_sheet_hbond.range_2_PDB_ins_code 
_pdbx_struct_sheet_hbond.range_2_auth_atom_id 
_pdbx_struct_sheet_hbond.range_2_auth_comp_id 
_pdbx_struct_sheet_hbond.range_2_auth_asym_id 
_pdbx_struct_sheet_hbond.range_2_auth_seq_id 
AA1 1 2 N LEU A 12 ? N LEU AAA 12 O ILE A 69  ? O ILE AAA 69  
AA1 2 3 N SER A 72 ? N SER AAA 72 O ALA A 93  ? O ALA AAA 93  
AA1 3 4 O ALA A 89 ? O ALA AAA 89 N HIS A 77  ? N HIS AAA 77  
AA2 1 2 N LEU A 12 ? N LEU AAA 12 O ILE A 69  ? O ILE AAA 69  
AA2 2 3 N SER A 72 ? N SER AAA 72 O ALA A 93  ? O ALA AAA 93  
AA2 3 4 O VAL A 92 ? O VAL AAA 92 N ASN A 38  ? N ASN AAA 38  
AA2 4 5 O ILE A 37 ? O ILE AAA 37 N ILE A 26  ? N ILE AAA 26  
AA2 5 6 N LYS A 27 ? N LYS AAA 27 O ASP A 133 ? O ASP AAA 133 
# 
_pdbx_validate_rmsd_angle.id                         1 
_pdbx_validate_rmsd_angle.PDB_model_num              1 
_pdbx_validate_rmsd_angle.auth_atom_id_1             NE 
_pdbx_validate_rmsd_angle.auth_asym_id_1             AAA 
_pdbx_validate_rmsd_angle.auth_comp_id_1             ARG 
_pdbx_validate_rmsd_angle.auth_seq_id_1              68 
_pdbx_validate_rmsd_angle.PDB_ins_code_1             ? 
_pdbx_validate_rmsd_angle.label_alt_id_1             ? 
_pdbx_validate_rmsd_angle.auth_atom_id_2             CZ 
_pdbx_validate_rmsd_angle.auth_asym_id_2             AAA 
_pdbx_validate_rmsd_angle.auth_comp_id_2             ARG 
_pdbx_validate_rmsd_angle.auth_seq_id_2              68 
_pdbx_validate_rmsd_angle.PDB_ins_code_2             ? 
_pdbx_validate_rmsd_angle.label_alt_id_2             ? 
_pdbx_validate_rmsd_angle.auth_atom_id_3             NH2 
_pdbx_validate_rmsd_angle.auth_asym_id_3             AAA 
_pdbx_validate_rmsd_angle.auth_comp_id_3             ARG 
_pdbx_validate_rmsd_angle.auth_seq_id_3              68 
_pdbx_validate_rmsd_angle.PDB_ins_code_3             ? 
_pdbx_validate_rmsd_angle.label_alt_id_3             ? 
_pdbx_validate_rmsd_angle.angle_value                116.86 
_pdbx_validate_rmsd_angle.angle_target_value         120.30 
_pdbx_validate_rmsd_angle.angle_deviation            -3.44 
_pdbx_validate_rmsd_angle.angle_standard_deviation   0.50 
_pdbx_validate_rmsd_angle.linker_flag                N 
# 
_pdbx_validate_planes.id              1 
_pdbx_validate_planes.PDB_model_num   1 
_pdbx_validate_planes.auth_comp_id    ARG 
_pdbx_validate_planes.auth_asym_id    AAA 
_pdbx_validate_planes.auth_seq_id     109 
_pdbx_validate_planes.PDB_ins_code    ? 
_pdbx_validate_planes.label_alt_id    ? 
_pdbx_validate_planes.rmsd            0.092 
_pdbx_validate_planes.type            'SIDE CHAIN' 
# 
loop_
_pdbx_struct_special_symmetry.id 
_pdbx_struct_special_symmetry.PDB_model_num 
_pdbx_struct_special_symmetry.auth_asym_id 
_pdbx_struct_special_symmetry.auth_comp_id 
_pdbx_struct_special_symmetry.auth_seq_id 
_pdbx_struct_special_symmetry.PDB_ins_code 
_pdbx_struct_special_symmetry.label_asym_id 
_pdbx_struct_special_symmetry.label_comp_id 
_pdbx_struct_special_symmetry.label_seq_id 
1 1 AAA HOH 368 ? D HOH . 
2 1 AAA HOH 455 ? D HOH . 
# 
_pdbx_entry_details.entry_id                 7AVC 
_pdbx_entry_details.has_ligand_of_interest   Y 
_pdbx_entry_details.compound_details         ? 
_pdbx_entry_details.source_details           ? 
_pdbx_entry_details.nonpolymer_details       ? 
_pdbx_entry_details.sequence_details         ? 
# 
_pdbx_distant_solvent_atoms.id                                1 
_pdbx_distant_solvent_atoms.PDB_model_num                     1 
_pdbx_distant_solvent_atoms.auth_atom_id                      O 
_pdbx_distant_solvent_atoms.label_alt_id                      ? 
_pdbx_distant_solvent_atoms.auth_asym_id                      AAA 
_pdbx_distant_solvent_atoms.auth_comp_id                      HOH 
_pdbx_distant_solvent_atoms.auth_seq_id                       503 
_pdbx_distant_solvent_atoms.PDB_ins_code                      ? 
_pdbx_distant_solvent_atoms.neighbor_macromolecule_distance   5.91 
_pdbx_distant_solvent_atoms.neighbor_ligand_distance          . 
# 
loop_
_pdbx_unobs_or_zero_occ_residues.id 
_pdbx_unobs_or_zero_occ_residues.PDB_model_num 
_pdbx_unobs_or_zero_occ_residues.polymer_flag 
_pdbx_unobs_or_zero_occ_residues.occupancy_flag 
_pdbx_unobs_or_zero_occ_residues.auth_asym_id 
_pdbx_unobs_or_zero_occ_residues.auth_comp_id 
_pdbx_unobs_or_zero_occ_residues.auth_seq_id 
_pdbx_unobs_or_zero_occ_residues.PDB_ins_code 
_pdbx_unobs_or_zero_occ_residues.label_asym_id 
_pdbx_unobs_or_zero_occ_residues.label_comp_id 
_pdbx_unobs_or_zero_occ_residues.label_seq_id 
1 1 Y 1 AAA MET 1   ? A MET 1   
2 1 Y 1 AAA SER 145 ? A SER 145 
3 1 Y 1 AAA GLN 146 ? A GLN 146 
4 1 Y 1 AAA GLN 147 ? A GLN 147 
5 1 Y 1 AAA ASN 148 ? A ASN 148 
6 1 Y 1 AAA ILE 149 ? A ILE 149 
7 1 Y 1 AAA ARG 150 ? A ARG 150 
# 
loop_
_chem_comp_atom.comp_id 
_chem_comp_atom.atom_id 
_chem_comp_atom.type_symbol 
_chem_comp_atom.pdbx_aromatic_flag 
_chem_comp_atom.pdbx_stereo_config 
_chem_comp_atom.pdbx_ordinal 
ALA N    N  N N 1   
ALA CA   C  N S 2   
ALA C    C  N N 3   
ALA O    O  N N 4   
ALA CB   C  N N 5   
ALA OXT  O  N N 6   
ALA H    H  N N 7   
ALA H2   H  N N 8   
ALA HA   H  N N 9   
ALA HB1  H  N N 10  
ALA HB2  H  N N 11  
ALA HB3  H  N N 12  
ALA HXT  H  N N 13  
ARG N    N  N N 14  
ARG CA   C  N S 15  
ARG C    C  N N 16  
ARG O    O  N N 17  
ARG CB   C  N N 18  
ARG CG   C  N N 19  
ARG CD   C  N N 20  
ARG NE   N  N N 21  
ARG CZ   C  N N 22  
ARG NH1  N  N N 23  
ARG NH2  N  N N 24  
ARG OXT  O  N N 25  
ARG H    H  N N 26  
ARG H2   H  N N 27  
ARG HA   H  N N 28  
ARG HB2  H  N N 29  
ARG HB3  H  N N 30  
ARG HG2  H  N N 31  
ARG HG3  H  N N 32  
ARG HD2  H  N N 33  
ARG HD3  H  N N 34  
ARG HE   H  N N 35  
ARG HH11 H  N N 36  
ARG HH12 H  N N 37  
ARG HH21 H  N N 38  
ARG HH22 H  N N 39  
ARG HXT  H  N N 40  
ASN N    N  N N 41  
ASN CA   C  N S 42  
ASN C    C  N N 43  
ASN O    O  N N 44  
ASN CB   C  N N 45  
ASN CG   C  N N 46  
ASN OD1  O  N N 47  
ASN ND2  N  N N 48  
ASN OXT  O  N N 49  
ASN H    H  N N 50  
ASN H2   H  N N 51  
ASN HA   H  N N 52  
ASN HB2  H  N N 53  
ASN HB3  H  N N 54  
ASN HD21 H  N N 55  
ASN HD22 H  N N 56  
ASN HXT  H  N N 57  
ASP N    N  N N 58  
ASP CA   C  N S 59  
ASP C    C  N N 60  
ASP O    O  N N 61  
ASP CB   C  N N 62  
ASP CG   C  N N 63  
ASP OD1  O  N N 64  
ASP OD2  O  N N 65  
ASP OXT  O  N N 66  
ASP H    H  N N 67  
ASP H2   H  N N 68  
ASP HA   H  N N 69  
ASP HB2  H  N N 70  
ASP HB3  H  N N 71  
ASP HD2  H  N N 72  
ASP HXT  H  N N 73  
CYS N    N  N N 74  
CYS CA   C  N R 75  
CYS C    C  N N 76  
CYS O    O  N N 77  
CYS CB   C  N N 78  
CYS SG   S  N N 79  
CYS OXT  O  N N 80  
CYS H    H  N N 81  
CYS H2   H  N N 82  
CYS HA   H  N N 83  
CYS HB2  H  N N 84  
CYS HB3  H  N N 85  
CYS HG   H  N N 86  
CYS HXT  H  N N 87  
GLN N    N  N N 88  
GLN CA   C  N S 89  
GLN C    C  N N 90  
GLN O    O  N N 91  
GLN CB   C  N N 92  
GLN CG   C  N N 93  
GLN CD   C  N N 94  
GLN OE1  O  N N 95  
GLN NE2  N  N N 96  
GLN OXT  O  N N 97  
GLN H    H  N N 98  
GLN H2   H  N N 99  
GLN HA   H  N N 100 
GLN HB2  H  N N 101 
GLN HB3  H  N N 102 
GLN HG2  H  N N 103 
GLN HG3  H  N N 104 
GLN HE21 H  N N 105 
GLN HE22 H  N N 106 
GLN HXT  H  N N 107 
GLU N    N  N N 108 
GLU CA   C  N S 109 
GLU C    C  N N 110 
GLU O    O  N N 111 
GLU CB   C  N N 112 
GLU CG   C  N N 113 
GLU CD   C  N N 114 
GLU OE1  O  N N 115 
GLU OE2  O  N N 116 
GLU OXT  O  N N 117 
GLU H    H  N N 118 
GLU H2   H  N N 119 
GLU HA   H  N N 120 
GLU HB2  H  N N 121 
GLU HB3  H  N N 122 
GLU HG2  H  N N 123 
GLU HG3  H  N N 124 
GLU HE2  H  N N 125 
GLU HXT  H  N N 126 
GLY N    N  N N 127 
GLY CA   C  N N 128 
GLY C    C  N N 129 
GLY O    O  N N 130 
GLY OXT  O  N N 131 
GLY H    H  N N 132 
GLY H2   H  N N 133 
GLY HA2  H  N N 134 
GLY HA3  H  N N 135 
GLY HXT  H  N N 136 
GOL C1   C  N N 137 
GOL O1   O  N N 138 
GOL C2   C  N N 139 
GOL O2   O  N N 140 
GOL C3   C  N N 141 
GOL O3   O  N N 142 
GOL H11  H  N N 143 
GOL H12  H  N N 144 
GOL HO1  H  N N 145 
GOL H2   H  N N 146 
GOL HO2  H  N N 147 
GOL H31  H  N N 148 
GOL H32  H  N N 149 
GOL HO3  H  N N 150 
HIS N    N  N N 151 
HIS CA   C  N S 152 
HIS C    C  N N 153 
HIS O    O  N N 154 
HIS CB   C  N N 155 
HIS CG   C  Y N 156 
HIS ND1  N  Y N 157 
HIS CD2  C  Y N 158 
HIS CE1  C  Y N 159 
HIS NE2  N  Y N 160 
HIS OXT  O  N N 161 
HIS H    H  N N 162 
HIS H2   H  N N 163 
HIS HA   H  N N 164 
HIS HB2  H  N N 165 
HIS HB3  H  N N 166 
HIS HD1  H  N N 167 
HIS HD2  H  N N 168 
HIS HE1  H  N N 169 
HIS HE2  H  N N 170 
HIS HXT  H  N N 171 
HOH O    O  N N 172 
HOH H1   H  N N 173 
HOH H2   H  N N 174 
ILE N    N  N N 175 
ILE CA   C  N S 176 
ILE C    C  N N 177 
ILE O    O  N N 178 
ILE CB   C  N S 179 
ILE CG1  C  N N 180 
ILE CG2  C  N N 181 
ILE CD1  C  N N 182 
ILE OXT  O  N N 183 
ILE H    H  N N 184 
ILE H2   H  N N 185 
ILE HA   H  N N 186 
ILE HB   H  N N 187 
ILE HG12 H  N N 188 
ILE HG13 H  N N 189 
ILE HG21 H  N N 190 
ILE HG22 H  N N 191 
ILE HG23 H  N N 192 
ILE HD11 H  N N 193 
ILE HD12 H  N N 194 
ILE HD13 H  N N 195 
ILE HXT  H  N N 196 
LEU N    N  N N 197 
LEU CA   C  N S 198 
LEU C    C  N N 199 
LEU O    O  N N 200 
LEU CB   C  N N 201 
LEU CG   C  N N 202 
LEU CD1  C  N N 203 
LEU CD2  C  N N 204 
LEU OXT  O  N N 205 
LEU H    H  N N 206 
LEU H2   H  N N 207 
LEU HA   H  N N 208 
LEU HB2  H  N N 209 
LEU HB3  H  N N 210 
LEU HG   H  N N 211 
LEU HD11 H  N N 212 
LEU HD12 H  N N 213 
LEU HD13 H  N N 214 
LEU HD21 H  N N 215 
LEU HD22 H  N N 216 
LEU HD23 H  N N 217 
LEU HXT  H  N N 218 
LYS N    N  N N 219 
LYS CA   C  N S 220 
LYS C    C  N N 221 
LYS O    O  N N 222 
LYS CB   C  N N 223 
LYS CG   C  N N 224 
LYS CD   C  N N 225 
LYS CE   C  N N 226 
LYS NZ   N  N N 227 
LYS OXT  O  N N 228 
LYS H    H  N N 229 
LYS H2   H  N N 230 
LYS HA   H  N N 231 
LYS HB2  H  N N 232 
LYS HB3  H  N N 233 
LYS HG2  H  N N 234 
LYS HG3  H  N N 235 
LYS HD2  H  N N 236 
LYS HD3  H  N N 237 
LYS HE2  H  N N 238 
LYS HE3  H  N N 239 
LYS HZ1  H  N N 240 
LYS HZ2  H  N N 241 
LYS HZ3  H  N N 242 
LYS HXT  H  N N 243 
MET N    N  N N 244 
MET CA   C  N S 245 
MET C    C  N N 246 
MET O    O  N N 247 
MET CB   C  N N 248 
MET CG   C  N N 249 
MET SD   S  N N 250 
MET CE   C  N N 251 
MET OXT  O  N N 252 
MET H    H  N N 253 
MET H2   H  N N 254 
MET HA   H  N N 255 
MET HB2  H  N N 256 
MET HB3  H  N N 257 
MET HG2  H  N N 258 
MET HG3  H  N N 259 
MET HE1  H  N N 260 
MET HE2  H  N N 261 
MET HE3  H  N N 262 
MET HXT  H  N N 263 
NA  NA   NA N N 264 
PHE N    N  N N 265 
PHE CA   C  N S 266 
PHE C    C  N N 267 
PHE O    O  N N 268 
PHE CB   C  N N 269 
PHE CG   C  Y N 270 
PHE CD1  C  Y N 271 
PHE CD2  C  Y N 272 
PHE CE1  C  Y N 273 
PHE CE2  C  Y N 274 
PHE CZ   C  Y N 275 
PHE OXT  O  N N 276 
PHE H    H  N N 277 
PHE H2   H  N N 278 
PHE HA   H  N N 279 
PHE HB2  H  N N 280 
PHE HB3  H  N N 281 
PHE HD1  H  N N 282 
PHE HD2  H  N N 283 
PHE HE1  H  N N 284 
PHE HE2  H  N N 285 
PHE HZ   H  N N 286 
PHE HXT  H  N N 287 
PRO N    N  N N 288 
PRO CA   C  N S 289 
PRO C    C  N N 290 
PRO O    O  N N 291 
PRO CB   C  N N 292 
PRO CG   C  N N 293 
PRO CD   C  N N 294 
PRO OXT  O  N N 295 
PRO H    H  N N 296 
PRO HA   H  N N 297 
PRO HB2  H  N N 298 
PRO HB3  H  N N 299 
PRO HG2  H  N N 300 
PRO HG3  H  N N 301 
PRO HD2  H  N N 302 
PRO HD3  H  N N 303 
PRO HXT  H  N N 304 
SER N    N  N N 305 
SER CA   C  N S 306 
SER C    C  N N 307 
SER O    O  N N 308 
SER CB   C  N N 309 
SER OG   O  N N 310 
SER OXT  O  N N 311 
SER H    H  N N 312 
SER H2   H  N N 313 
SER HA   H  N N 314 
SER HB2  H  N N 315 
SER HB3  H  N N 316 
SER HG   H  N N 317 
SER HXT  H  N N 318 
THR N    N  N N 319 
THR CA   C  N S 320 
THR C    C  N N 321 
THR O    O  N N 322 
THR CB   C  N R 323 
THR OG1  O  N N 324 
THR CG2  C  N N 325 
THR OXT  O  N N 326 
THR H    H  N N 327 
THR H2   H  N N 328 
THR HA   H  N N 329 
THR HB   H  N N 330 
THR HG1  H  N N 331 
THR HG21 H  N N 332 
THR HG22 H  N N 333 
THR HG23 H  N N 334 
THR HXT  H  N N 335 
TRP N    N  N N 336 
TRP CA   C  N S 337 
TRP C    C  N N 338 
TRP O    O  N N 339 
TRP CB   C  N N 340 
TRP CG   C  Y N 341 
TRP CD1  C  Y N 342 
TRP CD2  C  Y N 343 
TRP NE1  N  Y N 344 
TRP CE2  C  Y N 345 
TRP CE3  C  Y N 346 
TRP CZ2  C  Y N 347 
TRP CZ3  C  Y N 348 
TRP CH2  C  Y N 349 
TRP OXT  O  N N 350 
TRP H    H  N N 351 
TRP H2   H  N N 352 
TRP HA   H  N N 353 
TRP HB2  H  N N 354 
TRP HB3  H  N N 355 
TRP HD1  H  N N 356 
TRP HE1  H  N N 357 
TRP HE3  H  N N 358 
TRP HZ2  H  N N 359 
TRP HZ3  H  N N 360 
TRP HH2  H  N N 361 
TRP HXT  H  N N 362 
TYR N    N  N N 363 
TYR CA   C  N S 364 
TYR C    C  N N 365 
TYR O    O  N N 366 
TYR CB   C  N N 367 
TYR CG   C  Y N 368 
TYR CD1  C  Y N 369 
TYR CD2  C  Y N 370 
TYR CE1  C  Y N 371 
TYR CE2  C  Y N 372 
TYR CZ   C  Y N 373 
TYR OH   O  N N 374 
TYR OXT  O  N N 375 
TYR H    H  N N 376 
TYR H2   H  N N 377 
TYR HA   H  N N 378 
TYR HB2  H  N N 379 
TYR HB3  H  N N 380 
TYR HD1  H  N N 381 
TYR HD2  H  N N 382 
TYR HE1  H  N N 383 
TYR HE2  H  N N 384 
TYR HH   H  N N 385 
TYR HXT  H  N N 386 
VAL N    N  N N 387 
VAL CA   C  N S 388 
VAL C    C  N N 389 
VAL O    O  N N 390 
VAL CB   C  N N 391 
VAL CG1  C  N N 392 
VAL CG2  C  N N 393 
VAL OXT  O  N N 394 
VAL H    H  N N 395 
VAL H2   H  N N 396 
VAL HA   H  N N 397 
VAL HB   H  N N 398 
VAL HG11 H  N N 399 
VAL HG12 H  N N 400 
VAL HG13 H  N N 401 
VAL HG21 H  N N 402 
VAL HG22 H  N N 403 
VAL HG23 H  N N 404 
VAL HXT  H  N N 405 
# 
loop_
_chem_comp_bond.comp_id 
_chem_comp_bond.atom_id_1 
_chem_comp_bond.atom_id_2 
_chem_comp_bond.value_order 
_chem_comp_bond.pdbx_aromatic_flag 
_chem_comp_bond.pdbx_stereo_config 
_chem_comp_bond.pdbx_ordinal 
ALA N   CA   sing N N 1   
ALA N   H    sing N N 2   
ALA N   H2   sing N N 3   
ALA CA  C    sing N N 4   
ALA CA  CB   sing N N 5   
ALA CA  HA   sing N N 6   
ALA C   O    doub N N 7   
ALA C   OXT  sing N N 8   
ALA CB  HB1  sing N N 9   
ALA CB  HB2  sing N N 10  
ALA CB  HB3  sing N N 11  
ALA OXT HXT  sing N N 12  
ARG N   CA   sing N N 13  
ARG N   H    sing N N 14  
ARG N   H2   sing N N 15  
ARG CA  C    sing N N 16  
ARG CA  CB   sing N N 17  
ARG CA  HA   sing N N 18  
ARG C   O    doub N N 19  
ARG C   OXT  sing N N 20  
ARG CB  CG   sing N N 21  
ARG CB  HB2  sing N N 22  
ARG CB  HB3  sing N N 23  
ARG CG  CD   sing N N 24  
ARG CG  HG2  sing N N 25  
ARG CG  HG3  sing N N 26  
ARG CD  NE   sing N N 27  
ARG CD  HD2  sing N N 28  
ARG CD  HD3  sing N N 29  
ARG NE  CZ   sing N N 30  
ARG NE  HE   sing N N 31  
ARG CZ  NH1  sing N N 32  
ARG CZ  NH2  doub N N 33  
ARG NH1 HH11 sing N N 34  
ARG NH1 HH12 sing N N 35  
ARG NH2 HH21 sing N N 36  
ARG NH2 HH22 sing N N 37  
ARG OXT HXT  sing N N 38  
ASN N   CA   sing N N 39  
ASN N   H    sing N N 40  
ASN N   H2   sing N N 41  
ASN CA  C    sing N N 42  
ASN CA  CB   sing N N 43  
ASN CA  HA   sing N N 44  
ASN C   O    doub N N 45  
ASN C   OXT  sing N N 46  
ASN CB  CG   sing N N 47  
ASN CB  HB2  sing N N 48  
ASN CB  HB3  sing N N 49  
ASN CG  OD1  doub N N 50  
ASN CG  ND2  sing N N 51  
ASN ND2 HD21 sing N N 52  
ASN ND2 HD22 sing N N 53  
ASN OXT HXT  sing N N 54  
ASP N   CA   sing N N 55  
ASP N   H    sing N N 56  
ASP N   H2   sing N N 57  
ASP CA  C    sing N N 58  
ASP CA  CB   sing N N 59  
ASP CA  HA   sing N N 60  
ASP C   O    doub N N 61  
ASP C   OXT  sing N N 62  
ASP CB  CG   sing N N 63  
ASP CB  HB2  sing N N 64  
ASP CB  HB3  sing N N 65  
ASP CG  OD1  doub N N 66  
ASP CG  OD2  sing N N 67  
ASP OD2 HD2  sing N N 68  
ASP OXT HXT  sing N N 69  
CYS N   CA   sing N N 70  
CYS N   H    sing N N 71  
CYS N   H2   sing N N 72  
CYS CA  C    sing N N 73  
CYS CA  CB   sing N N 74  
CYS CA  HA   sing N N 75  
CYS C   O    doub N N 76  
CYS C   OXT  sing N N 77  
CYS CB  SG   sing N N 78  
CYS CB  HB2  sing N N 79  
CYS CB  HB3  sing N N 80  
CYS SG  HG   sing N N 81  
CYS OXT HXT  sing N N 82  
GLN N   CA   sing N N 83  
GLN N   H    sing N N 84  
GLN N   H2   sing N N 85  
GLN CA  C    sing N N 86  
GLN CA  CB   sing N N 87  
GLN CA  HA   sing N N 88  
GLN C   O    doub N N 89  
GLN C   OXT  sing N N 90  
GLN CB  CG   sing N N 91  
GLN CB  HB2  sing N N 92  
GLN CB  HB3  sing N N 93  
GLN CG  CD   sing N N 94  
GLN CG  HG2  sing N N 95  
GLN CG  HG3  sing N N 96  
GLN CD  OE1  doub N N 97  
GLN CD  NE2  sing N N 98  
GLN NE2 HE21 sing N N 99  
GLN NE2 HE22 sing N N 100 
GLN OXT HXT  sing N N 101 
GLU N   CA   sing N N 102 
GLU N   H    sing N N 103 
GLU N   H2   sing N N 104 
GLU CA  C    sing N N 105 
GLU CA  CB   sing N N 106 
GLU CA  HA   sing N N 107 
GLU C   O    doub N N 108 
GLU C   OXT  sing N N 109 
GLU CB  CG   sing N N 110 
GLU CB  HB2  sing N N 111 
GLU CB  HB3  sing N N 112 
GLU CG  CD   sing N N 113 
GLU CG  HG2  sing N N 114 
GLU CG  HG3  sing N N 115 
GLU CD  OE1  doub N N 116 
GLU CD  OE2  sing N N 117 
GLU OE2 HE2  sing N N 118 
GLU OXT HXT  sing N N 119 
GLY N   CA   sing N N 120 
GLY N   H    sing N N 121 
GLY N   H2   sing N N 122 
GLY CA  C    sing N N 123 
GLY CA  HA2  sing N N 124 
GLY CA  HA3  sing N N 125 
GLY C   O    doub N N 126 
GLY C   OXT  sing N N 127 
GLY OXT HXT  sing N N 128 
GOL C1  O1   sing N N 129 
GOL C1  C2   sing N N 130 
GOL C1  H11  sing N N 131 
GOL C1  H12  sing N N 132 
GOL O1  HO1  sing N N 133 
GOL C2  O2   sing N N 134 
GOL C2  C3   sing N N 135 
GOL C2  H2   sing N N 136 
GOL O2  HO2  sing N N 137 
GOL C3  O3   sing N N 138 
GOL C3  H31  sing N N 139 
GOL C3  H32  sing N N 140 
GOL O3  HO3  sing N N 141 
HIS N   CA   sing N N 142 
HIS N   H    sing N N 143 
HIS N   H2   sing N N 144 
HIS CA  C    sing N N 145 
HIS CA  CB   sing N N 146 
HIS CA  HA   sing N N 147 
HIS C   O    doub N N 148 
HIS C   OXT  sing N N 149 
HIS CB  CG   sing N N 150 
HIS CB  HB2  sing N N 151 
HIS CB  HB3  sing N N 152 
HIS CG  ND1  sing Y N 153 
HIS CG  CD2  doub Y N 154 
HIS ND1 CE1  doub Y N 155 
HIS ND1 HD1  sing N N 156 
HIS CD2 NE2  sing Y N 157 
HIS CD2 HD2  sing N N 158 
HIS CE1 NE2  sing Y N 159 
HIS CE1 HE1  sing N N 160 
HIS NE2 HE2  sing N N 161 
HIS OXT HXT  sing N N 162 
HOH O   H1   sing N N 163 
HOH O   H2   sing N N 164 
ILE N   CA   sing N N 165 
ILE N   H    sing N N 166 
ILE N   H2   sing N N 167 
ILE CA  C    sing N N 168 
ILE CA  CB   sing N N 169 
ILE CA  HA   sing N N 170 
ILE C   O    doub N N 171 
ILE C   OXT  sing N N 172 
ILE CB  CG1  sing N N 173 
ILE CB  CG2  sing N N 174 
ILE CB  HB   sing N N 175 
ILE CG1 CD1  sing N N 176 
ILE CG1 HG12 sing N N 177 
ILE CG1 HG13 sing N N 178 
ILE CG2 HG21 sing N N 179 
ILE CG2 HG22 sing N N 180 
ILE CG2 HG23 sing N N 181 
ILE CD1 HD11 sing N N 182 
ILE CD1 HD12 sing N N 183 
ILE CD1 HD13 sing N N 184 
ILE OXT HXT  sing N N 185 
LEU N   CA   sing N N 186 
LEU N   H    sing N N 187 
LEU N   H2   sing N N 188 
LEU CA  C    sing N N 189 
LEU CA  CB   sing N N 190 
LEU CA  HA   sing N N 191 
LEU C   O    doub N N 192 
LEU C   OXT  sing N N 193 
LEU CB  CG   sing N N 194 
LEU CB  HB2  sing N N 195 
LEU CB  HB3  sing N N 196 
LEU CG  CD1  sing N N 197 
LEU CG  CD2  sing N N 198 
LEU CG  HG   sing N N 199 
LEU CD1 HD11 sing N N 200 
LEU CD1 HD12 sing N N 201 
LEU CD1 HD13 sing N N 202 
LEU CD2 HD21 sing N N 203 
LEU CD2 HD22 sing N N 204 
LEU CD2 HD23 sing N N 205 
LEU OXT HXT  sing N N 206 
LYS N   CA   sing N N 207 
LYS N   H    sing N N 208 
LYS N   H2   sing N N 209 
LYS CA  C    sing N N 210 
LYS CA  CB   sing N N 211 
LYS CA  HA   sing N N 212 
LYS C   O    doub N N 213 
LYS C   OXT  sing N N 214 
LYS CB  CG   sing N N 215 
LYS CB  HB2  sing N N 216 
LYS CB  HB3  sing N N 217 
LYS CG  CD   sing N N 218 
LYS CG  HG2  sing N N 219 
LYS CG  HG3  sing N N 220 
LYS CD  CE   sing N N 221 
LYS CD  HD2  sing N N 222 
LYS CD  HD3  sing N N 223 
LYS CE  NZ   sing N N 224 
LYS CE  HE2  sing N N 225 
LYS CE  HE3  sing N N 226 
LYS NZ  HZ1  sing N N 227 
LYS NZ  HZ2  sing N N 228 
LYS NZ  HZ3  sing N N 229 
LYS OXT HXT  sing N N 230 
MET N   CA   sing N N 231 
MET N   H    sing N N 232 
MET N   H2   sing N N 233 
MET CA  C    sing N N 234 
MET CA  CB   sing N N 235 
MET CA  HA   sing N N 236 
MET C   O    doub N N 237 
MET C   OXT  sing N N 238 
MET CB  CG   sing N N 239 
MET CB  HB2  sing N N 240 
MET CB  HB3  sing N N 241 
MET CG  SD   sing N N 242 
MET CG  HG2  sing N N 243 
MET CG  HG3  sing N N 244 
MET SD  CE   sing N N 245 
MET CE  HE1  sing N N 246 
MET CE  HE2  sing N N 247 
MET CE  HE3  sing N N 248 
MET OXT HXT  sing N N 249 
PHE N   CA   sing N N 250 
PHE N   H    sing N N 251 
PHE N   H2   sing N N 252 
PHE CA  C    sing N N 253 
PHE CA  CB   sing N N 254 
PHE CA  HA   sing N N 255 
PHE C   O    doub N N 256 
PHE C   OXT  sing N N 257 
PHE CB  CG   sing N N 258 
PHE CB  HB2  sing N N 259 
PHE CB  HB3  sing N N 260 
PHE CG  CD1  doub Y N 261 
PHE CG  CD2  sing Y N 262 
PHE CD1 CE1  sing Y N 263 
PHE CD1 HD1  sing N N 264 
PHE CD2 CE2  doub Y N 265 
PHE CD2 HD2  sing N N 266 
PHE CE1 CZ   doub Y N 267 
PHE CE1 HE1  sing N N 268 
PHE CE2 CZ   sing Y N 269 
PHE CE2 HE2  sing N N 270 
PHE CZ  HZ   sing N N 271 
PHE OXT HXT  sing N N 272 
PRO N   CA   sing N N 273 
PRO N   CD   sing N N 274 
PRO N   H    sing N N 275 
PRO CA  C    sing N N 276 
PRO CA  CB   sing N N 277 
PRO CA  HA   sing N N 278 
PRO C   O    doub N N 279 
PRO C   OXT  sing N N 280 
PRO CB  CG   sing N N 281 
PRO CB  HB2  sing N N 282 
PRO CB  HB3  sing N N 283 
PRO CG  CD   sing N N 284 
PRO CG  HG2  sing N N 285 
PRO CG  HG3  sing N N 286 
PRO CD  HD2  sing N N 287 
PRO CD  HD3  sing N N 288 
PRO OXT HXT  sing N N 289 
SER N   CA   sing N N 290 
SER N   H    sing N N 291 
SER N   H2   sing N N 292 
SER CA  C    sing N N 293 
SER CA  CB   sing N N 294 
SER CA  HA   sing N N 295 
SER C   O    doub N N 296 
SER C   OXT  sing N N 297 
SER CB  OG   sing N N 298 
SER CB  HB2  sing N N 299 
SER CB  HB3  sing N N 300 
SER OG  HG   sing N N 301 
SER OXT HXT  sing N N 302 
THR N   CA   sing N N 303 
THR N   H    sing N N 304 
THR N   H2   sing N N 305 
THR CA  C    sing N N 306 
THR CA  CB   sing N N 307 
THR CA  HA   sing N N 308 
THR C   O    doub N N 309 
THR C   OXT  sing N N 310 
THR CB  OG1  sing N N 311 
THR CB  CG2  sing N N 312 
THR CB  HB   sing N N 313 
THR OG1 HG1  sing N N 314 
THR CG2 HG21 sing N N 315 
THR CG2 HG22 sing N N 316 
THR CG2 HG23 sing N N 317 
THR OXT HXT  sing N N 318 
TRP N   CA   sing N N 319 
TRP N   H    sing N N 320 
TRP N   H2   sing N N 321 
TRP CA  C    sing N N 322 
TRP CA  CB   sing N N 323 
TRP CA  HA   sing N N 324 
TRP C   O    doub N N 325 
TRP C   OXT  sing N N 326 
TRP CB  CG   sing N N 327 
TRP CB  HB2  sing N N 328 
TRP CB  HB3  sing N N 329 
TRP CG  CD1  doub Y N 330 
TRP CG  CD2  sing Y N 331 
TRP CD1 NE1  sing Y N 332 
TRP CD1 HD1  sing N N 333 
TRP CD2 CE2  doub Y N 334 
TRP CD2 CE3  sing Y N 335 
TRP NE1 CE2  sing Y N 336 
TRP NE1 HE1  sing N N 337 
TRP CE2 CZ2  sing Y N 338 
TRP CE3 CZ3  doub Y N 339 
TRP CE3 HE3  sing N N 340 
TRP CZ2 CH2  doub Y N 341 
TRP CZ2 HZ2  sing N N 342 
TRP CZ3 CH2  sing Y N 343 
TRP CZ3 HZ3  sing N N 344 
TRP CH2 HH2  sing N N 345 
TRP OXT HXT  sing N N 346 
TYR N   CA   sing N N 347 
TYR N   H    sing N N 348 
TYR N   H2   sing N N 349 
TYR CA  C    sing N N 350 
TYR CA  CB   sing N N 351 
TYR CA  HA   sing N N 352 
TYR C   O    doub N N 353 
TYR C   OXT  sing N N 354 
TYR CB  CG   sing N N 355 
TYR CB  HB2  sing N N 356 
TYR CB  HB3  sing N N 357 
TYR CG  CD1  doub Y N 358 
TYR CG  CD2  sing Y N 359 
TYR CD1 CE1  sing Y N 360 
TYR CD1 HD1  sing N N 361 
TYR CD2 CE2  doub Y N 362 
TYR CD2 HD2  sing N N 363 
TYR CE1 CZ   doub Y N 364 
TYR CE1 HE1  sing N N 365 
TYR CE2 CZ   sing Y N 366 
TYR CE2 HE2  sing N N 367 
TYR CZ  OH   sing N N 368 
TYR OH  HH   sing N N 369 
TYR OXT HXT  sing N N 370 
VAL N   CA   sing N N 371 
VAL N   H    sing N N 372 
VAL N   H2   sing N N 373 
VAL CA  C    sing N N 374 
VAL CA  CB   sing N N 375 
VAL CA  HA   sing N N 376 
VAL C   O    doub N N 377 
VAL C   OXT  sing N N 378 
VAL CB  CG1  sing N N 379 
VAL CB  CG2  sing N N 380 
VAL CB  HB   sing N N 381 
VAL CG1 HG11 sing N N 382 
VAL CG1 HG12 sing N N 383 
VAL CG1 HG13 sing N N 384 
VAL CG2 HG21 sing N N 385 
VAL CG2 HG22 sing N N 386 
VAL CG2 HG23 sing N N 387 
VAL OXT HXT  sing N N 388 
# 
loop_
_pdbx_audit_support.funding_organization 
_pdbx_audit_support.country 
_pdbx_audit_support.grant_number 
_pdbx_audit_support.ordinal 
'Ministry of Education, Youth and Sports of the Czech Republic' 'Czech Republic' CZ.02.1.01/0.0/0.0/16-019/0000778 1 
'Ministry of Education, Youth and Sports of the Czech Republic' 'Czech Republic' LM2018127                         2 
'Czech Academy of Sciences'                                     'Czech Republic' 'RVO 86652036'                    3 
# 
loop_
_pdbx_entity_instance_feature.ordinal 
_pdbx_entity_instance_feature.comp_id 
_pdbx_entity_instance_feature.asym_id 
_pdbx_entity_instance_feature.seq_num 
_pdbx_entity_instance_feature.auth_comp_id 
_pdbx_entity_instance_feature.auth_asym_id 
_pdbx_entity_instance_feature.auth_seq_num 
_pdbx_entity_instance_feature.feature_type 
_pdbx_entity_instance_feature.details 
1 GOL ? ? GOL ? ? 'SUBJECT OF INVESTIGATION' ? 
2 NA  ? ? NA  ? ? 'SUBJECT OF INVESTIGATION' ? 
# 
_pdbx_initial_refinement_model.id               1 
_pdbx_initial_refinement_model.entity_id_list   ? 
_pdbx_initial_refinement_model.type             'experimental model' 
_pdbx_initial_refinement_model.source_name      PDB 
_pdbx_initial_refinement_model.accession_code   4PSF 
_pdbx_initial_refinement_model.details          ? 
# 
_pdbx_related_exp_data_set.ordinal              1 
_pdbx_related_exp_data_set.data_reference       10.5281/zenodo.4018708 
_pdbx_related_exp_data_set.metadata_reference   ? 
_pdbx_related_exp_data_set.data_set_type        'diffraction image data' 
_pdbx_related_exp_data_set.details              ? 
# 
_atom_sites.entry_id                    7AVC 
_atom_sites.Cartn_transf_matrix[1][1]   ? 
_atom_sites.Cartn_transf_matrix[1][2]   ? 
_atom_sites.Cartn_transf_matrix[1][3]   ? 
_atom_sites.Cartn_transf_matrix[2][1]   ? 
_atom_sites.Cartn_transf_matrix[2][2]   ? 
_atom_sites.Cartn_transf_matrix[2][3]   ? 
_atom_sites.Cartn_transf_matrix[3][1]   ? 
_atom_sites.Cartn_transf_matrix[3][2]   ? 
_atom_sites.Cartn_transf_matrix[3][3]   ? 
_atom_sites.Cartn_transf_vector[1]      ? 
_atom_sites.Cartn_transf_vector[2]      ? 
_atom_sites.Cartn_transf_vector[3]      ? 
_atom_sites.fract_transf_matrix[1][1]   0.00363424 
_atom_sites.fract_transf_matrix[1][2]   0.00852392 
_atom_sites.fract_transf_matrix[1][3]   0.01289391 
_atom_sites.fract_transf_matrix[2][1]   -0.00187299 
_atom_sites.fract_transf_matrix[2][2]   -0.00628607 
_atom_sites.fract_transf_matrix[2][3]   0.01445988 
_atom_sites.fract_transf_matrix[3][1]   0.00485366 
_atom_sites.fract_transf_matrix[3][2]   -0.00182216 
_atom_sites.fract_transf_matrix[3][3]   -0.00016344 
_atom_sites.fract_transf_vector[1]      -0.371994 
_atom_sites.fract_transf_vector[2]      -0.457601 
_atom_sites.fract_transf_vector[3]      0.100961 
_atom_sites.solution_primary            ? 
_atom_sites.solution_secondary          ? 
_atom_sites.solution_hydrogens          ? 
_atom_sites.special_details             ? 
# 
loop_
_atom_type.symbol 
_atom_type.pdbx_scat_Z 
_atom_type.pdbx_N_electrons 
_atom_type.scat_Cromer_Mann_a1 
_atom_type.scat_Cromer_Mann_b1 
_atom_type.scat_Cromer_Mann_a2 
_atom_type.scat_Cromer_Mann_b2 
_atom_type.scat_Cromer_Mann_a3 
_atom_type.scat_Cromer_Mann_b3 
_atom_type.scat_Cromer_Mann_a4 
_atom_type.scat_Cromer_Mann_b4 
_atom_type.scat_Cromer_Mann_c 
C  6  6  2.310  20.844 1.020 10.208 1.589 0.569  0.865 51.651  0.216   
H  1  1  0.493  10.511 0.323 26.126 0.140 3.142  0.041 57.800  0.003   
N  7  7  12.222 0.006  3.135 9.893  2.014 28.997 1.167 0.583   -11.538 
NA 11 11 4.766  3.285  3.176 8.842  1.268 0.314  1.114 129.424 0.726   
O  8  8  3.049  13.277 2.287 5.701  1.546 0.324  0.867 32.909  0.251   
S  16 16 6.905  1.468  5.203 22.215 1.438 0.254  1.586 56.172  1.032   
# 
loop_
_atom_site.group_PDB 
_atom_site.id 
_atom_site.type_symbol 
_atom_site.label_atom_id 
_atom_site.label_alt_id 
_atom_site.label_comp_id 
_atom_site.label_asym_id 
_atom_site.label_entity_id 
_atom_site.label_seq_id 
_atom_site.pdbx_PDB_ins_code 
_atom_site.Cartn_x 
_atom_site.Cartn_y 
_atom_site.Cartn_z 
_atom_site.occupancy 
_atom_site.B_iso_or_equiv 
_atom_site.pdbx_formal_charge 
_atom_site.auth_seq_id 
_atom_site.auth_comp_id 
_atom_site.auth_asym_id 
_atom_site.auth_atom_id 
_atom_site.pdbx_PDB_model_num 
ATOM   1    N  N   . ALA A 1 2   ? 5.725   13.415  20.482  1.000 49.885 ? 2   ALA AAA N   1 
ATOM   2    C  CA  . ALA A 1 2   ? 7.209   13.591  20.541  1.000 36.712 ? 2   ALA AAA CA  1 
ATOM   3    C  C   . ALA A 1 2   ? 7.899   12.493  19.719  1.000 34.538 ? 2   ALA AAA C   1 
ATOM   4    O  O   . ALA A 1 2   ? 7.455   11.333  19.730  1.000 37.260 ? 2   ALA AAA O   1 
ATOM   5    C  CB  . ALA A 1 2   ? 7.671   13.545  21.977  1.000 49.398 ? 2   ALA AAA CB  1 
ATOM   6    N  N   . HIS A 1 3   ? 8.951   12.864  18.980  1.000 22.513 ? 3   HIS AAA N   1 
ATOM   7    C  CA  . HIS A 1 3   ? 9.740   11.944  18.169  1.000 19.273 ? 3   HIS AAA CA  1 
ATOM   8    C  C   . HIS A 1 3   ? 11.113  12.559  17.913  1.000 18.126 ? 3   HIS AAA C   1 
ATOM   9    O  O   . HIS A 1 3   ? 11.271  13.760  18.071  1.000 20.984 ? 3   HIS AAA O   1 
ATOM   10   C  CB  . HIS A 1 3   ? 9.014   11.633  16.862  1.000 17.636 ? 3   HIS AAA CB  1 
ATOM   11   C  CG  . HIS A 1 3   ? 8.958   12.776  15.919  1.000 17.739 ? 3   HIS AAA CG  1 
ATOM   12   N  ND1 . HIS A 1 3   ? 7.935   13.707  15.960  1.000 18.381 ? 3   HIS AAA ND1 1 
ATOM   13   C  CD2 . HIS A 1 3   ? 9.763   13.133  14.885  1.000 17.728 ? 3   HIS AAA CD2 1 
ATOM   14   C  CE1 . HIS A 1 3   ? 8.159   14.611  15.039  1.000 18.044 ? 3   HIS AAA CE1 1 
ATOM   15   N  NE2 . HIS A 1 3   ? 9.242   14.271  14.340  1.000 16.918 ? 3   HIS AAA NE2 1 
ATOM   16   N  N   . HIS A 1 4   ? 12.082  11.745  17.476  1.000 17.489 ? 4   HIS AAA N   1 
ATOM   17   C  CA  . HIS A 1 4   ? 13.415  12.274  17.176  1.000 17.178 ? 4   HIS AAA CA  1 
ATOM   18   C  C   . HIS A 1 4   ? 13.957  11.769  15.835  1.000 16.984 ? 4   HIS AAA C   1 
ATOM   19   O  O   . HIS A 1 4   ? 15.048  12.165  15.453  1.000 19.339 ? 4   HIS AAA O   1 
ATOM   20   C  CB  . HIS A 1 4   ? 14.398  11.920  18.298  1.000 18.178 ? 4   HIS AAA CB  1 
ATOM   21   C  CG  . HIS A 1 4   ? 14.636  10.454  18.454  1.000 19.244 ? 4   HIS AAA CG  1 
ATOM   22   N  ND1 . HIS A 1 4   ? 14.077  9.716   19.467  1.000 26.056 ? 4   HIS AAA ND1 1 
ATOM   23   C  CD2 . HIS A 1 4   ? 15.375  9.588   17.731  1.000 23.324 ? 4   HIS AAA CD2 1 
ATOM   24   C  CE1 . HIS A 1 4   ? 14.473  8.456   19.341  1.000 25.722 ? 4   HIS AAA CE1 1 
ATOM   25   N  NE2 . HIS A 1 4   ? 15.256  8.361   18.306  1.000 25.271 ? 4   HIS AAA NE2 1 
ATOM   26   N  N   . HIS A 1 5   ? 13.210  10.940  15.123  1.000 14.423 ? 5   HIS AAA N   1 
ATOM   27   C  CA  . HIS A 1 5   ? 13.720  10.379  13.875  1.000 13.620 ? 5   HIS AAA CA  1 
ATOM   28   C  C   . HIS A 1 5   ? 13.726  11.407  12.745  1.000 12.917 ? 5   HIS AAA C   1 
ATOM   29   O  O   . HIS A 1 5   ? 12.878  12.309  12.730  1.000 15.539 ? 5   HIS AAA O   1 
ATOM   30   C  CB  . HIS A 1 5   ? 12.956  9.123   13.493  1.000 13.588 ? 5   HIS AAA CB  1 
ATOM   31   C  CG  . HIS A 1 5   ? 11.488  9.301   13.332  1.000 12.807 ? 5   HIS AAA CG  1 
ATOM   32   N  ND1 . HIS A 1 5   ? 10.679  9.710   14.367  1.000 14.689 ? 5   HIS AAA ND1 1 
ATOM   33   C  CD2 . HIS A 1 5   ? 10.665  8.999   12.310  1.000 13.683 ? 5   HIS AAA CD2 1 
ATOM   34   C  CE1 . HIS A 1 5   ? 9.430   9.697   13.961  1.000 14.333 ? 5   HIS AAA CE1 1 
ATOM   35   N  NE2 . HIS A 1 5   ? 9.403   9.280   12.701  1.000 13.931 ? 5   HIS AAA NE2 1 
ATOM   36   N  N   . HIS A 1 6   ? 14.706  11.282  11.858  1.000 12.199 ? 6   HIS AAA N   1 
ATOM   37   C  CA  . HIS A 1 6   ? 14.916  12.215  10.748  1.000 13.444 ? 6   HIS AAA CA  1 
ATOM   38   C  C   . HIS A 1 6   ? 14.301  11.732  9.426   1.000 11.036 ? 6   HIS AAA C   1 
ATOM   39   O  O   . HIS A 1 6   ? 14.089  12.553  8.540   1.000 11.928 ? 6   HIS AAA O   1 
ATOM   40   C  CB  . HIS A 1 6   ? 16.429  12.344  10.514  1.000 20.813 ? 6   HIS AAA CB  1 
ATOM   41   C  CG  . HIS A 1 6   ? 17.306  12.931  11.582  1.000 30.996 ? 6   HIS AAA CG  1 
ATOM   42   N  ND1 . HIS A 1 6   ? 18.526  13.517  11.252  1.000 38.870 ? 6   HIS AAA ND1 1 
ATOM   43   C  CD2 . HIS A 1 6   ? 17.222  12.948  12.925  1.000 43.874 ? 6   HIS AAA CD2 1 
ATOM   44   C  CE1 . HIS A 1 6   ? 19.134  13.906  12.348  1.000 47.137 ? 6   HIS AAA CE1 1 
ATOM   45   N  NE2 . HIS A 1 6   ? 18.352  13.577  13.390  1.000 55.483 ? 6   HIS AAA NE2 1 
ATOM   46   N  N   . HIS A 1 7   ? 14.060  10.428  9.310   1.000 10.620 ? 7   HIS AAA N   1 
ATOM   47   C  CA  . HIS A 1 7   ? 13.499  9.824   8.099   1.000 10.599 ? 7   HIS AAA CA  1 
ATOM   48   C  C   . HIS A 1 7   ? 12.385  8.849   8.458   1.000 9.775  ? 7   HIS AAA C   1 
ATOM   49   O  O   . HIS A 1 7   ? 12.386  8.276   9.522   1.000 10.156 ? 7   HIS AAA O   1 
ATOM   50   C  CB  . HIS A 1 7   ? 14.579  9.059   7.320   1.000 11.038 ? 7   HIS AAA CB  1 
ATOM   51   C  CG  . HIS A 1 7   ? 15.609  9.935   6.699   1.000 10.570 ? 7   HIS AAA CG  1 
ATOM   52   N  ND1 . HIS A 1 7   ? 15.363  10.661  5.546   1.000 12.254 ? 7   HIS AAA ND1 1 
ATOM   53   C  CD2 . HIS A 1 7   ? 16.867  10.214  7.089   1.000 11.646 ? 7   HIS AAA CD2 1 
ATOM   54   C  CE1 . HIS A 1 7   ? 16.463  11.338  5.258   1.000 12.541 ? 7   HIS AAA CE1 1 
ATOM   55   N  NE2 . HIS A 1 7   ? 17.390  11.075  6.182   1.000 12.199 ? 7   HIS AAA NE2 1 
ATOM   56   N  N   . HIS A 1 8   ? 11.468  8.636   7.519   1.000 9.854  ? 8   HIS AAA N   1 
ATOM   57   C  CA  . HIS A 1 8   ? 10.458  7.621   7.672   1.000 10.170 ? 8   HIS AAA CA  1 
ATOM   58   C  C   . HIS A 1 8   ? 10.013  7.207   6.281   1.000 9.851  ? 8   HIS AAA C   1 
ATOM   59   O  O   . HIS A 1 8   ? 9.911   8.043   5.392   1.000 11.080 ? 8   HIS AAA O   1 
ATOM   60   C  CB  . HIS A 1 8   ? 9.260   8.157   8.467   1.000 11.199 ? 8   HIS AAA CB  1 
ATOM   61   C  CG  . HIS A 1 8   ? 8.299   7.113   8.950   1.000 11.064 ? 8   HIS AAA CG  1 
ATOM   62   N  ND1 . HIS A 1 8   ? 7.360   6.547   8.133   1.000 11.833 ? 8   HIS AAA ND1 1 
ATOM   63   C  CD2 . HIS A 1 8   ? 8.086   6.567   10.189  1.000 12.130 ? 8   HIS AAA CD2 1 
ATOM   64   C  CE1 . HIS A 1 8   ? 6.633   5.677   8.846   1.000 12.428 ? 8   HIS AAA CE1 1 
ATOM   65   N  NE2 . HIS A 1 8   ? 7.036   5.684   10.101  1.000 13.012 ? 8   HIS AAA NE2 1 
ATOM   66   N  N   . SER A 1 9   ? 9.676   5.935   6.115   1.000 10.109 ? 9   SER AAA N   1 
ATOM   67   C  CA  . SER A 1 9   ? 9.157   5.492   4.819   1.000 10.388 ? 9   SER AAA CA  1 
ATOM   68   C  C   . SER A 1 9   ? 7.908   6.302   4.439   1.000 11.086 ? 9   SER AAA C   1 
ATOM   69   O  O   . SER A 1 9   ? 7.139   6.724   5.296   1.000 13.710 ? 9   SER AAA O   1 
ATOM   70   C  CB  . SER A 1 9   ? 8.859   4.035   4.845   1.000 11.783 ? 9   SER AAA CB  1 
ATOM   71   O  OG  . SER A 1 9   ? 10.021  3.252   5.057   1.000 12.404 ? 9   SER AAA OG  1 
ATOM   72   N  N   . ALA A 1 10  ? 7.706   6.496   3.139   1.000 10.596 ? 10  ALA AAA N   1 
ATOM   73   C  CA  . ALA A 1 10  ? 6.658   7.377   2.676   1.000 11.788 ? 10  ALA AAA CA  1 
ATOM   74   C  C   . ALA A 1 10  ? 6.214   6.943   1.290   1.000 9.893  ? 10  ALA AAA C   1 
ATOM   75   O  O   . ALA A 1 10  ? 6.951   6.396   0.485   1.000 10.943 ? 10  ALA AAA O   1 
ATOM   76   C  CB  . ALA A 1 10  ? 7.158   8.797   2.644   1.000 15.394 ? 10  ALA AAA CB  1 
ATOM   77   N  N   . ALA A 1 11  ? 4.950   7.288   0.997   1.000 9.749  ? 11  ALA AAA N   1 
ATOM   78   C  CA  . ALA A 1 11  ? 4.405   7.159   -0.332  1.000 10.154 ? 11  ALA AAA CA  1 
ATOM   79   C  C   . ALA A 1 11  ? 4.881   8.327   -1.203  1.000 9.772  ? 11  ALA AAA C   1 
ATOM   80   O  O   . ALA A 1 11  ? 4.794   9.471   -0.759  1.000 10.809 ? 11  ALA AAA O   1 
ATOM   81   C  CB  . ALA A 1 11  ? 2.876   7.167   -0.266  1.000 11.283 ? 11  ALA AAA CB  1 
ATOM   82   N  N   . LEU A 1 12  ? 5.407   8.035   -2.387  1.000 9.585  ? 12  LEU AAA N   1 
ATOM   83   C  CA  A LEU A 1 12  ? 5.697   9.077   -3.395  0.500 9.520  ? 12  LEU AAA CA  1 
ATOM   84   C  CA  B LEU A 1 12  ? 5.662   9.084   -3.352  0.500 9.604  ? 12  LEU AAA CA  1 
ATOM   85   C  C   . LEU A 1 12  ? 4.481   9.039   -4.334  1.000 8.801  ? 12  LEU AAA C   1 
ATOM   86   O  O   . LEU A 1 12  ? 4.406   8.167   -5.199  1.000 9.575  ? 12  LEU AAA O   1 
ATOM   87   C  CB  A LEU A 1 12  ? 6.982   8.775   -4.175  0.500 10.017 ? 12  LEU AAA CB  1 
ATOM   88   C  CB  B LEU A 1 12  ? 6.992   8.848   -4.057  0.500 11.299 ? 12  LEU AAA CB  1 
ATOM   89   C  CG  A LEU A 1 12  ? 8.282   8.699   -3.372  0.500 11.249 ? 12  LEU AAA CG  1 
ATOM   90   C  CG  B LEU A 1 12  ? 7.395   9.982   -4.989  0.500 14.318 ? 12  LEU AAA CG  1 
ATOM   91   C  CD1 A LEU A 1 12  ? 9.455   8.287   -4.232  0.500 12.291 ? 12  LEU AAA CD1 1 
ATOM   92   C  CD1 B LEU A 1 12  ? 7.783   11.222  -4.208  0.500 17.407 ? 12  LEU AAA CD1 1 
ATOM   93   C  CD2 A LEU A 1 12  ? 8.600   10.012  -2.729  0.500 14.760 ? 12  LEU AAA CD2 1 
ATOM   94   C  CD2 B LEU A 1 12  ? 8.522   9.560   -5.905  0.500 20.471 ? 12  LEU AAA CD2 1 
ATOM   95   N  N   . GLU A 1 13  ? 3.529   9.933   -4.131  1.000 8.859  ? 13  GLU AAA N   1 
ATOM   96   C  CA  . GLU A 1 13  ? 2.306   9.846   -4.941  1.000 9.043  ? 13  GLU AAA CA  1 
ATOM   97   C  C   . GLU A 1 13  ? 2.637   10.146  -6.400  1.000 9.214  ? 13  GLU AAA C   1 
ATOM   98   O  O   . GLU A 1 13  ? 3.303   11.129  -6.716  1.000 10.554 ? 13  GLU AAA O   1 
ATOM   99   C  CB  . GLU A 1 13  ? 1.239   10.816  -4.455  1.000 10.062 ? 13  GLU AAA CB  1 
ATOM   100  C  CG  . GLU A 1 13  ? -0.059  10.590  -5.203  1.000 10.651 ? 13  GLU AAA CG  1 
ATOM   101  C  CD  . GLU A 1 13  ? -1.263  11.402  -4.789  1.000 11.322 ? 13  GLU AAA CD  1 
ATOM   102  O  OE1 . GLU A 1 13  ? -1.162  12.195  -3.836  1.000 13.588 ? 13  GLU AAA OE1 1 
ATOM   103  O  OE2 . GLU A 1 13  ? -2.312  11.214  -5.474  1.000 11.925 ? 13  GLU AAA OE2 1 
ATOM   104  N  N   . VAL A 1 14  ? 2.105   9.310   -7.286  1.000 8.738  ? 14  VAL AAA N   1 
ATOM   105  C  CA  . VAL A 1 14  ? 2.264   9.495   -8.738  1.000 8.914  ? 14  VAL AAA CA  1 
ATOM   106  C  C   . VAL A 1 14  ? 0.902   9.406   -9.407  1.000 9.075  ? 14  VAL AAA C   1 
ATOM   107  O  O   . VAL A 1 14  ? -0.087  8.878   -8.861  1.000 10.254 ? 14  VAL AAA O   1 
ATOM   108  C  CB  . VAL A 1 14  ? 3.242   8.470   -9.356  1.000 9.306  ? 14  VAL AAA CB  1 
ATOM   109  C  CG1 . VAL A 1 14  ? 4.654   8.686   -8.824  1.000 10.238 ? 14  VAL AAA CG1 1 
ATOM   110  C  CG2 . VAL A 1 14  ? 2.783   7.059   -9.147  1.000 10.472 ? 14  VAL AAA CG2 1 
ATOM   111  N  N   . LEU A 1 15  ? 0.853   9.920   -10.638 1.000 9.364  ? 15  LEU AAA N   1 
ATOM   112  C  CA  . LEU A 1 15  ? -0.293  9.783   -11.510 1.000 10.022 ? 15  LEU AAA CA  1 
ATOM   113  C  C   . LEU A 1 15  ? -0.404  8.340   -11.987 1.000 9.670  ? 15  LEU AAA C   1 
ATOM   114  O  O   . LEU A 1 15  ? 0.504   7.840   -12.698 1.000 11.007 ? 15  LEU AAA O   1 
ATOM   115  C  CB  . LEU A 1 15  ? -0.128  10.703  -12.706 1.000 10.172 ? 15  LEU AAA CB  1 
ATOM   116  C  CG  . LEU A 1 15  ? -1.177  10.589  -13.809 1.000 11.243 ? 15  LEU AAA CG  1 
ATOM   117  C  CD1 . LEU A 1 15  ? -2.538  11.082  -13.331 1.000 13.878 ? 15  LEU AAA CD1 1 
ATOM   118  C  CD2 . LEU A 1 15  ? -0.729  11.338  -15.047 1.000 13.499 ? 15  LEU AAA CD2 1 
ATOM   119  N  N   . PHE A 1 16  ? -1.529  7.669   -11.699 1.000 10.096 ? 16  PHE AAA N   1 
ATOM   120  C  CA  . PHE A 1 16  ? -1.726  6.343   -12.188 1.000 11.049 ? 16  PHE AAA CA  1 
ATOM   121  C  C   . PHE A 1 16  ? -1.653  6.323   -13.702 1.000 10.335 ? 16  PHE AAA C   1 
ATOM   122  O  O   . PHE A 1 16  ? -2.330  7.085   -14.381 1.000 11.117 ? 16  PHE AAA O   1 
ATOM   123  C  CB  . PHE A 1 16  ? -3.067  5.752   -11.766 1.000 11.330 ? 16  PHE AAA CB  1 
ATOM   124  C  CG  . PHE A 1 16  ? -3.277  4.371   -12.358 1.000 12.109 ? 16  PHE AAA CG  1 
ATOM   125  C  CD1 . PHE A 1 16  ? -2.687  3.259   -11.774 1.000 11.930 ? 16  PHE AAA CD1 1 
ATOM   126  C  CD2 . PHE A 1 16  ? -3.992  4.189   -13.530 1.000 14.112 ? 16  PHE AAA CD2 1 
ATOM   127  C  CE1 . PHE A 1 16  ? -2.799  2.006   -12.363 1.000 12.557 ? 16  PHE AAA CE1 1 
ATOM   128  C  CE2 . PHE A 1 16  ? -4.113  2.950   -14.122 1.000 15.347 ? 16  PHE AAA CE2 1 
ATOM   129  C  CZ  . PHE A 1 16  ? -3.531  1.850   -13.527 1.000 14.825 ? 16  PHE AAA CZ  1 
ATOM   130  N  N   . GLN A 1 17  ? -0.873  5.384   -14.247 1.000 10.530 ? 17  GLN AAA N   1 
ATOM   131  C  CA  . GLN A 1 17  ? -0.796  5.086   -15.675 1.000 10.570 ? 17  GLN AAA CA  1 
ATOM   132  C  C   . GLN A 1 17  ? -0.750  3.565   -15.776 1.000 11.486 ? 17  GLN AAA C   1 
ATOM   133  O  O   . GLN A 1 17  ? -0.076  2.909   -14.990 1.000 10.838 ? 17  GLN AAA O   1 
ATOM   134  C  CB  . GLN A 1 17  ? 0.426   5.734   -16.332 1.000 10.651 ? 17  GLN AAA CB  1 
ATOM   135  C  CG  . GLN A 1 17  ? 0.345   7.261   -16.312 1.000 10.814 ? 17  GLN AAA CG  1 
ATOM   136  C  CD  . GLN A 1 17  ? 1.683   7.946   -16.405 1.000 10.062 ? 17  GLN AAA CD  1 
ATOM   137  O  OE1 . GLN A 1 17  ? 2.370   7.909   -17.453 1.000 11.628 ? 17  GLN AAA OE1 1 
ATOM   138  N  NE2 . GLN A 1 17  ? 2.078   8.592   -15.333 1.000 10.870 ? 17  GLN AAA NE2 1 
ATOM   139  N  N   . GLY A 1 18  ? -1.574  3.019   -16.660 1.000 16.536 ? 18  GLY AAA N   1 
ATOM   140  C  CA  . GLY A 1 18  ? -1.852  1.561   -16.750 1.000 17.113 ? 18  GLY AAA CA  1 
ATOM   141  C  C   . GLY A 1 18  ? -0.841  0.973   -17.701 1.000 17.555 ? 18  GLY AAA C   1 
ATOM   142  O  O   . GLY A 1 18  ? 0.057   1.686   -18.139 1.000 19.060 ? 18  GLY AAA O   1 
ATOM   143  N  N   . PRO A 1 19  ? -0.991  -0.330  -18.018 1.000 17.452 ? 19  PRO AAA N   1 
ATOM   144  C  CA  . PRO A 1 19  ? -2.118  -1.211  -17.694 1.000 18.121 ? 19  PRO AAA CA  1 
ATOM   145  C  C   . PRO A 1 19  ? -1.994  -1.751  -16.270 1.000 17.086 ? 19  PRO AAA C   1 
ATOM   146  O  O   . PRO A 1 19  ? -0.970  -2.386  -15.929 1.000 18.357 ? 19  PRO AAA O   1 
ATOM   147  C  CB  . PRO A 1 19  ? -1.988  -2.369  -18.695 1.000 17.289 ? 19  PRO AAA CB  1 
ATOM   148  C  CG  . PRO A 1 19  ? -0.492  -2.402  -18.997 1.000 17.789 ? 19  PRO AAA CG  1 
ATOM   149  C  CD  . PRO A 1 19  ? -0.125  -0.942  -19.009 1.000 18.565 ? 19  PRO AAA CD  1 
ATOM   150  N  N   . GLY A 1 20  ? -3.024  -1.543  -15.449 1.000 16.844 ? 20  GLY AAA N   1 
ATOM   151  C  CA  . GLY A 1 20  ? -3.003  -2.058  -14.087 1.000 17.294 ? 20  GLY AAA CA  1 
ATOM   152  C  C   . GLY A 1 20  ? -3.640  -3.430  -13.957 1.000 15.618 ? 20  GLY AAA C   1 
ATOM   153  O  O   . GLY A 1 20  ? -4.469  -3.852  -14.762 1.000 19.773 ? 20  GLY AAA O   1 
ATOM   154  N  N   . GLN A 1 21  ? -3.225  -4.145  -12.916 1.000 14.939 ? 21  GLN AAA N   1 
ATOM   155  C  CA  . GLN A 1 21  ? -3.839  -5.378  -12.612 1.000 17.073 ? 21  GLN AAA CA  1 
ATOM   156  C  C   . GLN A 1 21  ? -3.870  -5.614  -11.120 1.000 14.991 ? 21  GLN AAA C   1 
ATOM   157  O  O   . GLN A 1 21  ? -3.124  -4.996  -10.369 1.000 13.999 ? 21  GLN AAA O   1 
ATOM   158  C  CB  . GLN A 1 21  ? -3.248  -6.534  -13.345 1.000 22.624 ? 21  GLN AAA CB  1 
ATOM   159  C  CG  . GLN A 1 21  ? -1.906  -6.870  -12.866 1.000 21.395 ? 21  GLN AAA CG  1 
ATOM   160  C  CD  . GLN A 1 21  ? -1.269  -7.913  -13.757 1.000 26.053 ? 21  GLN AAA CD  1 
ATOM   161  O  OE1 . GLN A 1 21  ? -0.476  -7.596  -14.668 1.000 26.598 ? 21  GLN AAA OE1 1 
ATOM   162  N  NE2 . GLN A 1 21  ? -1.581  -9.166  -13.463 1.000 26.382 ? 21  GLN AAA NE2 1 
ATOM   163  N  N   . PRO A 1 22  ? -4.828  -6.445  -10.641 1.000 16.428 ? 22  PRO AAA N   1 
ATOM   164  C  CA  . PRO A 1 22  ? -4.947  -6.678  -9.222  1.000 16.202 ? 22  PRO AAA CA  1 
ATOM   165  C  C   . PRO A 1 22  ? -3.688  -7.344  -8.681  1.000 15.160 ? 22  PRO AAA C   1 
ATOM   166  O  O   . PRO A 1 22  ? -2.997  -8.114  -9.387  1.000 17.810 ? 22  PRO AAA O   1 
ATOM   167  C  CB  . PRO A 1 22  ? -6.150  -7.625  -9.075  1.000 20.381 ? 22  PRO AAA CB  1 
ATOM   168  C  CG  . PRO A 1 22  ? -6.923  -7.433  -10.321 1.000 27.974 ? 22  PRO AAA CG  1 
ATOM   169  C  CD  . PRO A 1 22  ? -5.902  -7.117  -11.400 1.000 20.945 ? 22  PRO AAA CD  1 
ATOM   170  N  N   . GLY A 1 23  ? -3.472  -7.137  -7.389  1.000 15.099 ? 23  GLY AAA N   1 
ATOM   171  C  CA  . GLY A 1 23  ? -2.418  -7.783  -6.648  1.000 14.383 ? 23  GLY AAA CA  1 
ATOM   172  C  C   . GLY A 1 23  ? -2.993  -8.492  -5.441  1.000 14.299 ? 23  GLY AAA C   1 
ATOM   173  O  O   . GLY A 1 23  ? -3.299  -9.695  -5.518  1.000 17.534 ? 23  GLY AAA O   1 
ATOM   174  N  N   . PHE A 1 24  ? -3.212  -7.762  -4.340  1.000 13.583 ? 24  PHE AAA N   1 
ATOM   175  C  CA  . PHE A 1 24  ? -3.875  -8.320  -3.176  1.000 14.144 ? 24  PHE AAA CA  1 
ATOM   176  C  C   . PHE A 1 24  ? -4.692  -7.213  -2.517  1.000 13.412 ? 24  PHE AAA C   1 
ATOM   177  O  O   . PHE A 1 24  ? -4.554  -6.062  -2.875  1.000 13.815 ? 24  PHE AAA O   1 
ATOM   178  C  CB  . PHE A 1 24  ? -2.864  -8.973  -2.221  1.000 15.439 ? 24  PHE AAA CB  1 
ATOM   179  C  CG  . PHE A 1 24  ? -1.851  -8.042  -1.624  1.000 15.060 ? 24  PHE AAA CG  1 
ATOM   180  C  CD1 . PHE A 1 24  ? -2.104  -7.337  -0.462  1.000 16.226 ? 24  PHE AAA CD1 1 
ATOM   181  C  CD2 . PHE A 1 24  ? -0.615  -7.873  -2.235  1.000 17.242 ? 24  PHE AAA CD2 1 
ATOM   182  C  CE1 . PHE A 1 24  ? -1.140  -6.509  0.098   1.000 17.549 ? 24  PHE AAA CE1 1 
ATOM   183  C  CE2 . PHE A 1 24  ? 0.343   -7.072  -1.641  1.000 18.897 ? 24  PHE AAA CE2 1 
ATOM   184  C  CZ  . PHE A 1 24  ? 0.069   -6.358  -0.508  1.000 17.807 ? 24  PHE AAA CZ  1 
ATOM   185  N  N   . CYS A 1 25  ? -5.509  -7.593  -1.537  1.000 14.904 ? 25  CYS AAA N   1 
ATOM   186  C  CA  . CYS A 1 25  ? -6.434  -6.692  -0.903  1.000 14.786 ? 25  CYS AAA CA  1 
ATOM   187  C  C   . CYS A 1 25  ? -6.280  -6.785  0.615   1.000 15.715 ? 25  CYS AAA C   1 
ATOM   188  O  O   . CYS A 1 25  ? -6.311  -7.891  1.168   1.000 18.573 ? 25  CYS AAA O   1 
ATOM   189  C  CB  . CYS A 1 25  ? -7.850  -7.053  -1.342  1.000 18.218 ? 25  CYS AAA CB  1 
ATOM   190  S  SG  . CYS A 1 25  ? -9.135  -5.999  -0.620  1.000 18.750 ? 25  CYS AAA SG  1 
ATOM   191  N  N   . ILE A 1 26  ? -6.185  -5.610  1.261   1.000 16.105 ? 26  ILE AAA N   1 
ATOM   192  C  CA  . ILE A 1 26  ? -6.069  -5.475  2.731   1.000 16.826 ? 26  ILE AAA CA  1 
ATOM   193  C  C   . ILE A 1 26  ? -7.415  -4.960  3.219   1.000 16.391 ? 26  ILE AAA C   1 
ATOM   194  O  O   . ILE A 1 26  ? -7.912  -3.912  2.769   1.000 18.947 ? 26  ILE AAA O   1 
ATOM   195  C  CB  . ILE A 1 26  ? -4.928  -4.494  3.099   1.000 18.665 ? 26  ILE AAA CB  1 
ATOM   196  C  CG1 . ILE A 1 26  ? -3.575  -4.956  2.542   1.000 20.168 ? 26  ILE AAA CG1 1 
ATOM   197  C  CG2 . ILE A 1 26  ? -4.845  -4.283  4.613   1.000 20.789 ? 26  ILE AAA CG2 1 
ATOM   198  C  CD1 . ILE A 1 26  ? -3.133  -6.282  3.153   1.000 26.601 ? 26  ILE AAA CD1 1 
ATOM   199  N  N   . LYS A 1 27  ? -7.991  -5.645  4.209   1.000 16.907 ? 27  LYS AAA N   1 
ATOM   200  C  CA  . LYS A 1 27  ? -9.157  -5.163  4.904   1.000 17.773 ? 27  LYS AAA CA  1 
ATOM   201  C  C   . LYS A 1 27  ? -8.749  -4.508  6.224   1.000 18.505 ? 27  LYS AAA C   1 
ATOM   202  O  O   . LYS A 1 27  ? -7.930  -5.081  6.964   1.000 20.100 ? 27  LYS AAA O   1 
ATOM   203  C  CB  . LYS A 1 27  ? -10.042 -6.368  5.239   1.000 24.024 ? 27  LYS AAA CB  1 
ATOM   204  C  CG  . LYS A 1 27  ? -11.281 -6.060  6.045   1.000 27.269 ? 27  LYS AAA CG  1 
ATOM   205  C  CD  . LYS A 1 27  ? -12.217 -7.259  6.084   1.000 38.628 ? 27  LYS AAA CD  1 
ATOM   206  C  CE  . LYS A 1 27  ? -11.861 -8.290  7.125   1.000 48.198 ? 27  LYS AAA CE  1 
ATOM   207  N  NZ  . LYS A 1 27  ? -13.041 -9.146  7.413   1.000 47.974 ? 27  LYS AAA NZ  1 
ATOM   208  N  N   . THR A 1 28  ? -9.306  -3.329  6.502   1.000 18.260 ? 28  THR AAA N   1 
ATOM   209  C  CA  . THR A 1 28  ? -9.038  -2.642  7.759   1.000 19.202 ? 28  THR AAA CA  1 
ATOM   210  C  C   . THR A 1 28  ? -10.244 -1.785  8.104   1.000 20.592 ? 28  THR AAA C   1 
ATOM   211  O  O   . THR A 1 28  ? -11.280 -1.859  7.460   1.000 21.742 ? 28  THR AAA O   1 
ATOM   212  C  CB  . THR A 1 28  ? -7.732  -1.866  7.642   1.000 18.955 ? 28  THR AAA CB  1 
ATOM   213  O  OG1 . THR A 1 28  ? -7.317  -1.338  8.901   1.000 22.358 ? 28  THR AAA OG1 1 
ATOM   214  C  CG2 . THR A 1 28  ? -7.804  -0.713  6.675   1.000 22.211 ? 28  THR AAA CG2 1 
ATOM   215  N  N   . ASN A 1 29  ? -10.125 -0.989  9.148   1.000 29.943 ? 29  ASN AAA N   1 
ATOM   216  C  CA  . ASN A 1 29  ? -11.200 -0.073  9.484   1.000 28.382 ? 29  ASN AAA CA  1 
ATOM   217  C  C   . ASN A 1 29  ? -10.600 1.311   9.649   1.000 30.333 ? 29  ASN AAA C   1 
ATOM   218  O  O   . ASN A 1 29  ? -9.484  1.424   10.019  1.000 25.824 ? 29  ASN AAA O   1 
ATOM   219  C  CB  . ASN A 1 29  ? -11.905 -0.440  10.780  1.000 30.404 ? 29  ASN AAA CB  1 
ATOM   220  C  CG  . ASN A 1 29  ? -12.701 -1.718  10.660  1.000 37.383 ? 29  ASN AAA CG  1 
ATOM   221  O  OD1 . ASN A 1 29  ? -13.787 -1.720  10.104  1.000 41.523 ? 29  ASN AAA OD1 1 
ATOM   222  N  ND2 . ASN A 1 29  ? -12.159 -2.806  11.176  1.000 45.455 ? 29  ASN AAA ND2 1 
ATOM   223  N  N   . SER A 1 30  ? -11.371 2.335   9.293   1.000 28.138 ? 30  SER AAA N   1 
ATOM   224  C  CA  . SER A 1 30  ? -11.115 3.652   9.749   1.000 28.480 ? 30  SER AAA CA  1 
ATOM   225  C  C   . SER A 1 30  ? -12.004 3.991   10.971  1.000 28.548 ? 30  SER AAA C   1 
ATOM   226  O  O   . SER A 1 30  ? -12.885 3.218   11.425  1.000 27.274 ? 30  SER AAA O   1 
ATOM   227  C  CB  . SER A 1 30  ? -11.377 4.590   8.622   1.000 29.856 ? 30  SER AAA CB  1 
ATOM   228  O  OG  . SER A 1 30  ? -12.783 4.674   8.456   1.000 28.327 ? 30  SER AAA OG  1 
ATOM   229  N  N   . SER A 1 31  ? -11.902 5.237   11.414  1.000 25.848 ? 31  SER AAA N   1 
ATOM   230  C  CA  . SER A 1 31  ? -12.824 5.782   12.425  1.000 27.574 ? 31  SER AAA CA  1 
ATOM   231  C  C   . SER A 1 31  ? -14.260 5.838   11.880  1.000 28.193 ? 31  SER AAA C   1 
ATOM   232  O  O   . SER A 1 31  ? -15.195 6.027   12.683  1.000 33.170 ? 31  SER AAA O   1 
ATOM   233  C  CB  . SER A 1 31  ? -12.376 7.157   12.871  1.000 30.798 ? 31  SER AAA CB  1 
ATOM   234  O  OG  . SER A 1 31  ? -12.277 8.038   11.763  1.000 34.446 ? 31  SER AAA OG  1 
ATOM   235  N  N   . GLU A 1 32  ? -14.449 5.718   10.560  1.000 24.948 ? 32  GLU AAA N   1 
ATOM   236  C  CA  . GLU A 1 32  ? -15.778 5.975   9.937   1.000 32.362 ? 32  GLU AAA CA  1 
ATOM   237  C  C   . GLU A 1 32  ? -16.397 4.683   9.390   1.000 30.048 ? 32  GLU AAA C   1 
ATOM   238  O  O   . GLU A 1 32  ? -17.609 4.649   9.164   1.000 40.018 ? 32  GLU AAA O   1 
ATOM   239  C  CB  . GLU A 1 32  ? -15.720 7.004   8.801   1.000 33.296 ? 32  GLU AAA CB  1 
ATOM   240  C  CG  . GLU A 1 32  ? -15.263 8.397   9.212   1.000 43.026 ? 32  GLU AAA CG  1 
ATOM   241  C  CD  . GLU A 1 32  ? -16.033 9.045   10.343  1.000 46.356 ? 32  GLU AAA CD  1 
ATOM   242  O  OE1 . GLU A 1 32  ? -17.251 9.260   10.188  1.000 54.759 ? 32  GLU AAA OE1 1 
ATOM   243  O  OE2 . GLU A 1 32  ? -15.405 9.327   11.386  1.000 61.673 ? 32  GLU AAA OE2 1 
ATOM   244  N  N   . GLY A 1 33  ? -15.591 3.634   9.208   1.000 25.856 ? 33  GLY AAA N   1 
ATOM   245  C  CA  . GLY A 1 33  ? -16.122 2.401   8.635   1.000 26.179 ? 33  GLY AAA CA  1 
ATOM   246  C  C   . GLY A 1 33  ? -15.029 1.480   8.105   1.000 23.395 ? 33  GLY AAA C   1 
ATOM   247  O  O   . GLY A 1 33  ? -13.831 1.729   8.254   1.000 22.153 ? 33  GLY AAA O   1 
ATOM   248  N  N   . LYS A 1 34  ? -15.457 0.403   7.455   1.000 25.343 ? 34  LYS AAA N   1 
ATOM   249  C  CA  . LYS A 1 34  ? -14.572 -0.604  6.915   1.000 21.655 ? 34  LYS AAA CA  1 
ATOM   250  C  C   . LYS A 1 34  ? -13.939 -0.051  5.642   1.000 18.573 ? 34  LYS AAA C   1 
ATOM   251  O  O   . LYS A 1 34  ? -14.605 0.551   4.807   1.000 20.226 ? 34  LYS AAA O   1 
ATOM   252  C  CB  . LYS A 1 34  ? -15.376 -1.849  6.518   1.000 25.011 ? 34  LYS AAA CB  1 
ATOM   253  C  CG  . LYS A 1 34  ? -14.565 -3.116  6.247   1.000 27.822 ? 34  LYS AAA CG  1 
ATOM   254  C  CD  . LYS A 1 34  ? -15.387 -4.376  5.994   1.000 30.514 ? 34  LYS AAA CD  1 
ATOM   255  C  CE  . LYS A 1 34  ? -16.167 -4.807  7.210   1.000 30.780 ? 34  LYS AAA CE  1 
ATOM   256  N  NZ  . LYS A 1 34  ? -16.914 -6.068  6.962   1.000 34.720 ? 34  LYS AAA NZ  1 
ATOM   257  N  N   . VAL A 1 35  ? -12.658 -0.354  5.459   1.000 17.134 ? 35  VAL AAA N   1 
ATOM   258  C  CA  . VAL A 1 35  ? -11.877 0.100   4.351   1.000 15.978 ? 35  VAL AAA CA  1 
ATOM   259  C  C   . VAL A 1 35  ? -11.164 -1.090  3.710   1.000 15.768 ? 35  VAL AAA C   1 
ATOM   260  O  O   . VAL A 1 35  ? -10.621 -1.920  4.392   1.000 17.902 ? 35  VAL AAA O   1 
ATOM   261  C  CB  . VAL A 1 35  ? -10.861 1.177   4.789   1.000 16.989 ? 35  VAL AAA CB  1 
ATOM   262  C  CG1 . VAL A 1 35  ? -9.849  1.506   3.696   1.000 18.489 ? 35  VAL AAA CG1 1 
ATOM   263  C  CG2 . VAL A 1 35  ? -11.600 2.420   5.249   1.000 18.455 ? 35  VAL AAA CG2 1 
ATOM   264  N  N   . PHE A 1 36  ? -11.174 -1.104  2.377   1.000 14.507 ? 36  PHE AAA N   1 
ATOM   265  C  CA  . PHE A 1 36  ? -10.411 -2.078  1.623   1.000 14.096 ? 36  PHE AAA CA  1 
ATOM   266  C  C   . PHE A 1 36  ? -9.360  -1.339  0.819   1.000 12.812 ? 36  PHE AAA C   1 
ATOM   267  O  O   . PHE A 1 36  ? -9.669  -0.349  0.141   1.000 15.462 ? 36  PHE AAA O   1 
ATOM   268  C  CB  . PHE A 1 36  ? -11.312 -2.897  0.702   1.000 16.936 ? 36  PHE AAA CB  1 
ATOM   269  C  CG  . PHE A 1 36  ? -12.249 -3.811  1.439   1.000 19.360 ? 36  PHE AAA CG  1 
ATOM   270  C  CD1 . PHE A 1 36  ? -11.891 -5.084  1.849   1.000 20.637 ? 36  PHE AAA CD1 1 
ATOM   271  C  CD2 . PHE A 1 36  ? -13.480 -3.337  1.838   1.000 24.966 ? 36  PHE AAA CD2 1 
ATOM   272  C  CE1 . PHE A 1 36  ? -12.764 -5.883  2.572   1.000 23.713 ? 36  PHE AAA CE1 1 
ATOM   273  C  CE2 . PHE A 1 36  ? -14.365 -4.136  2.554   1.000 31.017 ? 36  PHE AAA CE2 1 
ATOM   274  C  CZ  . PHE A 1 36  ? -13.993 -5.397  2.940   1.000 26.137 ? 36  PHE AAA CZ  1 
ATOM   275  N  N   . ILE A 1 37  ? -8.123  -1.829  0.876   1.000 12.725 ? 37  ILE AAA N   1 
ATOM   276  C  CA  . ILE A 1 37  ? -7.029  -1.274  0.104   1.000 12.073 ? 37  ILE AAA CA  1 
ATOM   277  C  C   . ILE A 1 37  ? -6.605  -2.320  -0.919  1.000 12.333 ? 37  ILE AAA C   1 
ATOM   278  O  O   . ILE A 1 37  ? -6.140  -3.404  -0.562  1.000 13.465 ? 37  ILE AAA O   1 
ATOM   279  C  CB  . ILE A 1 37  ? -5.842  -0.864  0.977   1.000 12.401 ? 37  ILE AAA CB  1 
ATOM   280  C  CG1 . ILE A 1 37  ? -6.248  0.111   2.087   1.000 13.875 ? 37  ILE AAA CG1 1 
ATOM   281  C  CG2 . ILE A 1 37  ? -4.732  -0.299  0.126   1.000 13.796 ? 37  ILE AAA CG2 1 
ATOM   282  C  CD1 . ILE A 1 37  ? -5.192  0.352   3.148   1.000 16.807 ? 37  ILE AAA CD1 1 
ATOM   283  N  N   . ASN A 1 38  ? -6.826  -1.996  -2.201  1.000 12.201 ? 38  ASN AAA N   1 
ATOM   284  C  CA  . ASN A 1 38  ? -6.423  -2.872  -3.279  1.000 11.970 ? 38  ASN AAA CA  1 
ATOM   285  C  C   . ASN A 1 38  ? -5.009  -2.505  -3.711  1.000 11.425 ? 38  ASN AAA C   1 
ATOM   286  O  O   . ASN A 1 38  ? -4.813  -1.491  -4.376  1.000 12.678 ? 38  ASN AAA O   1 
ATOM   287  C  CB  . ASN A 1 38  ? -7.366  -2.700  -4.469  1.000 13.270 ? 38  ASN AAA CB  1 
ATOM   288  C  CG  . ASN A 1 38  ? -8.766  -3.186  -4.159  1.000 13.573 ? 38  ASN AAA CG  1 
ATOM   289  O  OD1 . ASN A 1 38  ? -8.958  -4.217  -3.487  1.000 14.891 ? 38  ASN AAA OD1 1 
ATOM   290  N  ND2 . ASN A 1 38  ? -9.765  -2.442  -4.648  1.000 14.818 ? 38  ASN AAA ND2 1 
ATOM   291  N  N   . ILE A 1 39  ? -4.031  -3.337  -3.337  1.000 11.259 ? 39  ILE AAA N   1 
ATOM   292  C  CA  . ILE A 1 39  ? -2.659  -3.161  -3.811  1.000 11.309 ? 39  ILE AAA CA  1 
ATOM   293  C  C   . ILE A 1 39  ? -2.572  -3.804  -5.176  1.000 11.586 ? 39  ILE AAA C   1 
ATOM   294  O  O   . ILE A 1 39  ? -2.711  -5.011  -5.303  1.000 13.720 ? 39  ILE AAA O   1 
ATOM   295  C  CB  . ILE A 1 39  ? -1.655  -3.757  -2.828  1.000 12.528 ? 39  ILE AAA CB  1 
ATOM   296  C  CG1 . ILE A 1 39  ? -1.765  -3.133  -1.434  1.000 13.357 ? 39  ILE AAA CG1 1 
ATOM   297  C  CG2 . ILE A 1 39  ? -0.237  -3.645  -3.394  1.000 13.557 ? 39  ILE AAA CG2 1 
ATOM   298  C  CD1 . ILE A 1 39  ? -1.412  -1.690  -1.333  1.000 14.554 ? 39  ILE AAA CD1 1 
ATOM   299  N  N   . CYS A 1 40  ? -2.409  -2.944  -6.184  1.000 10.701 ? 40  CYS AAA N   1 
ATOM   300  C  CA  A CYS A 1 40  ? -2.411  -3.250  -7.608  0.600 10.943 ? 40  CYS AAA CA  1 
ATOM   301  C  CA  B CYS A 1 40  ? -2.342  -3.432  -7.543  0.400 10.564 ? 40  CYS AAA CA  1 
ATOM   302  C  C   . CYS A 1 40  ? -1.029  -2.963  -8.169  1.000 9.756  ? 40  CYS AAA C   1 
ATOM   303  O  O   . CYS A 1 40  ? -0.167  -2.387  -7.488  1.000 10.593 ? 40  CYS AAA O   1 
ATOM   304  C  CB  A CYS A 1 40  ? -3.372  -2.343  -8.352  0.600 11.351 ? 40  CYS AAA CB  1 
ATOM   305  C  CB  B CYS A 1 40  ? -3.595  -3.014  -8.294  0.400 10.704 ? 40  CYS AAA CB  1 
ATOM   306  S  SG  A CYS A 1 40  ? -5.096  -2.580  -7.878  0.600 13.765 ? 40  CYS AAA SG  1 
ATOM   307  S  SG  B CYS A 1 40  ? -3.990  -1.260  -8.122  0.400 13.062 ? 40  CYS AAA SG  1 
ATOM   308  N  N   . HIS A 1 41  ? -0.827  -3.288  -9.456  1.000 10.588 ? 41  HIS AAA N   1 
ATOM   309  C  CA  . HIS A 1 41  ? 0.473   -2.950  -10.041 1.000 10.241 ? 41  HIS AAA CA  1 
ATOM   310  C  C   . HIS A 1 41  ? 0.326   -2.657  -11.534 1.000 10.017 ? 41  HIS AAA C   1 
ATOM   311  O  O   . HIS A 1 41  ? -0.573  -3.147  -12.205 1.000 11.593 ? 41  HIS AAA O   1 
ATOM   312  C  CB  . HIS A 1 41  ? 1.525   -4.025  -9.779  1.000 10.917 ? 41  HIS AAA CB  1 
ATOM   313  C  CG  . HIS A 1 41  ? 1.250   -5.346  -10.420 1.000 11.899 ? 41  HIS AAA CG  1 
ATOM   314  N  ND1 . HIS A 1 41  ? 1.723   -5.664  -11.684 1.000 12.654 ? 41  HIS AAA ND1 1 
ATOM   315  C  CD2 . HIS A 1 41  ? 0.614   -6.431  -9.936  1.000 13.170 ? 41  HIS AAA CD2 1 
ATOM   316  C  CE1 . HIS A 1 41  ? 1.339   -6.888  -11.941 1.000 14.391 ? 41  HIS AAA CE1 1 
ATOM   317  N  NE2 . HIS A 1 41  ? 0.679   -7.384  -10.869 1.000 15.065 ? 41  HIS AAA NE2 1 
ATOM   318  N  N   . SER A 1 42  ? 1.275   -1.860  -12.018 1.000 9.780  ? 42  SER AAA N   1 
ATOM   319  C  CA  . SER A 1 42  ? 1.331   -1.454  -13.430 1.000 10.017 ? 42  SER AAA CA  1 
ATOM   320  C  C   . SER A 1 42  ? 2.792   -1.247  -13.776 1.000 9.993  ? 42  SER AAA C   1 
ATOM   321  O  O   . SER A 1 42  ? 3.549   -0.717  -12.943 1.000 10.283 ? 42  SER AAA O   1 
ATOM   322  C  CB  . SER A 1 42  ? 0.586   -0.155  -13.640 1.000 10.809 ? 42  SER AAA CB  1 
ATOM   323  O  OG  . SER A 1 42  ? 0.907   0.421   -14.878 1.000 11.130 ? 42  SER AAA OG  1 
ATOM   324  N  N   . PRO A 1 43  ? 3.183   -1.528  -15.029 1.000 10.028 ? 43  PRO AAA N   1 
ATOM   325  C  CA  . PRO A 1 43  ? 4.556   -1.253  -15.438 1.000 10.630 ? 43  PRO AAA CA  1 
ATOM   326  C  C   . PRO A 1 43  ? 4.854   0.252   -15.530 1.000 9.833  ? 43  PRO AAA C   1 
ATOM   327  O  O   . PRO A 1 43  ? 6.023   0.648   -15.509 1.000 10.330 ? 43  PRO AAA O   1 
ATOM   328  C  CB  . PRO A 1 43  ? 4.659   -1.947  -16.797 1.000 11.496 ? 43  PRO AAA CB  1 
ATOM   329  C  CG  . PRO A 1 43  ? 3.254   -1.964  -17.310 1.000 13.083 ? 43  PRO AAA CG  1 
ATOM   330  C  CD  . PRO A 1 43  ? 2.389   -2.196  -16.071 1.000 11.486 ? 43  PRO AAA CD  1 
ATOM   331  N  N   . SER A 1 44  ? 3.808   1.081   -15.655 1.000 9.830  ? 44  SER AAA N   1 
ATOM   332  C  CA  . SER A 1 44  ? 3.927   2.516   -15.859 1.000 10.199 ? 44  SER AAA CA  1 
ATOM   333  C  C   . SER A 1 44  ? 3.815   3.311   -14.557 1.000 9.825  ? 44  SER AAA C   1 
ATOM   334  O  O   . SER A 1 44  ? 3.701   4.534   -14.610 1.000 11.262 ? 44  SER AAA O   1 
ATOM   335  C  CB  . SER A 1 44  ? 2.914   3.033   -16.862 1.000 11.225 ? 44  SER AAA CB  1 
ATOM   336  O  OG  . SER A 1 44  ? 3.145   2.448   -18.117 1.000 17.092 ? 44  SER AAA OG  1 
ATOM   337  N  N   . ILE A 1 45  ? 3.919   2.618   -13.415 1.000 9.791  ? 45  ILE AAA N   1 
ATOM   338  C  CA  . ILE A 1 45  ? 4.213   3.262   -12.130 1.000 9.791  ? 45  ILE AAA CA  1 
ATOM   339  C  C   . ILE A 1 45  ? 5.726   3.148   -11.956 1.000 9.256  ? 45  ILE AAA C   1 
ATOM   340  O  O   . ILE A 1 45  ? 6.268   2.054   -12.146 1.000 10.259 ? 45  ILE AAA O   1 
ATOM   341  C  CB  . ILE A 1 45  ? 3.487   2.569   -10.962 1.000 9.893  ? 45  ILE AAA CB  1 
ATOM   342  C  CG1 . ILE A 1 45  ? 1.960   2.545   -11.138 1.000 10.701 ? 45  ILE AAA CG1 1 
ATOM   343  C  CG2 . ILE A 1 45  ? 3.903   3.183   -9.636  1.000 10.125 ? 45  ILE AAA CG2 1 
ATOM   344  C  CD1 . ILE A 1 45  ? 1.292   3.900   -10.906 1.000 12.099 ? 45  ILE AAA CD1 1 
ATOM   345  N  N   . PRO A 1 46  ? 6.457   4.218   -11.608 1.000 9.654  ? 46  PRO AAA N   1 
ATOM   346  C  CA  . PRO A 1 46  ? 7.901   4.082   -11.448 1.000 10.254 ? 46  PRO AAA CA  1 
ATOM   347  C  C   . PRO A 1 46  ? 8.239   3.165   -10.289 1.000 9.809  ? 46  PRO AAA C   1 
ATOM   348  O  O   . PRO A 1 46  ? 7.514   3.103   -9.289  1.000 9.925  ? 46  PRO AAA O   1 
ATOM   349  C  CB  . PRO A 1 46  ? 8.376   5.501   -11.130 1.000 12.696 ? 46  PRO AAA CB  1 
ATOM   350  C  CG  . PRO A 1 46  ? 7.239   6.403   -11.556 1.000 13.586 ? 46  PRO AAA CG  1 
ATOM   351  C  CD  . PRO A 1 46  ? 6.001   5.596   -11.369 1.000 11.286 ? 46  PRO AAA CD  1 
ATOM   352  N  N   . PRO A 1 47  ? 9.373   2.443   -10.365 1.000 10.254 ? 47  PRO AAA N   1 
ATOM   353  C  CA  . PRO A 1 47  ? 9.826   1.641   -9.234  1.000 10.470 ? 47  PRO AAA CA  1 
ATOM   354  C  C   . PRO A 1 47  ? 10.453  2.495   -8.156  1.000 10.783 ? 47  PRO AAA C   1 
ATOM   355  O  O   . PRO A 1 47  ? 10.940  3.605   -8.431  1.000 11.301 ? 47  PRO AAA O   1 
ATOM   356  C  CB  . PRO A 1 47  ? 10.869  0.712   -9.892  1.000 11.880 ? 47  PRO AAA CB  1 
ATOM   357  C  CG  . PRO A 1 47  ? 11.498  1.605   -10.940 1.000 12.070 ? 47  PRO AAA CG  1 
ATOM   358  C  CD  . PRO A 1 47  ? 10.307  2.378   -11.514 1.000 11.633 ? 47  PRO AAA CD  1 
ATOM   359  N  N   . PRO A 1 48  ? 10.560  1.974   -6.914  1.000 10.201 ? 48  PRO AAA N   1 
ATOM   360  C  CA  . PRO A 1 48  ? 11.451  2.597   -5.936  1.000 10.630 ? 48  PRO AAA CA  1 
ATOM   361  C  C   . PRO A 1 48  ? 12.889  2.541   -6.452  1.000 12.686 ? 48  PRO AAA C   1 
ATOM   362  O  O   . PRO A 1 48  ? 13.223  1.681   -7.258  1.000 13.767 ? 48  PRO AAA O   1 
ATOM   363  C  CB  . PRO A 1 48  ? 11.249  1.763   -4.676  1.000 12.357 ? 48  PRO AAA CB  1 
ATOM   364  C  CG  . PRO A 1 48  ? 10.120  0.779   -4.941  1.000 17.236 ? 48  PRO AAA CG  1 
ATOM   365  C  CD  . PRO A 1 48  ? 9.971   0.724   -6.438  1.000 11.288 ? 48  PRO AAA CD  1 
ATOM   366  N  N   . ALA A 1 49  ? 13.736  3.401   -5.909  1.000 13.710 ? 49  ALA AAA N   1 
ATOM   367  C  CA  . ALA A 1 49  ? 15.160  3.377   -6.223  1.000 15.583 ? 49  ALA AAA CA  1 
ATOM   368  C  C   . ALA A 1 49  ? 15.699  1.975   -5.921  1.000 16.476 ? 49  ALA AAA C   1 
ATOM   369  O  O   . ALA A 1 49  ? 15.240  1.356   -4.976  1.000 18.263 ? 49  ALA AAA O   1 
ATOM   370  C  CB  . ALA A 1 49  ? 15.880  4.469   -5.468  1.000 18.010 ? 49  ALA AAA CB  1 
ATOM   371  N  N   . ASP A 1 50  ? 16.678  1.432   -6.651  1.000 18.213 ? 50  ASP AAA N   1 
ATOM   372  C  CA  . ASP A 1 50  ? 17.256  0.138   -6.462  1.000 21.510 ? 50  ASP AAA CA  1 
ATOM   373  C  C   . ASP A 1 50  ? 17.887  0.074   -5.051  1.000 19.834 ? 50  ASP AAA C   1 
ATOM   374  O  O   . ASP A 1 50  ? 18.660  0.966   -4.671  1.000 25.569 ? 50  ASP AAA O   1 
ATOM   375  C  CB  . ASP A 1 50  ? 18.405  -0.076  -7.464  1.000 27.064 ? 50  ASP AAA CB  1 
ATOM   376  C  CG  . ASP A 1 50  ? 17.990  -0.331  -8.901  1.000 32.988 ? 50  ASP AAA CG  1 
ATOM   377  O  OD1 . ASP A 1 50  ? 16.799  -0.563  -9.154  1.000 41.810 ? 50  ASP AAA OD1 1 
ATOM   378  O  OD2 . ASP A 1 50  ? 18.919  -0.382  -9.766  1.000 47.714 ? 50  ASP AAA OD2 1 
ATOM   379  N  N   . VAL A 1 51  ? 17.570  -0.976  -4.370  1.000 19.137 ? 51  VAL AAA N   1 
ATOM   380  C  CA  . VAL A 1 51  ? 18.164  -1.261  -3.055  1.000 18.836 ? 51  VAL AAA CA  1 
ATOM   381  C  C   . VAL A 1 51  ? 17.938  -2.743  -2.707  1.000 18.247 ? 51  VAL AAA C   1 
ATOM   382  O  O   . VAL A 1 51  ? 16.906  -3.318  -3.052  1.000 20.231 ? 51  VAL AAA O   1 
ATOM   383  C  CB  . VAL A 1 51  ? 17.562  -0.303  -2.015  1.000 22.321 ? 51  VAL AAA CB  1 
ATOM   384  C  CG1 . VAL A 1 51  ? 16.110  -0.599  -1.782  1.000 24.195 ? 51  VAL AAA CG1 1 
ATOM   385  C  CG2 . VAL A 1 51  ? 18.325  -0.228  -0.731  1.000 23.324 ? 51  VAL AAA CG2 1 
ATOM   386  N  N   . THR A 1 52  ? 18.883  -3.396  -2.035  1.000 16.999 ? 52  THR AAA N   1 
ATOM   387  C  CA  . THR A 1 52  ? 18.655  -4.763  -1.581  1.000 17.463 ? 52  THR AAA CA  1 
ATOM   388  C  C   . THR A 1 52  ? 17.876  -4.711  -0.264  1.000 15.404 ? 52  THR AAA C   1 
ATOM   389  O  O   . THR A 1 52  ? 17.847  -3.688  0.413   1.000 14.575 ? 52  THR AAA O   1 
ATOM   390  C  CB  . THR A 1 52  ? 19.961  -5.538  -1.358  1.000 19.144 ? 52  THR AAA CB  1 
ATOM   391  O  OG1 . THR A 1 52  ? 20.627  -4.944  -0.238  1.000 18.457 ? 52  THR AAA OG1 1 
ATOM   392  C  CG2 . THR A 1 52  ? 20.854  -5.501  -2.577  1.000 21.897 ? 52  THR AAA CG2 1 
ATOM   393  N  N   . GLU A 1 53  ? 17.301  -5.832  0.135   1.000 16.318 ? 53  GLU AAA N   1 
ATOM   394  C  CA  . GLU A 1 53  ? 16.539  -5.868  1.393   1.000 15.591 ? 53  GLU AAA CA  1 
ATOM   395  C  C   . GLU A 1 53  ? 17.461  -5.553  2.570   1.000 14.475 ? 53  GLU AAA C   1 
ATOM   396  O  O   . GLU A 1 53  ? 17.102  -4.829  3.493   1.000 15.012 ? 53  GLU AAA O   1 
ATOM   397  C  CB  . GLU A 1 53  ? 15.853  -7.225  1.604   1.000 17.020 ? 53  GLU AAA CB  1 
ATOM   398  C  CG  . GLU A 1 53  ? 14.733  -7.354  0.622   1.000 20.295 ? 53  GLU AAA CG  1 
ATOM   399  C  CD  . GLU A 1 53  ? 13.894  -8.586  0.755   1.000 25.545 ? 53  GLU AAA CD  1 
ATOM   400  O  OE1 . GLU A 1 53  ? 13.352  -8.784  1.832   1.000 30.038 ? 53  GLU AAA OE1 1 
ATOM   401  O  OE2 . GLU A 1 53  ? 13.849  -9.336  -0.193  1.000 38.276 ? 53  GLU AAA OE2 1 
ATOM   402  N  N   . GLU A 1 54  ? 18.667  -6.089  2.537   1.000 15.033 ? 54  GLU AAA N   1 
ATOM   403  C  CA  . GLU A 1 54  ? 19.559  -5.800  3.641   1.000 15.465 ? 54  GLU AAA CA  1 
ATOM   404  C  C   . GLU A 1 54  ? 20.017  -4.333  3.656   1.000 14.615 ? 54  GLU AAA C   1 
ATOM   405  O  O   . GLU A 1 54  ? 20.123  -3.729  4.720   1.000 14.857 ? 54  GLU AAA O   1 
ATOM   406  C  CB  . GLU A 1 54  ? 20.756  -6.735  3.718   1.000 19.179 ? 54  GLU AAA CB  1 
ATOM   407  C  CG  . GLU A 1 54  ? 21.449  -6.478  5.034   1.000 24.745 ? 54  GLU AAA CG  1 
ATOM   408  C  CD  . GLU A 1 54  ? 22.690  -7.270  5.297   1.000 24.037 ? 54  GLU AAA CD  1 
ATOM   409  O  OE1 . GLU A 1 54  ? 23.036  -8.143  4.450   1.000 31.093 ? 54  GLU AAA OE1 1 
ATOM   410  O  OE2 . GLU A 1 54  ? 23.323  -6.928  6.321   1.000 27.432 ? 54  GLU AAA OE2 1 
ATOM   411  N  N   . GLU A 1 55  ? 20.262  -3.725  2.466   1.000 14.781 ? 55  GLU AAA N   1 
ATOM   412  C  CA  . GLU A 1 55  ? 20.607  -2.285  2.414   1.000 14.189 ? 55  GLU AAA CA  1 
ATOM   413  C  C   . GLU A 1 55  ? 19.452  -1.451  2.979   1.000 13.531 ? 55  GLU AAA C   1 
ATOM   414  O  O   . GLU A 1 55  ? 19.672  -0.477  3.675   1.000 14.186 ? 55  GLU AAA O   1 
ATOM   415  C  CB  . GLU A 1 55  ? 20.874  -1.878  0.975   1.000 16.002 ? 55  GLU AAA CB  1 
ATOM   416  C  CG  . GLU A 1 55  ? 22.236  -2.336  0.440   1.000 18.302 ? 55  GLU AAA CG  1 
ATOM   417  C  CD  . GLU A 1 55  ? 22.414  -2.151  -1.052  1.000 20.784 ? 55  GLU AAA CD  1 
ATOM   418  O  OE1 . GLU A 1 55  ? 21.399  -1.916  -1.755  1.000 21.358 ? 55  GLU AAA OE1 1 
ATOM   419  O  OE2 . GLU A 1 55  ? 23.569  -2.296  -1.492  1.000 30.541 ? 55  GLU AAA OE2 1 
ATOM   420  N  N   A LEU A 1 56  ? 18.220  -1.847  2.683   0.500 12.596 ? 56  LEU AAA N   1 
ATOM   421  N  N   B LEU A 1 56  ? 18.222  -1.860  2.635   0.500 12.767 ? 56  LEU AAA N   1 
ATOM   422  C  CA  A LEU A 1 56  ? 17.101  -1.060  3.137   0.500 12.981 ? 56  LEU AAA CA  1 
ATOM   423  C  CA  B LEU A 1 56  ? 16.962  -1.223  3.069   0.500 13.891 ? 56  LEU AAA CA  1 
ATOM   424  C  C   A LEU A 1 56  ? 16.945  -1.234  4.652   0.500 12.244 ? 56  LEU AAA C   1 
ATOM   425  C  C   B LEU A 1 56  ? 16.882  -1.272  4.602   0.500 12.425 ? 56  LEU AAA C   1 
ATOM   426  O  O   A LEU A 1 56  ? 16.750  -0.237  5.373   0.500 12.288 ? 56  LEU AAA O   1 
ATOM   427  O  O   B LEU A 1 56  ? 16.684  -0.246  5.280   0.500 13.157 ? 56  LEU AAA O   1 
ATOM   428  C  CB  A LEU A 1 56  ? 15.850  -1.469  2.366   0.500 13.473 ? 56  LEU AAA CB  1 
ATOM   429  C  CB  B LEU A 1 56  ? 15.798  -1.969  2.395   0.500 17.099 ? 56  LEU AAA CB  1 
ATOM   430  C  CG  A LEU A 1 56  ? 14.597  -0.706  2.768   0.500 12.394 ? 56  LEU AAA CG  1 
ATOM   431  C  CG  B LEU A 1 56  ? 14.490  -1.196  2.221   0.500 17.484 ? 56  LEU AAA CG  1 
ATOM   432  C  CD1 A LEU A 1 56  ? 14.784  0.771   2.499   0.500 13.352 ? 56  LEU AAA CD1 1 
ATOM   433  C  CD1 B LEU A 1 56  ? 13.463  -2.045  1.483   0.500 18.386 ? 56  LEU AAA CD1 1 
ATOM   434  C  CD2 A LEU A 1 56  ? 13.391  -1.281  2.035   0.500 13.086 ? 56  LEU AAA CD2 1 
ATOM   435  C  CD2 B LEU A 1 56  ? 13.926  -0.765  3.570   0.500 20.458 ? 56  LEU AAA CD2 1 
ATOM   436  N  N   . LEU A 1 57  ? 17.073  -2.470  5.160   1.000 12.775 ? 57  LEU AAA N   1 
ATOM   437  C  CA  . LEU A 1 57  ? 16.998  -2.630  6.601   1.000 12.557 ? 57  LEU AAA CA  1 
ATOM   438  C  C   . LEU A 1 57  ? 18.092  -1.787  7.286   1.000 11.996 ? 57  LEU AAA C   1 
ATOM   439  O  O   . LEU A 1 57  ? 17.850  -1.179  8.331   1.000 12.120 ? 57  LEU AAA O   1 
ATOM   440  C  CB  . LEU A 1 57  ? 17.068  -4.108  6.966   1.000 13.691 ? 57  LEU AAA CB  1 
ATOM   441  C  CG  . LEU A 1 57  ? 16.950  -4.400  8.451   1.000 14.362 ? 57  LEU AAA CG  1 
ATOM   442  C  CD1 . LEU A 1 57  ? 15.707  -3.782  9.089   1.000 15.891 ? 57  LEU AAA CD1 1 
ATOM   443  C  CD2 . LEU A 1 57  ? 16.936  -5.904  8.670   1.000 17.621 ? 57  LEU AAA CD2 1 
ATOM   444  N  N   . GLN A 1 58  ? 19.312  -1.786  6.726   1.000 12.315 ? 58  GLN AAA N   1 
ATOM   445  C  CA  . GLN A 1 58  ? 20.371  -1.000  7.313   1.000 12.328 ? 58  GLN AAA CA  1 
ATOM   446  C  C   . GLN A 1 58  ? 20.000  0.480   7.364   1.000 11.351 ? 58  GLN AAA C   1 
ATOM   447  O  O   . GLN A 1 58  ? 20.252  1.150   8.359   1.000 12.115 ? 58  GLN AAA O   1 
ATOM   448  C  CB  . GLN A 1 58  ? 21.675  -1.230  6.550   1.000 14.175 ? 58  GLN AAA CB  1 
ATOM   449  C  CG  . GLN A 1 58  ? 22.808  -0.354  7.073   1.000 17.399 ? 58  GLN AAA CG  1 
ATOM   450  C  CD  . GLN A 1 58  ? 24.110  -0.618  6.379   1.000 25.629 ? 58  GLN AAA CD  1 
ATOM   451  O  OE1 . GLN A 1 58  ? 24.152  -1.235  5.312   1.000 36.170 ? 58  GLN AAA OE1 1 
ATOM   452  N  NE2 . GLN A 1 58  ? 25.169  -0.161  7.005   1.000 28.722 ? 58  GLN AAA NE2 1 
ATOM   453  N  N   . MET A 1 59  ? 19.446  1.004   6.269   1.000 11.872 ? 59  MET AAA N   1 
ATOM   454  C  CA  A MET A 1 59  ? 19.111  2.418   6.252   0.800 11.604 ? 59  MET AAA CA  1 
ATOM   455  C  CA  B MET A 1 59  ? 19.109  2.429   6.234   0.200 10.930 ? 59  MET AAA CA  1 
ATOM   456  C  C   . MET A 1 59  ? 18.023  2.728   7.290   1.000 10.562 ? 59  MET AAA C   1 
ATOM   457  O  O   . MET A 1 59  ? 18.028  3.789   7.908   1.000 11.741 ? 59  MET AAA O   1 
ATOM   458  C  CB  A MET A 1 59  ? 18.632  2.828   4.868   0.800 14.223 ? 59  MET AAA CB  1 
ATOM   459  C  CB  B MET A 1 59  ? 18.734  2.898   4.817   0.200 11.028 ? 59  MET AAA CB  1 
ATOM   460  C  CG  A MET A 1 59  ? 19.710  2.887   3.860   0.800 20.079 ? 59  MET AAA CG  1 
ATOM   461  C  CG  B MET A 1 59  ? 17.355  2.488   4.274   0.200 10.225 ? 59  MET AAA CG  1 
ATOM   462  S  SD  A MET A 1 59  ? 19.071  3.247   2.228   0.800 31.759 ? 59  MET AAA SD  1 
ATOM   463  S  SD  B MET A 1 59  ? 17.301  2.629   2.439   0.200 15.307 ? 59  MET AAA SD  1 
ATOM   464  C  CE  A MET A 1 59  ? 17.369  2.697   2.334   0.800 28.801 ? 59  MET AAA CE  1 
ATOM   465  C  CE  B MET A 1 59  ? 15.539  2.802   2.156   0.200 13.373 ? 59  MET AAA CE  1 
ATOM   466  N  N   . LEU A 1 60  ? 17.079  1.799   7.473   1.000 10.259 ? 60  LEU AAA N   1 
ATOM   467  C  CA  . LEU A 1 60  ? 16.086  1.966   8.521   1.000 10.528 ? 60  LEU AAA CA  1 
ATOM   468  C  C   . LEU A 1 60  ? 16.739  1.942   9.900   1.000 10.162 ? 60  LEU AAA C   1 
ATOM   469  O  O   . LEU A 1 60  ? 16.501  2.830   10.727  1.000 10.809 ? 60  LEU AAA O   1 
ATOM   470  C  CB  . LEU A 1 60  ? 14.989  0.899   8.453   1.000 11.099 ? 60  LEU AAA CB  1 
ATOM   471  C  CG  . LEU A 1 60  ? 14.151  0.863   7.175   1.000 12.728 ? 60  LEU AAA CG  1 
ATOM   472  C  CD1 . LEU A 1 60  ? 13.120  -0.241  7.283   1.000 14.870 ? 60  LEU AAA CD1 1 
ATOM   473  C  CD2 . LEU A 1 60  ? 13.477  2.183   6.887   1.000 13.828 ? 60  LEU AAA CD2 1 
ATOM   474  N  N   . GLU A 1 61  ? 17.579  0.955   10.173  1.000 10.278 ? 61  GLU AAA N   1 
ATOM   475  C  CA  . GLU A 1 61  ? 18.238  0.849   11.485  1.000 10.354 ? 61  GLU AAA CA  1 
ATOM   476  C  C   . GLU A 1 61  ? 19.027  2.113   11.823  1.000 10.125 ? 61  GLU AAA C   1 
ATOM   477  O  O   . GLU A 1 61  ? 19.041  2.549   12.986  1.000 10.509 ? 61  GLU AAA O   1 
ATOM   478  C  CB  . GLU A 1 61  ? 19.195  -0.338  11.491  1.000 11.330 ? 61  GLU AAA CB  1 
ATOM   479  C  CG  . GLU A 1 61  ? 18.489  -1.683  11.504  1.000 12.602 ? 61  GLU AAA CG  1 
ATOM   480  C  CD  . GLU A 1 61  ? 18.120  -2.269  12.841  1.000 11.596 ? 61  GLU AAA CD  1 
ATOM   481  O  OE1 . GLU A 1 61  ? 18.197  -1.536  13.860  1.000 11.275 ? 61  GLU AAA OE1 1 
ATOM   482  O  OE2 . GLU A 1 61  ? 17.784  -3.457  12.838  1.000 12.867 ? 61  GLU AAA OE2 1 
ATOM   483  N  N   . GLU A 1 62  ? 19.674  2.695   10.822  1.000 10.159 ? 62  GLU AAA N   1 
ATOM   484  C  CA  . GLU A 1 62  ? 20.546  3.845   11.015  1.000 10.867 ? 62  GLU AAA CA  1 
ATOM   485  C  C   . GLU A 1 62  ? 19.798  5.180   10.868  1.000 10.659 ? 62  GLU AAA C   1 
ATOM   486  O  O   . GLU A 1 62  ? 20.369  6.241   10.990  1.000 11.886 ? 62  GLU AAA O   1 
ATOM   487  C  CB  . GLU A 1 62  ? 21.746  3.753   10.059  1.000 11.778 ? 62  GLU AAA CB  1 
ATOM   488  C  CG  . GLU A 1 62  ? 22.627  2.529   10.343  1.000 13.454 ? 62  GLU AAA CG  1 
ATOM   489  C  CD  . GLU A 1 62  ? 23.834  2.385   9.473   1.000 16.470 ? 62  GLU AAA CD  1 
ATOM   490  O  OE1 . GLU A 1 62  ? 24.070  3.291   8.692   1.000 21.560 ? 62  GLU AAA OE1 1 
ATOM   491  O  OE2 . GLU A 1 62  ? 24.465  1.295   9.538   1.000 19.929 ? 62  GLU AAA OE2 1 
ATOM   492  N  N   . ASP A 1 63  ? 18.481  5.105   10.610  1.000 10.654 ? 63  ASP AAA N   1 
ATOM   493  C  CA  . ASP A 1 63  ? 17.676  6.289   10.350  1.000 10.364 ? 63  ASP AAA CA  1 
ATOM   494  C  C   . ASP A 1 63  ? 18.345  7.181   9.292   1.000 10.433 ? 63  ASP AAA C   1 
ATOM   495  O  O   . ASP A 1 63  ? 18.341  8.415   9.407   1.000 11.804 ? 63  ASP AAA O   1 
ATOM   496  C  CB  . ASP A 1 63  ? 17.363  7.067   11.645  1.000 10.954 ? 63  ASP AAA CB  1 
ATOM   497  C  CG  . ASP A 1 63  ? 16.353  8.191   11.492  1.000 10.836 ? 63  ASP AAA CG  1 
ATOM   498  O  OD1 . ASP A 1 63  ? 15.383  8.057   10.692  1.000 10.904 ? 63  ASP AAA OD1 1 
ATOM   499  O  OD2 . ASP A 1 63  ? 16.517  9.215   12.189  1.000 12.675 ? 63  ASP AAA OD2 1 
ATOM   500  N  N   . GLN A 1 64  ? 18.844  6.533   8.219   1.000 10.654 ? 64  GLN AAA N   1 
ATOM   501  C  CA  . GLN A 1 64  ? 19.463  7.248   7.119   1.000 11.944 ? 64  GLN AAA CA  1 
ATOM   502  C  C   . GLN A 1 64  ? 18.530  7.444   5.938   1.000 10.778 ? 64  GLN AAA C   1 
ATOM   503  O  O   . GLN A 1 64  ? 18.797  8.253   5.075   1.000 12.594 ? 64  GLN AAA O   1 
ATOM   504  C  CB  . GLN A 1 64  ? 20.711  6.498   6.676   1.000 14.239 ? 64  GLN AAA CB  1 
ATOM   505  C  CG  . GLN A 1 64  ? 21.905  6.742   7.594   1.000 18.889 ? 64  GLN AAA CG  1 
ATOM   506  C  CD  . GLN A 1 64  ? 22.422  8.150   7.474   1.000 24.521 ? 64  GLN AAA CD  1 
ATOM   507  O  OE1 . GLN A 1 64  ? 22.548  8.682   6.382   1.000 32.154 ? 64  GLN AAA OE1 1 
ATOM   508  N  NE2 . GLN A 1 64  ? 22.794  8.749   8.584   1.000 28.301 ? 64  GLN AAA NE2 1 
ATOM   509  N  N   . ALA A 1 65  ? 17.417  6.710   5.909   1.000 10.901 ? 65  ALA AAA N   1 
ATOM   510  C  CA  . ALA A 1 65  ? 16.398  6.870   4.880   1.000 11.794 ? 65  ALA AAA CA  1 
ATOM   511  C  C   . ALA A 1 65  ? 15.147  6.152   5.355   1.000 11.562 ? 65  ALA AAA C   1 
ATOM   512  O  O   . ALA A 1 65  ? 15.222  5.244   6.190   1.000 11.944 ? 65  ALA AAA O   1 
ATOM   513  C  CB  . ALA A 1 65  ? 16.833  6.266   3.555   1.000 12.244 ? 65  ALA AAA CB  1 
ATOM   514  N  N   . GLY A 1 66  ? 14.011  6.542   4.762   1.000 11.886 ? 66  GLY AAA N   1 
ATOM   515  C  CA  . GLY A 1 66  ? 12.862  5.675   4.689   1.000 12.670 ? 66  GLY AAA CA  1 
ATOM   516  C  C   . GLY A 1 66  ? 12.776  5.052   3.300   1.000 11.986 ? 66  GLY AAA C   1 
ATOM   517  O  O   . GLY A 1 66  ? 13.387  5.534   2.358   1.000 13.860 ? 66  GLY AAA O   1 
ATOM   518  N  N   . PHE A 1 67  ? 11.990  3.977   3.170   1.000 11.738 ? 67  PHE AAA N   1 
ATOM   519  C  CA  . PHE A 1 67  ? 11.663  3.426   1.882   1.000 11.241 ? 67  PHE AAA CA  1 
ATOM   520  C  C   . PHE A 1 67  ? 10.654  4.355   1.211   1.000 11.549 ? 67  PHE AAA C   1 
ATOM   521  O  O   . PHE A 1 67  ? 9.592   4.594   1.797   1.000 12.088 ? 67  PHE AAA O   1 
ATOM   522  C  CB  . PHE A 1 67  ? 11.145  2.006   2.020   1.000 13.641 ? 67  PHE AAA CB  1 
ATOM   523  C  CG  . PHE A 1 67  ? 11.128  1.194   0.744   1.000 13.657 ? 67  PHE AAA CG  1 
ATOM   524  C  CD1 . PHE A 1 67  ? 12.119  1.314   -0.224  1.000 15.170 ? 67  PHE AAA CD1 1 
ATOM   525  C  CD2 . PHE A 1 67  ? 10.160  0.232   0.574   1.000 15.507 ? 67  PHE AAA CD2 1 
ATOM   526  C  CE1 . PHE A 1 67  ? 12.129  0.476   -1.325  1.000 15.304 ? 67  PHE AAA CE1 1 
ATOM   527  C  CE2 . PHE A 1 67  ? 10.182  -0.604  -0.529  1.000 16.449 ? 67  PHE AAA CE2 1 
ATOM   528  C  CZ  . PHE A 1 67  ? 11.186  -0.484  -1.449  1.000 16.255 ? 67  PHE AAA CZ  1 
ATOM   529  N  N   . ARG A 1 68  ? 11.010  4.843   0.022   1.000 11.425 ? 68  ARG AAA N   1 
ATOM   530  C  CA  . ARG A 1 68  ? 10.140  5.796   -0.655  1.000 11.815 ? 68  ARG AAA CA  1 
ATOM   531  C  C   . ARG A 1 68  ? 9.509   5.080   -1.817  1.000 10.499 ? 68  ARG AAA C   1 
ATOM   532  O  O   . ARG A 1 68  ? 10.188  4.797   -2.811  1.000 12.483 ? 68  ARG AAA O   1 
ATOM   533  C  CB  . ARG A 1 68  ? 10.954  7.029   -1.007  1.000 14.304 ? 68  ARG AAA CB  1 
ATOM   534  C  CG  . ARG A 1 68  ? 11.409  7.690   0.304   1.000 19.566 ? 68  ARG AAA CG  1 
ATOM   535  C  CD  . ARG A 1 68  ? 12.001  9.030   0.254   1.000 25.027 ? 68  ARG AAA CD  1 
ATOM   536  N  NE  . ARG A 1 68  ? 13.194  8.996   -0.536  1.000 22.903 ? 68  ARG AAA NE  1 
ATOM   537  C  CZ  . ARG A 1 68  ? 14.448  8.851   -0.088  1.000 24.084 ? 68  ARG AAA CZ  1 
ATOM   538  N  NH1 . ARG A 1 68  ? 14.707  8.563   1.197   1.000 23.490 ? 68  ARG AAA NH1 1 
ATOM   539  N  NH2 . ARG A 1 68  ? 15.422  9.095   -0.948  1.000 31.151 ? 68  ARG AAA NH2 1 
ATOM   540  N  N   . ILE A 1 69  ? 8.248   4.710   -1.812  1.000 10.820 ? 69  ILE AAA N   1 
ATOM   541  C  CA  . ILE A 1 69  ? 7.663   3.867   -2.859  1.000 10.651 ? 69  ILE AAA CA  1 
ATOM   542  C  C   . ILE A 1 69  ? 6.786   4.765   -3.725  1.000 9.709  ? 69  ILE AAA C   1 
ATOM   543  O  O   . ILE A 1 69  ? 5.775   5.287   -3.212  1.000 9.812  ? 69  ILE AAA O   1 
ATOM   544  C  CB  . ILE A 1 69  ? 6.831   2.694   -2.297  1.000 12.520 ? 69  ILE AAA CB  1 
ATOM   545  C  CG1 . ILE A 1 69  ? 7.650   1.763   -1.423  1.000 13.109 ? 69  ILE AAA CG1 1 
ATOM   546  C  CG2 . ILE A 1 69  ? 6.174   1.935   -3.450  1.000 13.457 ? 69  ILE AAA CG2 1 
ATOM   547  C  CD1 . ILE A 1 69  ? 6.877   0.608   -0.882  1.000 14.146 ? 69  ILE AAA CD1 1 
ATOM   548  N  N   . PRO A 1 70  ? 7.045   4.887   -5.044  1.000 9.296  ? 70  PRO AAA N   1 
ATOM   549  C  CA  . PRO A 1 70  ? 6.077   5.522   -5.923  1.000 9.012  ? 70  PRO AAA CA  1 
ATOM   550  C  C   . PRO A 1 70  ? 4.800   4.686   -5.957  1.000 9.041  ? 70  PRO AAA C   1 
ATOM   551  O  O   . PRO A 1 70  ? 4.832   3.467   -6.162  1.000 9.712  ? 70  PRO AAA O   1 
ATOM   552  C  CB  . PRO A 1 70  ? 6.791   5.563   -7.284  1.000 9.664  ? 70  PRO AAA CB  1 
ATOM   553  C  CG  . PRO A 1 70  ? 8.260   5.440   -6.914  1.000 10.262 ? 70  PRO AAA CG  1 
ATOM   554  C  CD  . PRO A 1 70  ? 8.265   4.492   -5.739  1.000 10.180 ? 70  PRO AAA CD  1 
ATOM   555  N  N   . MET A 1 71  ? 3.664   5.365   -5.780  1.000 8.817  ? 71  MET AAA N   1 
ATOM   556  C  CA  . MET A 1 71  ? 2.405   4.674   -5.812  1.000 9.796  ? 71  MET AAA CA  1 
ATOM   557  C  C   . MET A 1 71  ? 1.325   5.666   -6.193  1.000 9.293  ? 71  MET AAA C   1 
ATOM   558  O  O   . MET A 1 71  ? 1.334   6.825   -5.777  1.000 9.891  ? 71  MET AAA O   1 
ATOM   559  C  CB  . MET A 1 71  ? 2.038   3.973   -4.523  1.000 13.036 ? 71  MET AAA CB  1 
ATOM   560  C  CG  . MET A 1 71  ? 2.156   4.780   -3.294  1.000 13.391 ? 71  MET AAA CG  1 
ATOM   561  S  SD  . MET A 1 71  ? 1.688   3.892   -1.769  1.000 13.649 ? 71  MET AAA SD  1 
ATOM   562  C  CE  . MET A 1 71  ? 2.670   2.439   -1.723  1.000 15.183 ? 71  MET AAA CE  1 
ATOM   563  N  N   . SER A 1 72  ? 0.341   5.177   -6.951  1.000 9.264  ? 72  SER AAA N   1 
ATOM   564  C  CA  . SER A 1 72  ? -0.866  5.965   -7.152  1.000 9.241  ? 72  SER AAA CA  1 
ATOM   565  C  C   . SER A 1 72  ? -1.790  5.731   -5.946  1.000 9.925  ? 72  SER AAA C   1 
ATOM   566  O  O   . SER A 1 72  ? -1.820  4.666   -5.353  1.000 11.672 ? 72  SER AAA O   1 
ATOM   567  C  CB  . SER A 1 72  ? -1.557  5.570   -8.453  1.000 11.399 ? 72  SER AAA CB  1 
ATOM   568  O  OG  . SER A 1 72  ? -1.877  4.202   -8.501  1.000 13.159 ? 72  SER AAA OG  1 
ATOM   569  N  N   . LEU A 1 73  ? -2.510  6.795   -5.580  1.000 9.764  ? 73  LEU AAA N   1 
ATOM   570  C  CA  . LEU A 1 73  ? -3.426  6.760   -4.421  1.000 10.022 ? 73  LEU AAA CA  1 
ATOM   571  C  C   . LEU A 1 73  ? -4.826  7.042   -4.956  1.000 10.851 ? 73  LEU AAA C   1 
ATOM   572  O  O   . LEU A 1 73  ? -5.252  8.186   -5.063  1.000 13.120 ? 73  LEU AAA O   1 
ATOM   573  C  CB  . LEU A 1 73  ? -2.981  7.765   -3.370  1.000 9.859  ? 73  LEU AAA CB  1 
ATOM   574  C  CG  . LEU A 1 73  ? -1.605  7.519   -2.758  1.000 10.362 ? 73  LEU AAA CG  1 
ATOM   575  C  CD1 . LEU A 1 73  ? -1.210  8.692   -1.887  1.000 11.417 ? 73  LEU AAA CD1 1 
ATOM   576  C  CD2 . LEU A 1 73  ? -1.510  6.204   -1.981  1.000 11.970 ? 73  LEU AAA CD2 1 
ATOM   577  N  N   . GLY A 1 74  ? -5.525  5.967   -5.349  1.000 11.262 ? 74  GLY AAA N   1 
ATOM   578  C  CA  . GLY A 1 74  ? -6.779  6.084   -6.069  1.000 12.649 ? 74  GLY AAA CA  1 
ATOM   579  C  C   . GLY A 1 74  ? -7.852  6.746   -5.246  1.000 12.541 ? 74  GLY AAA C   1 
ATOM   580  O  O   . GLY A 1 74  ? -7.873  6.680   -4.029  1.000 13.746 ? 74  GLY AAA O   1 
ATOM   581  N  N   . GLU A 1 75  ? -8.807  7.323   -5.968  1.000 14.665 ? 75  GLU AAA N   1 
ATOM   582  C  CA  . GLU A 1 75  ? -9.974  7.933   -5.339  1.000 15.141 ? 75  GLU AAA CA  1 
ATOM   583  C  C   . GLU A 1 75  ? -10.881 6.837   -4.790  1.000 14.536 ? 75  GLU AAA C   1 
ATOM   584  O  O   . GLU A 1 75  ? -10.959 5.721   -5.311  1.000 15.594 ? 75  GLU AAA O   1 
ATOM   585  C  CB  . GLU A 1 75  ? -10.709 8.823   -6.333  1.000 18.007 ? 75  GLU AAA CB  1 
ATOM   586  C  CG  . GLU A 1 75  ? -9.962  10.113  -6.628  1.000 21.795 ? 75  GLU AAA CG  1 
ATOM   587  C  CD  . GLU A 1 75  ? -10.064 11.221  -5.590  1.000 27.359 ? 75  GLU AAA CD  1 
ATOM   588  O  OE1 . GLU A 1 75  ? -11.056 11.242  -4.828  1.000 29.067 ? 75  GLU AAA OE1 1 
ATOM   589  O  OE2 . GLU A 1 75  ? -9.161  12.090  -5.571  1.000 30.451 ? 75  GLU AAA OE2 1 
ATOM   590  N  N   . PRO A 1 76  ? -11.620 7.135   -3.709  1.000 15.160 ? 76  PRO AAA N   1 
ATOM   591  C  CA  . PRO A 1 76  ? -12.482 6.118   -3.123  1.000 15.560 ? 76  PRO AAA CA  1 
ATOM   592  C  C   . PRO A 1 76  ? -13.533 5.600   -4.111  1.000 14.602 ? 76  PRO AAA C   1 
ATOM   593  O  O   . PRO A 1 76  ? -14.055 6.355   -4.944  1.000 17.252 ? 76  PRO AAA O   1 
ATOM   594  C  CB  . PRO A 1 76  ? -13.176 6.855   -1.960  1.000 16.131 ? 76  PRO AAA CB  1 
ATOM   595  C  CG  . PRO A 1 76  ? -13.100 8.322   -2.358  1.000 17.699 ? 76  PRO AAA CG  1 
ATOM   596  C  CD  . PRO A 1 76  ? -11.740 8.449   -3.039  1.000 16.686 ? 76  PRO AAA CD  1 
ATOM   597  N  N   . HIS A 1 77  ? -13.851 4.315   -3.975  1.000 14.573 ? 77  HIS AAA N   1 
ATOM   598  C  CA  . HIS A 1 77  ? -14.996 3.735   -4.663  1.000 14.952 ? 77  HIS AAA CA  1 
ATOM   599  C  C   . HIS A 1 77  ? -15.748 2.864   -3.662  1.000 14.454 ? 77  HIS AAA C   1 
ATOM   600  O  O   . HIS A 1 77  ? -15.151 2.075   -2.926  1.000 16.044 ? 77  HIS AAA O   1 
ATOM   601  C  CB  . HIS A 1 77  ? -14.591 3.011   -5.949  1.000 15.805 ? 77  HIS AAA CB  1 
ATOM   602  C  CG  . HIS A 1 77  ? -13.568 1.931   -5.845  1.000 15.191 ? 77  HIS AAA CG  1 
ATOM   603  N  ND1 . HIS A 1 77  ? -13.893 0.581   -5.845  1.000 15.841 ? 77  HIS AAA ND1 1 
ATOM   604  C  CD2 . HIS A 1 77  ? -12.211 1.987   -5.821  1.000 14.512 ? 77  HIS AAA CD2 1 
ATOM   605  C  CE1 . HIS A 1 77  ? -12.767 -0.124  -5.788  1.000 14.820 ? 77  HIS AAA CE1 1 
ATOM   606  N  NE2 . HIS A 1 77  ? -11.725 0.702   -5.793  1.000 14.999 ? 77  HIS AAA NE2 1 
ATOM   607  N  N   . ALA A 1 78  ? -17.056 3.048   -3.626  1.000 15.418 ? 78  ALA AAA N   1 
ATOM   608  C  CA  . ALA A 1 78  ? -17.883 2.305   -2.678  1.000 15.570 ? 78  ALA AAA CA  1 
ATOM   609  C  C   . ALA A 1 78  ? -18.115 0.885   -3.160  1.000 16.494 ? 78  ALA AAA C   1 
ATOM   610  O  O   . ALA A 1 78  ? -18.442 0.691   -4.311  1.000 18.142 ? 78  ALA AAA O   1 
ATOM   611  C  CB  . ALA A 1 78  ? -19.202 2.983   -2.536  1.000 17.992 ? 78  ALA AAA CB  1 
ATOM   612  N  N   . GLU A 1 79  ? -17.949 -0.096  -2.259  1.000 15.418 ? 79  GLU AAA N   1 
ATOM   613  C  CA  . GLU A 1 79  ? -18.131 -1.493  -2.557  1.000 15.368 ? 79  GLU AAA CA  1 
ATOM   614  C  C   . GLU A 1 79  ? -18.843 -2.182  -1.398  1.000 18.255 ? 79  GLU AAA C   1 
ATOM   615  O  O   . GLU A 1 79  ? -18.803 -1.709  -0.295  1.000 27.593 ? 79  GLU AAA O   1 
ATOM   616  C  CB  . GLU A 1 79  ? -16.783 -2.171  -2.778  1.000 17.705 ? 79  GLU AAA CB  1 
ATOM   617  C  CG  . GLU A 1 79  ? -15.965 -1.549  -3.886  1.000 17.284 ? 79  GLU AAA CG  1 
ATOM   618  C  CD  . GLU A 1 79  ? -16.583 -1.591  -5.280  1.000 19.063 ? 79  GLU AAA CD  1 
ATOM   619  O  OE1 . GLU A 1 79  ? -17.526 -2.388  -5.526  1.000 20.197 ? 79  GLU AAA OE1 1 
ATOM   620  O  OE2 . GLU A 1 79  ? -16.130 -0.796  -6.151  1.000 18.415 ? 79  GLU AAA OE2 1 
ATOM   621  N  N   . LEU A 1 80  ? -19.542 -3.282  -1.677  1.000 16.126 ? 80  LEU AAA N   1 
ATOM   622  C  CA  . LEU A 1 80  ? -20.215 -4.052  -0.654  1.000 16.918 ? 80  LEU AAA CA  1 
ATOM   623  C  C   . LEU A 1 80  ? -19.261 -5.099  -0.086  1.000 17.555 ? 80  LEU AAA C   1 
ATOM   624  O  O   . LEU A 1 80  ? -18.623 -5.805  -0.841  1.000 21.053 ? 80  LEU AAA O   1 
ATOM   625  C  CB  . LEU A 1 80  ? -21.446 -4.754  -1.223  1.000 18.000 ? 80  LEU AAA CB  1 
ATOM   626  C  CG  . LEU A 1 80  ? -22.572 -3.831  -1.663  1.000 18.658 ? 80  LEU AAA CG  1 
ATOM   627  C  CD1 . LEU A 1 80  ? -23.641 -4.656  -2.347  1.000 22.587 ? 80  LEU AAA CD1 1 
ATOM   628  C  CD2 . LEU A 1 80  ? -23.135 -3.041  -0.503  1.000 18.255 ? 80  LEU AAA CD2 1 
ATOM   629  N  N   . ASP A 1 81  ? -19.261 -5.234  1.237   1.000 17.181 ? 81  ASP AAA N   1 
ATOM   630  C  CA  . ASP A 1 81  ? -18.567 -6.311  1.923   1.000 19.829 ? 81  ASP AAA CA  1 
ATOM   631  C  C   . ASP A 1 81  ? -19.413 -7.580  1.860   1.000 20.371 ? 81  ASP AAA C   1 
ATOM   632  O  O   . ASP A 1 81  ? -20.534 -7.593  1.323   1.000 21.234 ? 81  ASP AAA O   1 
ATOM   633  C  CB  . ASP A 1 81  ? -18.171 -5.913  3.351   1.000 21.200 ? 81  ASP AAA CB  1 
ATOM   634  C  CG  . ASP A 1 81  ? -19.322 -5.759  4.336   1.000 21.966 ? 81  ASP AAA CG  1 
ATOM   635  O  OD1 . ASP A 1 81  ? -20.467 -6.096  3.971   1.000 22.008 ? 81  ASP AAA OD1 1 
ATOM   636  O  OD2 . ASP A 1 81  ? -19.055 -5.274  5.483   1.000 25.308 ? 81  ASP AAA OD2 1 
ATOM   637  N  N   . ALA A 1 82  ? -18.930 -8.650  2.504   1.000 23.827 ? 82  ALA AAA N   1 
ATOM   638  C  CA  . ALA A 1 82  ? -19.546 -9.937  2.368   1.000 27.156 ? 82  ALA AAA CA  1 
ATOM   639  C  C   . ALA A 1 82  ? -20.914 -9.938  3.056   1.000 27.677 ? 82  ALA AAA C   1 
ATOM   640  O  O   . ALA A 1 82  ? -21.735 -10.792 2.769   1.000 34.115 ? 82  ALA AAA O   1 
ATOM   641  C  CB  . ALA A 1 82  ? -18.649 -10.994 2.951   1.000 30.946 ? 82  ALA AAA CB  1 
ATOM   642  N  N   . LYS A 1 83  ? -21.141 -9.010  3.978   1.000 23.979 ? 83  LYS AAA N   1 
ATOM   643  C  CA  . LYS A 1 83  ? -22.392 -8.943  4.759   1.000 26.911 ? 83  LYS AAA CA  1 
ATOM   644  C  C   . LYS A 1 83  ? -23.416 -7.995  4.119   1.000 24.411 ? 83  LYS AAA C   1 
ATOM   645  O  O   . LYS A 1 83  ? -24.505 -7.826  4.646   1.000 28.843 ? 83  LYS AAA O   1 
ATOM   646  C  CB  . LYS A 1 83  ? -22.096 -8.503  6.200   1.000 31.709 ? 83  LYS AAA CB  1 
ATOM   647  C  CG  . LYS A 1 83  ? -21.338 -9.537  7.025   1.000 44.237 ? 83  LYS AAA CG  1 
ATOM   648  C  CD  . LYS A 1 83  ? -21.015 -9.092  8.437   1.000 54.799 ? 83  LYS AAA CD  1 
ATOM   649  C  CE  . LYS A 1 83  ? -20.275 -10.157 9.226   1.000 73.385 ? 83  LYS AAA CE  1 
ATOM   650  N  NZ  . LYS A 1 83  ? -19.932 -9.702  10.596  1.000 87.203 ? 83  LYS AAA NZ  1 
ATOM   651  N  N   . GLY A 1 84  ? -23.065 -7.411  2.989   1.000 23.255 ? 84  GLY AAA N   1 
ATOM   652  C  CA  . GLY A 1 84  ? -23.958 -6.543  2.220   1.000 22.118 ? 84  GLY AAA CA  1 
ATOM   653  C  C   . GLY A 1 84  ? -23.965 -5.103  2.677   1.000 20.395 ? 84  GLY AAA C   1 
ATOM   654  O  O   . GLY A 1 84  ? -24.952 -4.415  2.414   1.000 21.218 ? 84  GLY AAA O   1 
ATOM   655  N  N   . GLN A 1 85  ? -22.888 -4.631  3.307   1.000 21.555 ? 85  GLN AAA N   1 
ATOM   656  C  CA  . GLN A 1 85  ? -22.798 -3.258  3.739   1.000 22.100 ? 85  GLN AAA CA  1 
ATOM   657  C  C   . GLN A 1 85  ? -21.756 -2.509  2.915   1.000 19.055 ? 85  GLN AAA C   1 
ATOM   658  O  O   . GLN A 1 85  ? -20.701 -3.026  2.539   1.000 18.315 ? 85  GLN AAA O   1 
ATOM   659  C  CB  . GLN A 1 85  ? -22.353 -3.123  5.196   1.000 28.090 ? 85  GLN AAA CB  1 
ATOM   660  C  CG  . GLN A 1 85  ? -23.507 -2.852  6.138   1.000 31.451 ? 85  GLN AAA CG  1 
ATOM   661  C  CD  . GLN A 1 85  ? -24.148 -4.162  6.492   1.000 32.775 ? 85  GLN AAA CD  1 
ATOM   662  O  OE1 . GLN A 1 85  ? -23.467 -5.038  7.011   1.000 37.681 ? 85  GLN AAA OE1 1 
ATOM   663  N  NE2 . GLN A 1 85  ? -25.446 -4.282  6.235   1.000 40.979 ? 85  GLN AAA NE2 1 
ATOM   664  N  N   . GLY A 1 86  ? -22.050 -1.241  2.695   1.000 19.552 ? 86  GLY AAA N   1 
ATOM   665  C  CA  . GLY A 1 86  ? -21.159 -0.396  1.987   1.000 20.516 ? 86  GLY AAA CA  1 
ATOM   666  C  C   . GLY A 1 86  ? -19.867 -0.134  2.757   1.000 21.679 ? 86  GLY AAA C   1 
ATOM   667  O  O   . GLY A 1 86  ? -19.833 0.017   4.023   1.000 28.827 ? 86  GLY AAA O   1 
ATOM   668  N  N   . CYS A 1 87  ? -18.769 -0.159  2.003   1.000 16.299 ? 87  CYS AAA N   1 
ATOM   669  C  CA  A CYS A 1 87  ? -17.439 0.130   2.506   0.600 16.736 ? 87  CYS AAA CA  1 
ATOM   670  C  CA  B CYS A 1 87  ? -17.435 0.079   2.510   0.400 16.289 ? 87  CYS AAA CA  1 
ATOM   671  C  C   . CYS A 1 87  ? -16.698 0.956   1.486   1.000 15.233 ? 87  CYS AAA C   1 
ATOM   672  O  O   . CYS A 1 87  ? -17.127 1.091   0.380   1.000 20.600 ? 87  CYS AAA O   1 
ATOM   673  C  CB  A CYS A 1 87  ? -16.622 -1.128  2.685   0.600 17.942 ? 87  CYS AAA CB  1 
ATOM   674  C  CB  B CYS A 1 87  ? -16.751 -1.258  2.814   0.400 15.852 ? 87  CYS AAA CB  1 
ATOM   675  S  SG  A CYS A 1 87  ? -17.471 -2.238  3.804   0.600 21.784 ? 87  CYS AAA SG  1 
ATOM   676  S  SG  B CYS A 1 87  ? -16.609 -2.383  1.397   0.400 17.063 ? 87  CYS AAA SG  1 
ATOM   677  N  N   . THR A 1 88  ? -15.574 1.528   1.888   1.000 16.970 ? 88  THR AAA N   1 
ATOM   678  C  CA  . THR A 1 88  ? -14.794 2.325   0.989   1.000 15.568 ? 88  THR AAA CA  1 
ATOM   679  C  C   . THR A 1 88  ? -13.574 1.528   0.540   1.000 14.723 ? 88  THR AAA C   1 
ATOM   680  O  O   . THR A 1 88  ? -12.840 1.015   1.368   1.000 16.589 ? 88  THR AAA O   1 
ATOM   681  C  CB  . THR A 1 88  ? -14.344 3.617   1.664   1.000 16.863 ? 88  THR AAA CB  1 
ATOM   682  O  OG1 . THR A 1 88  ? -15.434 4.121   2.441   1.000 18.329 ? 88  THR AAA OG1 1 
ATOM   683  C  CG2 . THR A 1 88  ? -13.930 4.626   0.630   1.000 17.905 ? 88  THR AAA CG2 1 
ATOM   684  N  N   . ALA A 1 89  ? -13.361 1.494   -0.784  1.000 14.528 ? 89  ALA AAA N   1 
ATOM   685  C  CA  . ALA A 1 89  ? -12.164 0.848   -1.353  1.000 13.560 ? 89  ALA AAA CA  1 
ATOM   686  C  C   . ALA A 1 89  ? -11.301 1.922   -2.014  1.000 12.296 ? 89  ALA AAA C   1 
ATOM   687  O  O   . ALA A 1 89  ? -11.821 2.890   -2.572  1.000 13.765 ? 89  ALA AAA O   1 
ATOM   688  C  CB  . ALA A 1 89  ? -12.547 -0.211  -2.352  1.000 14.812 ? 89  ALA AAA CB  1 
ATOM   689  N  N   . TYR A 1 90  ? -9.982  1.688   -1.970  1.000 12.054 ? 90  TYR AAA N   1 
ATOM   690  C  CA  . TYR A 1 90  ? -9.015  2.549   -2.607  1.000 11.936 ? 90  TYR AAA CA  1 
ATOM   691  C  C   . TYR A 1 90  ? -8.020  1.668   -3.358  1.000 11.415 ? 90  TYR AAA C   1 
ATOM   692  O  O   . TYR A 1 90  ? -7.527  0.690   -2.792  1.000 12.578 ? 90  TYR AAA O   1 
ATOM   693  C  CB  . TYR A 1 90  ? -8.220  3.361   -1.578  1.000 12.254 ? 90  TYR AAA CB  1 
ATOM   694  C  CG  . TYR A 1 90  ? -9.032  4.241   -0.666  1.000 13.112 ? 90  TYR AAA CG  1 
ATOM   695  C  CD1 . TYR A 1 90  ? -9.573  3.768   0.518   1.000 13.731 ? 90  TYR AAA CD1 1 
ATOM   696  C  CD2 . TYR A 1 90  ? -9.265  5.575   -0.987  1.000 13.391 ? 90  TYR AAA CD2 1 
ATOM   697  C  CE1 . TYR A 1 90  ? -10.309 4.590   1.359   1.000 14.094 ? 90  TYR AAA CE1 1 
ATOM   698  C  CE2 . TYR A 1 90  ? -9.997  6.405   -0.158  1.000 13.731 ? 90  TYR AAA CE2 1 
ATOM   699  C  CZ  . TYR A 1 90  ? -10.518 5.912   1.026   1.000 13.323 ? 90  TYR AAA CZ  1 
ATOM   700  O  OH  . TYR A 1 90  ? -11.226 6.730   1.839   1.000 15.594 ? 90  TYR AAA OH  1 
ATOM   701  N  N   . ASP A 1 91  ? -7.706  2.049   -4.601  1.000 11.559 ? 91  ASP AAA N   1 
ATOM   702  C  CA  . ASP A 1 91  ? -6.759  1.298   -5.434  1.000 11.470 ? 91  ASP AAA CA  1 
ATOM   703  C  C   . ASP A 1 91  ? -5.411  2.001   -5.364  1.000 10.870 ? 91  ASP AAA C   1 
ATOM   704  O  O   . ASP A 1 91  ? -5.309  3.167   -5.740  1.000 11.612 ? 91  ASP AAA O   1 
ATOM   705  C  CB  . ASP A 1 91  ? -7.258  1.223   -6.876  1.000 12.699 ? 91  ASP AAA CB  1 
ATOM   706  C  CG  . ASP A 1 91  ? -8.644  0.639   -7.034  1.000 14.125 ? 91  ASP AAA CG  1 
ATOM   707  O  OD1 . ASP A 1 91  ? -9.146  0.008   -6.075  1.000 14.065 ? 91  ASP AAA OD1 1 
ATOM   708  O  OD2 . ASP A 1 91  ? -9.186  0.796   -8.154  1.000 17.281 ? 91  ASP AAA OD2 1 
ATOM   709  N  N   . VAL A 1 92  ? -4.396  1.261   -4.935  1.000 10.322 ? 92  VAL AAA N   1 
ATOM   710  C  CA  . VAL A 1 92  ? -3.050  1.794   -4.784  1.000 10.280 ? 92  VAL AAA CA  1 
ATOM   711  C  C   . VAL A 1 92  ? -2.132  0.943   -5.645  1.000 10.630 ? 92  VAL AAA C   1 
ATOM   712  O  O   . VAL A 1 92  ? -1.952  -0.250  -5.375  1.000 12.162 ? 92  VAL AAA O   1 
ATOM   713  C  CB  . VAL A 1 92  ? -2.628  1.722   -3.294  1.000 11.059 ? 92  VAL AAA CB  1 
ATOM   714  C  CG1 . VAL A 1 92  ? -1.183  2.124   -3.096  1.000 12.178 ? 92  VAL AAA CG1 1 
ATOM   715  C  CG2 . VAL A 1 92  ? -3.540  2.611   -2.454  1.000 11.601 ? 92  VAL AAA CG2 1 
ATOM   716  N  N   . ALA A 1 93  ? -1.570  1.560   -6.684  1.000 9.459  ? 93  ALA AAA N   1 
ATOM   717  C  CA  . ALA A 1 93  ? -0.732  0.801   -7.665  1.000 9.662  ? 93  ALA AAA CA  1 
ATOM   718  C  C   . ALA A 1 93  ? 0.730   1.137   -7.478  1.000 9.764  ? 93  ALA AAA C   1 
ATOM   719  O  O   . ALA A 1 93  ? 1.120   2.286   -7.365  1.000 10.130 ? 93  ALA AAA O   1 
ATOM   720  C  CB  . ALA A 1 93  ? -1.154  1.103   -9.073  1.000 10.907 ? 93  ALA AAA CB  1 
ATOM   721  N  N   . VAL A 1 94  ? 1.511   0.050   -7.480  1.000 9.417  ? 94  VAL AAA N   1 
ATOM   722  C  CA  . VAL A 1 94  ? 2.974   0.114   -7.478  1.000 9.054  ? 94  VAL AAA CA  1 
ATOM   723  C  C   . VAL A 1 94  ? 3.501   -0.397  -8.828  1.000 8.914  ? 94  VAL AAA C   1 
ATOM   724  O  O   . VAL A 1 94  ? 2.794   -1.012  -9.613  1.000 9.891  ? 94  VAL AAA O   1 
ATOM   725  C  CB  . VAL A 1 94  ? 3.545   -0.674  -6.278  1.000 9.751  ? 94  VAL AAA CB  1 
ATOM   726  C  CG1 . VAL A 1 94  ? 3.088   -0.092  -4.950  1.000 11.164 ? 94  VAL AAA CG1 1 
ATOM   727  C  CG2 . VAL A 1 94  ? 3.274   -2.161  -6.381  1.000 11.586 ? 94  VAL AAA CG2 1 
ATOM   728  N  N   . ASN A 1 95  ? 4.818   -0.242  -9.014  1.000 8.830  ? 95  ASN AAA N   1 
ATOM   729  C  CA  . ASN A 1 95  ? 5.466   -0.761  -10.199 1.000 9.035  ? 95  ASN AAA CA  1 
ATOM   730  C  C   . ASN A 1 95  ? 5.401   -2.285  -10.254 1.000 9.525  ? 95  ASN AAA C   1 
ATOM   731  O  O   . ASN A 1 95  ? 5.600   -2.956  -9.252  1.000 10.070 ? 95  ASN AAA O   1 
ATOM   732  C  CB  . ASN A 1 95  ? 6.918   -0.310  -10.224 1.000 9.314  ? 95  ASN AAA CB  1 
ATOM   733  C  CG  . ASN A 1 95  ? 7.718   -0.957  -11.332 1.000 9.333  ? 95  ASN AAA CG  1 
ATOM   734  O  OD1 . ASN A 1 95  ? 8.445   -1.930  -11.076 1.000 10.775 ? 95  ASN AAA OD1 1 
ATOM   735  N  ND2 . ASN A 1 95  ? 7.590   -0.433  -12.553 1.000 11.054 ? 95  ASN AAA ND2 1 
ATOM   736  N  N   . SER A 1 96  ? 5.199   -2.841  -11.461 1.000 9.704  ? 96  SER AAA N   1 
ATOM   737  C  CA  . SER A 1 96  ? 5.062   -4.294  -11.644 1.000 10.783 ? 96  SER AAA CA  1 
ATOM   738  C  C   . SER A 1 96  ? 6.345   -5.068  -11.289 1.000 11.451 ? 96  SER AAA C   1 
ATOM   739  O  O   . SER A 1 96  ? 6.245   -6.128  -10.690 1.000 11.554 ? 96  SER AAA O   1 
ATOM   740  C  CB  . SER A 1 96  ? 4.631   -4.627  -13.036 1.000 11.201 ? 96  SER AAA CB  1 
ATOM   741  O  OG  . SER A 1 96  ? 3.302   -4.154  -13.307 1.000 11.233 ? 96  SER AAA OG  1 
ATOM   742  N  N   . ASP A 1 97  ? 7.510   -4.583  -11.714 1.000 11.220 ? 97  ASP AAA N   1 
ATOM   743  C  CA  . ASP A 1 97  ? 8.769   -5.274  -11.351 1.000 12.112 ? 97  ASP AAA CA  1 
ATOM   744  C  C   . ASP A 1 97  ? 8.896   -5.328  -9.821  1.000 11.530 ? 97  ASP AAA C   1 
ATOM   745  O  O   . ASP A 1 97  ? 9.193   -6.367  -9.235  1.000 12.728 ? 97  ASP AAA O   1 
ATOM   746  C  CB  . ASP A 1 97  ? 9.957   -4.539  -11.963 1.000 12.917 ? 97  ASP AAA CB  1 
ATOM   747  C  CG  . ASP A 1 97  ? 11.249  -5.345  -12.098 1.000 16.936 ? 97  ASP AAA CG  1 
ATOM   748  O  OD1 . ASP A 1 97  ? 11.206  -6.557  -12.206 1.000 19.002 ? 97  ASP AAA OD1 1 
ATOM   749  O  OD2 . ASP A 1 97  ? 12.293  -4.737  -12.152 1.000 27.995 ? 97  ASP AAA OD2 1 
ATOM   750  N  N   . PHE A 1 98  ? 8.632   -4.196  -9.172  1.000 10.659 ? 98  PHE AAA N   1 
ATOM   751  C  CA  . PHE A 1 98  ? 8.681   -4.140  -7.717  1.000 10.891 ? 98  PHE AAA CA  1 
ATOM   752  C  C   . PHE A 1 98  ? 7.640   -5.087  -7.113  1.000 10.820 ? 98  PHE AAA C   1 
ATOM   753  O  O   . PHE A 1 98  ? 7.948   -5.784  -6.153  1.000 12.133 ? 98  PHE AAA O   1 
ATOM   754  C  CB  . PHE A 1 98  ? 8.496   -2.696  -7.250  1.000 11.304 ? 98  PHE AAA CB  1 
ATOM   755  C  CG  . PHE A 1 98  ? 8.364   -2.615  -5.759  1.000 11.954 ? 98  PHE AAA CG  1 
ATOM   756  C  CD1 . PHE A 1 98  ? 9.401   -2.974  -4.917  1.000 13.681 ? 98  PHE AAA CD1 1 
ATOM   757  C  CD2 . PHE A 1 98  ? 7.156   -2.258  -5.190  1.000 15.699 ? 98  PHE AAA CD2 1 
ATOM   758  C  CE1 . PHE A 1 98  ? 9.233   -2.957  -3.536  1.000 15.262 ? 98  PHE AAA CE1 1 
ATOM   759  C  CE2 . PHE A 1 98  ? 6.997   -2.221  -3.824  1.000 20.342 ? 98  PHE AAA CE2 1 
ATOM   760  C  CZ  . PHE A 1 98  ? 8.025   -2.584  -3.007  1.000 18.394 ? 98  PHE AAA CZ  1 
ATOM   761  N  N   . TYR A 1 99  ? 6.427   -5.137  -7.673  1.000 10.909 ? 99  TYR AAA N   1 
ATOM   762  C  CA  . TYR A 1 99  ? 5.424   -6.044  -7.153  1.000 11.304 ? 99  TYR AAA CA  1 
ATOM   763  C  C   . TYR A 1 99  ? 5.896   -7.496  -7.190  1.000 12.186 ? 99  TYR AAA C   1 
ATOM   764  O  O   . TYR A 1 99  ? 5.698   -8.269  -6.256  1.000 12.538 ? 99  TYR AAA O   1 
ATOM   765  C  CB  . TYR A 1 99  ? 4.119   -5.884  -7.930  1.000 11.841 ? 99  TYR AAA CB  1 
ATOM   766  C  CG  . TYR A 1 99  ? 2.988   -6.694  -7.344  1.000 11.220 ? 99  TYR AAA CG  1 
ATOM   767  C  CD1 . TYR A 1 99  ? 2.228   -6.221  -6.302  1.000 13.183 ? 99  TYR AAA CD1 1 
ATOM   768  C  CD2 . TYR A 1 99  ? 2.737   -7.985  -7.765  1.000 13.028 ? 99  TYR AAA CD2 1 
ATOM   769  C  CE1 . TYR A 1 99  ? 1.224   -6.979  -5.735  1.000 14.899 ? 99  TYR AAA CE1 1 
ATOM   770  C  CE2 . TYR A 1 99  ? 1.797   -8.783  -7.138  1.000 14.167 ? 99  TYR AAA CE2 1 
ATOM   771  C  CZ  . TYR A 1 99  ? 1.008   -8.266  -6.139  1.000 15.025 ? 99  TYR AAA CZ  1 
ATOM   772  O  OH  . TYR A 1 99  ? 0.068   -9.047  -5.514  1.000 18.539 ? 99  TYR AAA OH  1 
ATOM   773  N  N   . ARG A 1 100 ? 6.526   -7.867  -8.289  1.000 12.499 ? 100 ARG AAA N   1 
ATOM   774  C  CA  . ARG A 1 100 ? 7.033   -9.238  -8.448  1.000 14.710 ? 100 ARG AAA CA  1 
ATOM   775  C  C   . ARG A 1 100 ? 8.088   -9.531  -7.362  1.000 15.131 ? 100 ARG AAA C   1 
ATOM   776  O  O   . ARG A 1 100 ? 8.105   -10.634 -6.782  1.000 18.247 ? 100 ARG AAA O   1 
ATOM   777  C  CB  . ARG A 1 100 ? 7.530   -9.434  -9.883  1.000 16.989 ? 100 ARG AAA CB  1 
ATOM   778  C  CG  . ARG A 1 100 ? 6.416   -9.399  -10.922 1.000 26.490 ? 100 ARG AAA CG  1 
ATOM   779  C  CD  . ARG A 1 100 ? 5.291   -10.395 -10.741 1.000 33.336 ? 100 ARG AAA CD  1 
ATOM   780  N  NE  . ARG A 1 100 ? 4.302   -10.308 -11.808 1.000 38.541 ? 100 ARG AAA NE  1 
ATOM   781  C  CZ  . ARG A 1 100 ? 3.020   -10.594 -11.639 1.000 31.712 ? 100 ARG AAA CZ  1 
ATOM   782  N  NH1 . ARG A 1 100 ? 2.648   -11.133 -10.494 1.000 36.591 ? 100 ARG AAA NH1 1 
ATOM   783  N  NH2 . ARG A 1 100 ? 2.127   -10.342 -12.591 1.000 35.499 ? 100 ARG AAA NH2 1 
ATOM   784  N  N   . ARG A 1 101 ? 8.962   -8.549  -7.074  1.000 14.883 ? 101 ARG AAA N   1 
ATOM   785  C  CA  . ARG A 1 101 ? 9.907   -8.682  -5.969  1.000 15.939 ? 101 ARG AAA CA  1 
ATOM   786  C  C   . ARG A 1 101 ? 9.169   -8.813  -4.625  1.000 15.597 ? 101 ARG AAA C   1 
ATOM   787  O  O   . ARG A 1 101 ? 9.508   -9.663  -3.785  1.000 18.834 ? 101 ARG AAA O   1 
ATOM   788  C  CB  . ARG A 1 101 ? 10.862  -7.497  -6.020  1.000 19.852 ? 101 ARG AAA CB  1 
ATOM   789  C  CG  . ARG A 1 101 ? 12.078  -7.637  -5.168  1.000 25.993 ? 101 ARG AAA CG  1 
ATOM   790  C  CD  . ARG A 1 101 ? 12.913  -6.380  -5.304  1.000 28.617 ? 101 ARG AAA CD  1 
ATOM   791  N  NE  . ARG A 1 101 ? 13.872  -6.430  -4.212  1.000 29.785 ? 101 ARG AAA NE  1 
ATOM   792  C  CZ  . ARG A 1 101 ? 14.527  -5.382  -3.762  1.000 28.185 ? 101 ARG AAA CZ  1 
ATOM   793  N  NH1 . ARG A 1 101 ? 15.337  -5.512  -2.726  1.000 35.265 ? 101 ARG AAA NH1 1 
ATOM   794  N  NH2 . ARG A 1 101 ? 14.371  -4.217  -4.361  1.000 25.561 ? 101 ARG AAA NH2 1 
ATOM   795  N  N   . MET A 1 102 ? 8.134   -7.981  -4.437  1.000 13.828 ? 102 MET AAA N   1 
ATOM   796  C  CA  A MET A 1 102 ? 7.444   -8.007  -3.192  0.700 13.646 ? 102 MET AAA CA  1 
ATOM   797  C  CA  B MET A 1 102 ? 7.284   -7.959  -3.228  0.300 14.968 ? 102 MET AAA CA  1 
ATOM   798  C  C   . MET A 1 102 ? 6.722   -9.357  -2.962  1.000 15.554 ? 102 MET AAA C   1 
ATOM   799  O  O   . MET A 1 102 ? 6.568   -9.784  -1.823  1.000 16.549 ? 102 MET AAA O   1 
ATOM   800  C  CB  A MET A 1 102 ? 6.485   -6.823  -3.190  0.700 13.688 ? 102 MET AAA CB  1 
ATOM   801  C  CB  B MET A 1 102 ? 6.071   -7.037  -3.387  0.300 16.176 ? 102 MET AAA CB  1 
ATOM   802  C  CG  A MET A 1 102 ? 5.694   -6.685  -1.949  0.700 14.733 ? 102 MET AAA CG  1 
ATOM   803  C  CG  B MET A 1 102 ? 6.310   -5.593  -3.039  0.300 16.181 ? 102 MET AAA CG  1 
ATOM   804  S  SD  A MET A 1 102 ? 3.985   -6.412  -2.298  0.700 16.870 ? 102 MET AAA SD  1 
ATOM   805  S  SD  B MET A 1 102 ? 4.953   -4.536  -3.628  0.300 15.626 ? 102 MET AAA SD  1 
ATOM   806  C  CE  A MET A 1 102 ? 3.589   -8.058  -2.893  0.700 21.037 ? 102 MET AAA CE  1 
ATOM   807  C  CE  B MET A 1 102 ? 3.496   -5.438  -3.142  0.300 15.862 ? 102 MET AAA CE  1 
ATOM   808  N  N   . GLN A 1 103 ? 6.283   -10.038 -4.024  1.000 15.476 ? 103 GLN AAA N   1 
ATOM   809  C  CA  . GLN A 1 103 ? 5.711   -11.377 -3.892  1.000 16.820 ? 103 GLN AAA CA  1 
ATOM   810  C  C   . GLN A 1 103 ? 6.660   -12.354 -3.205  1.000 18.955 ? 103 GLN AAA C   1 
ATOM   811  O  O   . GLN A 1 103 ? 6.204   -13.379 -2.675  1.000 20.931 ? 103 GLN AAA O   1 
ATOM   812  C  CB  . GLN A 1 103 ? 5.294   -11.971 -5.233  1.000 16.934 ? 103 GLN AAA CB  1 
ATOM   813  C  CG  . GLN A 1 103 ? 4.088   -11.263 -5.798  1.000 18.436 ? 103 GLN AAA CG  1 
ATOM   814  C  CD  . GLN A 1 103 ? 3.701   -11.824 -7.149  1.000 20.287 ? 103 GLN AAA CD  1 
ATOM   815  O  OE1 . GLN A 1 103 ? 4.442   -11.719 -8.119  1.000 24.642 ? 103 GLN AAA OE1 1 
ATOM   816  N  NE2 . GLN A 1 103 ? 2.536   -12.436 -7.226  1.000 25.590 ? 103 GLN AAA NE2 1 
ATOM   817  N  N   . ASN A 1 104 ? 7.966   -12.104 -3.287  1.000 18.147 ? 104 ASN AAA N   1 
ATOM   818  C  CA  . ASN A 1 104 ? 8.927   -12.998 -2.726  1.000 21.150 ? 104 ASN AAA CA  1 
ATOM   819  C  C   . ASN A 1 104 ? 9.528   -12.423 -1.440  1.000 19.584 ? 104 ASN AAA C   1 
ATOM   820  O  O   . ASN A 1 104 ? 10.514  -12.980 -0.933  1.000 22.782 ? 104 ASN AAA O   1 
ATOM   821  C  CB  . ASN A 1 104 ? 10.016  -13.331 -3.751  1.000 25.037 ? 104 ASN AAA CB  1 
ATOM   822  C  CG  . ASN A 1 104 ? 9.496   -14.025 -4.997  1.000 33.154 ? 104 ASN AAA CG  1 
ATOM   823  O  OD1 . ASN A 1 104 ? 9.779   -13.611 -6.127  1.000 47.900 ? 104 ASN AAA OD1 1 
ATOM   824  N  ND2 . ASN A 1 104 ? 8.738   -15.086 -4.807  1.000 37.197 ? 104 ASN AAA ND2 1 
ATOM   825  N  N   . SER A 1 105 ? 8.929   -11.368 -0.866  1.000 17.368 ? 105 SER AAA N   1 
ATOM   826  C  CA  . SER A 1 105 ? 9.430   -10.769 0.351   1.000 17.386 ? 105 SER AAA CA  1 
ATOM   827  C  C   . SER A 1 105 ? 8.336   -10.262 1.287   1.000 14.947 ? 105 SER AAA C   1 
ATOM   828  O  O   . SER A 1 105 ? 7.736   -9.227  1.021   1.000 16.541 ? 105 SER AAA O   1 
ATOM   829  C  CB  . SER A 1 105 ? 10.388  -9.646  0.075   1.000 19.152 ? 105 SER AAA CB  1 
ATOM   830  O  OG  . SER A 1 105 ? 10.741  -8.993  1.294   1.000 20.023 ? 105 SER AAA OG  1 
ATOM   831  N  N   . ASP A 1 106 ? 8.219   -10.925 2.447   1.000 17.847 ? 106 ASP AAA N   1 
ATOM   832  C  CA  . ASP A 1 106 ? 7.391   -10.497 3.550   1.000 21.739 ? 106 ASP AAA CA  1 
ATOM   833  C  C   . ASP A 1 106 ? 7.730   -9.084  4.016   1.000 17.757 ? 106 ASP AAA C   1 
ATOM   834  O  O   . ASP A 1 106 ? 6.828   -8.313  4.476   1.000 18.676 ? 106 ASP AAA O   1 
ATOM   835  C  CB  . ASP A 1 106 ? 7.616   -11.473 4.741   1.000 24.424 ? 106 ASP AAA CB  1 
ATOM   836  C  CG  . ASP A 1 106 ? 7.141   -12.876 4.436   1.000 27.106 ? 106 ASP AAA CG  1 
ATOM   837  O  OD1 . ASP A 1 106 ? 6.106   -12.998 3.716   1.000 32.383 ? 106 ASP AAA OD1 1 
ATOM   838  O  OD2 . ASP A 1 106 ? 7.809   -13.841 4.881   1.000 25.374 ? 106 ASP AAA OD2 1 
ATOM   839  N  N   . PHE A 1 107 ? 9.020   -8.778  4.014   1.000 16.431 ? 107 PHE AAA N   1 
ATOM   840  C  CA  . PHE A 1 107 ? 9.501   -7.482  4.461   1.000 15.270 ? 107 PHE AAA CA  1 
ATOM   841  C  C   . PHE A 1 107 ? 9.019   -6.362  3.529   1.000 13.194 ? 107 PHE AAA C   1 
ATOM   842  O  O   . PHE A 1 107 ? 8.442   -5.392  3.970   1.000 13.686 ? 107 PHE AAA O   1 
ATOM   843  C  CB  . PHE A 1 107 ? 11.028  -7.543  4.536   1.000 16.591 ? 107 PHE AAA CB  1 
ATOM   844  C  CG  . PHE A 1 107 ? 11.737  -6.264  4.902   1.000 15.191 ? 107 PHE AAA CG  1 
ATOM   845  C  CD1 . PHE A 1 107 ? 11.259  -5.374  5.862   1.000 16.328 ? 107 PHE AAA CD1 1 
ATOM   846  C  CD2 . PHE A 1 107 ? 12.919  -5.953  4.267   1.000 18.007 ? 107 PHE AAA CD2 1 
ATOM   847  C  CE1 . PHE A 1 107 ? 11.998  -4.254  6.209   1.000 16.115 ? 107 PHE AAA CE1 1 
ATOM   848  C  CE2 . PHE A 1 107 ? 13.650  -4.839  4.615   1.000 17.786 ? 107 PHE AAA CE2 1 
ATOM   849  C  CZ  . PHE A 1 107 ? 13.184  -3.969  5.552   1.000 16.992 ? 107 PHE AAA CZ  1 
ATOM   850  N  N   . LEU A 1 108 ? 9.223   -6.571  2.222   1.000 13.117 ? 108 LEU AAA N   1 
ATOM   851  C  CA  . LEU A 1 108 ? 8.748   -5.573  1.281   1.000 12.646 ? 108 LEU AAA CA  1 
ATOM   852  C  C   . LEU A 1 108 ? 7.228   -5.443  1.308   1.000 12.465 ? 108 LEU AAA C   1 
ATOM   853  O  O   . LEU A 1 108 ? 6.699   -4.330  1.174   1.000 12.630 ? 108 LEU AAA O   1 
ATOM   854  C  CB  . LEU A 1 108 ? 9.239   -5.915  -0.129  1.000 13.504 ? 108 LEU AAA CB  1 
ATOM   855  C  CG  . LEU A 1 108 ? 10.752  -5.886  -0.320  1.000 15.162 ? 108 LEU AAA CG  1 
ATOM   856  C  CD1 . LEU A 1 108 ? 11.107  -6.247  -1.769  1.000 17.868 ? 108 LEU AAA CD1 1 
ATOM   857  C  CD2 . LEU A 1 108 ? 11.326  -4.530  -0.004  1.000 16.286 ? 108 LEU AAA CD2 1 
ATOM   858  N  N   . ARG A 1 109 ? 6.528   -6.563  1.474   1.000 12.617 ? 109 ARG AAA N   1 
ATOM   859  C  CA  A ARG A 1 109 ? 5.051   -6.540  1.531   0.600 14.133 ? 109 ARG AAA CA  1 
ATOM   860  C  CA  B ARG A 1 109 ? 5.051   -6.463  1.487   0.400 13.473 ? 109 ARG AAA CA  1 
ATOM   861  C  C   . ARG A 1 109 ? 4.592   -5.704  2.735   1.000 12.546 ? 109 ARG AAA C   1 
ATOM   862  O  O   . ARG A 1 109 ? 3.662   -4.876  2.634   1.000 13.054 ? 109 ARG AAA O   1 
ATOM   863  C  CB  A ARG A 1 109 ? 4.551   -7.987  1.586   0.600 15.378 ? 109 ARG AAA CB  1 
ATOM   864  C  CB  B ARG A 1 109 ? 4.325   -7.809  1.407   0.400 14.610 ? 109 ARG AAA CB  1 
ATOM   865  C  CG  A ARG A 1 109 ? 3.056   -8.164  1.356   0.600 18.521 ? 109 ARG AAA CG  1 
ATOM   866  C  CG  B ARG A 1 109 ? 2.808   -7.642  1.407   0.400 16.502 ? 109 ARG AAA CG  1 
ATOM   867  C  CD  A ARG A 1 109 ? 2.653   -9.506  0.770   0.600 24.329 ? 109 ARG AAA CD  1 
ATOM   868  C  CD  B ARG A 1 109 ? 2.017   -8.903  1.169   0.400 19.710 ? 109 ARG AAA CD  1 
ATOM   869  N  NE  A ARG A 1 109 ? 3.096   -10.676 1.498   0.600 38.602 ? 109 ARG AAA NE  1 
ATOM   870  N  NE  B ARG A 1 109 ? 2.793   -10.043 1.524   0.400 27.216 ? 109 ARG AAA NE  1 
ATOM   871  C  CZ  A ARG A 1 109 ? 4.221   -11.338 1.253   0.600 25.285 ? 109 ARG AAA CZ  1 
ATOM   872  C  CZ  B ARG A 1 109 ? 2.951   -10.487 2.758   0.400 33.038 ? 109 ARG AAA CZ  1 
ATOM   873  N  NH1 A ARG A 1 109 ? 4.718   -12.130 2.184   0.600 31.180 ? 109 ARG AAA NH1 1 
ATOM   874  N  NH1 B ARG A 1 109 ? 3.893   -11.382 3.018   0.400 32.793 ? 109 ARG AAA NH1 1 
ATOM   875  N  NH2 A ARG A 1 109 ? 4.863   -11.181 0.099   0.600 31.559 ? 109 ARG AAA NH2 1 
ATOM   876  N  NH2 B ARG A 1 109 ? 2.193   -10.020 3.725   0.400 33.257 ? 109 ARG AAA NH2 1 
ATOM   877  N  N   . LEU A 1 110 ? 5.215   -5.939  3.890   1.000 12.912 ? 110 LEU AAA N   1 
ATOM   878  C  CA  . LEU A 1 110 ? 4.840   -5.189  5.078   1.000 12.188 ? 110 LEU AAA CA  1 
ATOM   879  C  C   . LEU A 1 110 ? 5.060   -3.686  4.886   1.000 12.062 ? 110 LEU AAA C   1 
ATOM   880  O  O   . LEU A 1 110 ? 4.214   -2.848  5.248   1.000 13.215 ? 110 LEU AAA O   1 
ATOM   881  C  CB  . LEU A 1 110 ? 5.630   -5.694  6.275   1.000 14.202 ? 110 LEU AAA CB  1 
ATOM   882  C  CG  . LEU A 1 110 ? 5.377   -4.973  7.595   1.000 16.370 ? 110 LEU AAA CG  1 
ATOM   883  C  CD1 . LEU A 1 110 ? 3.911   -5.040  8.009   1.000 20.424 ? 110 LEU AAA CD1 1 
ATOM   884  C  CD2 . LEU A 1 110 ? 6.303   -5.534  8.666   1.000 19.510 ? 110 LEU AAA CD2 1 
ATOM   885  N  N   . LEU A 1 111 ? 6.202   -3.317  4.293   1.000 12.730 ? 111 LEU AAA N   1 
ATOM   886  C  CA  . LEU A 1 111 ? 6.452   -1.919  3.974   1.000 12.386 ? 111 LEU AAA CA  1 
ATOM   887  C  C   . LEU A 1 111 ? 5.380   -1.335  3.055   1.000 12.236 ? 111 LEU AAA C   1 
ATOM   888  O  O   . LEU A 1 111 ? 4.891   -0.239  3.314   1.000 12.949 ? 111 LEU AAA O   1 
ATOM   889  C  CB  . LEU A 1 111 ? 7.844   -1.780  3.350   1.000 11.849 ? 111 LEU AAA CB  1 
ATOM   890  C  CG  . LEU A 1 111 ? 9.002   -1.805  4.368   1.000 13.604 ? 111 LEU AAA CG  1 
ATOM   891  C  CD1 . LEU A 1 111 ? 10.292  -2.188  3.654   1.000 15.444 ? 111 LEU AAA CD1 1 
ATOM   892  C  CD2 . LEU A 1 111 ? 9.128   -0.455  5.066   1.000 15.707 ? 111 LEU AAA CD2 1 
ATOM   893  N  N   . VAL A 1 112 ? 5.044   -2.056  1.993   1.000 12.233 ? 112 VAL AAA N   1 
ATOM   894  C  CA  . VAL A 1 112 ? 4.042   -1.549  1.056   1.000 12.420 ? 112 VAL AAA CA  1 
ATOM   895  C  C   . VAL A 1 112 ? 2.717   -1.305  1.770   1.000 11.583 ? 112 VAL AAA C   1 
ATOM   896  O  O   . VAL A 1 112 ? 2.045   -0.294  1.513   1.000 12.215 ? 112 VAL AAA O   1 
ATOM   897  C  CB  . VAL A 1 112 ? 3.845   -2.504  -0.137  1.000 15.431 ? 112 VAL AAA CB  1 
ATOM   898  C  CG1 . VAL A 1 112 ? 2.590   -2.188  -0.921  1.000 20.745 ? 112 VAL AAA CG1 1 
ATOM   899  C  CG2 . VAL A 1 112 ? 5.049   -2.491  -1.016  1.000 19.450 ? 112 VAL AAA CG2 1 
ATOM   900  N  N   . ILE A 1 113 ? 2.312   -2.234  2.623   1.000 12.009 ? 113 ILE AAA N   1 
ATOM   901  C  CA  . ILE A 1 113 ? 1.038   -2.103  3.335   1.000 12.165 ? 113 ILE AAA CA  1 
ATOM   902  C  C   . ILE A 1 113 ? 1.075   -0.876  4.249   1.000 13.033 ? 113 ILE AAA C   1 
ATOM   903  O  O   . ILE A 1 113 ? 0.127   -0.074  4.253   1.000 13.465 ? 113 ILE AAA O   1 
ATOM   904  C  CB  . ILE A 1 113 ? 0.704   -3.398  4.079   1.000 13.681 ? 113 ILE AAA CB  1 
ATOM   905  C  CG1 . ILE A 1 113 ? 0.439   -4.541  3.093   1.000 15.318 ? 113 ILE AAA CG1 1 
ATOM   906  C  CG2 . ILE A 1 113 ? -0.465  -3.193  5.041   1.000 14.644 ? 113 ILE AAA CG2 1 
ATOM   907  C  CD1 . ILE A 1 113 ? 0.496   -5.965  3.741   1.000 16.915 ? 113 ILE AAA CD1 1 
ATOM   908  N  N   . ARG A 1 114 ? 2.152   -0.716  5.024   1.000 12.446 ? 114 ARG AAA N   1 
ATOM   909  C  CA  . ARG A 1 114 ? 2.241   0.431   5.927   1.000 13.328 ? 114 ARG AAA CA  1 
ATOM   910  C  C   . ARG A 1 114 ? 2.246   1.736   5.131   1.000 11.962 ? 114 ARG AAA C   1 
ATOM   911  O  O   . ARG A 1 114 ? 1.644   2.724   5.541   1.000 12.220 ? 114 ARG AAA O   1 
ATOM   912  C  CB  . ARG A 1 114 ? 3.507   0.353   6.794   1.000 15.273 ? 114 ARG AAA CB  1 
ATOM   913  C  CG  . ARG A 1 114 ? 3.585   -0.667  7.910   1.000 19.534 ? 114 ARG AAA CG  1 
ATOM   914  C  CD  . ARG A 1 114 ? 4.670   -0.213  8.984   1.000 21.187 ? 114 ARG AAA CD  1 
ATOM   915  N  NE  . ARG A 1 114 ? 4.119   0.673   10.072  1.000 21.453 ? 114 ARG AAA NE  1 
ATOM   916  C  CZ  . ARG A 1 114 ? 4.658   1.787   10.543  1.000 18.457 ? 114 ARG AAA CZ  1 
ATOM   917  N  NH1 . ARG A 1 114 ? 5.800   2.219   10.080  1.000 19.834 ? 114 ARG AAA NH1 1 
ATOM   918  N  NH2 . ARG A 1 114 ? 4.092   2.441   11.574  1.000 25.237 ? 114 ARG AAA NH2 1 
ATOM   919  N  N   . ILE A 1 115 ? 3.007   1.759   4.030   1.000 11.143 ? 115 ILE AAA N   1 
ATOM   920  C  CA  . ILE A 1 115 ? 3.167   2.973   3.232   1.000 10.554 ? 115 ILE AAA CA  1 
ATOM   921  C  C   . ILE A 1 115 ? 1.845   3.345   2.535   1.000 11.080 ? 115 ILE AAA C   1 
ATOM   922  O  O   . ILE A 1 115 ? 1.465   4.514   2.490   1.000 11.322 ? 115 ILE AAA O   1 
ATOM   923  C  CB  . ILE A 1 115 ? 4.371   2.827   2.272   1.000 10.896 ? 115 ILE AAA CB  1 
ATOM   924  C  CG1 . ILE A 1 115 ? 5.662   2.771   3.078   1.000 12.615 ? 115 ILE AAA CG1 1 
ATOM   925  C  CG2 . ILE A 1 115 ? 4.403   3.950   1.244   1.000 13.288 ? 115 ILE AAA CG2 1 
ATOM   926  C  CD1 . ILE A 1 115 ? 6.832   2.253   2.291   1.000 13.557 ? 115 ILE AAA CD1 1 
ATOM   927  N  N   . ALA A 1 116 ? 1.142   2.350   1.993   1.000 11.159 ? 116 ALA AAA N   1 
ATOM   928  C  CA  . ALA A 1 116 ? -0.153  2.598   1.362   1.000 11.172 ? 116 ALA AAA CA  1 
ATOM   929  C  C   . ALA A 1 116 ? -1.140  3.160   2.391   1.000 11.541 ? 116 ALA AAA C   1 
ATOM   930  O  O   . ALA A 1 116 ? -1.857  4.103   2.116   1.000 12.341 ? 116 ALA AAA O   1 
ATOM   931  C  CB  . ALA A 1 116 ? -0.684  1.315   0.772   1.000 11.854 ? 116 ALA AAA CB  1 
ATOM   932  N  N   . ARG A 1 117 ? -1.174  2.539   3.568   1.000 11.601 ? 117 ARG AAA N   1 
ATOM   933  C  CA  A ARG A 1 117 ? -2.022  3.044   4.657   0.600 12.046 ? 117 ARG AAA CA  1 
ATOM   934  C  CA  B ARG A 1 117 ? -2.031  3.046   4.643   0.400 12.588 ? 117 ARG AAA CA  1 
ATOM   935  C  C   . ARG A 1 117 ? -1.704  4.523   4.941   1.000 12.009 ? 117 ARG AAA C   1 
ATOM   936  O  O   . ARG A 1 117 ? -2.598  5.358   5.053   1.000 12.812 ? 117 ARG AAA O   1 
ATOM   937  C  CB  A ARG A 1 117 ? -1.897  2.174   5.918   0.600 12.741 ? 117 ARG AAA CB  1 
ATOM   938  C  CB  B ARG A 1 117 ? -1.939  2.144   5.881   0.400 15.147 ? 117 ARG AAA CB  1 
ATOM   939  C  CG  A ARG A 1 117 ? -2.547  0.814   5.804   0.600 13.349 ? 117 ARG AAA CG  1 
ATOM   940  C  CG  B ARG A 1 117 ? -2.699  0.839   5.735   0.400 19.771 ? 117 ARG AAA CG  1 
ATOM   941  C  CD  A ARG A 1 117 ? -2.160  -0.163  6.895   0.600 15.607 ? 117 ARG AAA CD  1 
ATOM   942  C  CD  B ARG A 1 117 ? -2.505  -0.124  6.886   0.400 24.453 ? 117 ARG AAA CD  1 
ATOM   943  N  NE  A ARG A 1 117 ? -2.411  0.334   8.238   0.600 16.563 ? 117 ARG AAA NE  1 
ATOM   944  N  NE  B ARG A 1 117 ? -1.962  0.515   8.070   0.400 26.072 ? 117 ARG AAA NE  1 
ATOM   945  C  CZ  A ARG A 1 117 ? -3.579  0.223   8.925   0.600 17.315 ? 117 ARG AAA CZ  1 
ATOM   946  C  CZ  B ARG A 1 117 ? -0.920  0.047   8.741   0.400 23.511 ? 117 ARG AAA CZ  1 
ATOM   947  N  NH1 A ARG A 1 117 ? -4.630  -0.413  8.428   0.600 23.003 ? 117 ARG AAA NH1 1 
ATOM   948  N  NH1 B ARG A 1 117 ? -0.327  0.775   9.676   0.400 32.428 ? 117 ARG AAA NH1 1 
ATOM   949  N  NH2 A ARG A 1 117 ? -3.704  0.800   10.103  0.600 24.858 ? 117 ARG AAA NH2 1 
ATOM   950  N  NH2 B ARG A 1 117 ? -0.455  -1.142  8.439   0.400 23.982 ? 117 ARG AAA NH2 1 
ATOM   951  N  N   . GLN A 1 118 ? -0.403  4.825   5.101   1.000 11.901 ? 118 GLN AAA N   1 
ATOM   952  C  CA  . GLN A 1 118 ? 0.003   6.179   5.415   1.000 11.617 ? 118 GLN AAA CA  1 
ATOM   953  C  C   . GLN A 1 118 ? -0.399  7.166   4.321   1.000 11.636 ? 118 GLN AAA C   1 
ATOM   954  O  O   . GLN A 1 118 ? -0.891  8.253   4.599   1.000 12.020 ? 118 GLN AAA O   1 
ATOM   955  C  CB  . GLN A 1 118 ? 1.513   6.175   5.666   1.000 12.823 ? 118 GLN AAA CB  1 
ATOM   956  C  CG  . GLN A 1 118 ? 2.056   7.548   6.017   1.000 12.667 ? 118 GLN AAA CG  1 
ATOM   957  C  CD  . GLN A 1 118 ? 3.524   7.469   6.335   1.000 12.959 ? 118 GLN AAA CD  1 
ATOM   958  O  OE1 . GLN A 1 118 ? 3.909   6.922   7.361   1.000 18.826 ? 118 GLN AAA OE1 1 
ATOM   959  N  NE2 . GLN A 1 118 ? 4.373   8.026   5.490   1.000 12.312 ? 118 GLN AAA NE2 1 
ATOM   960  N  N   . GLY A 1 119 ? -0.158  6.778   3.062   1.000 10.922 ? 119 GLY AAA N   1 
ATOM   961  C  CA  . GLY A 1 119 ? -0.512  7.659   1.963   1.000 11.012 ? 119 GLY AAA CA  1 
ATOM   962  C  C   . GLY A 1 119 ? -1.996  7.975   1.938   1.000 10.830 ? 119 GLY AAA C   1 
ATOM   963  O  O   . GLY A 1 119 ? -2.405  9.130   1.761   1.000 11.159 ? 119 GLY AAA O   1 
ATOM   964  N  N   . LEU A 1 120 ? -2.806  6.932   2.107   1.000 10.746 ? 120 LEU AAA N   1 
ATOM   965  C  CA  . LEU A 1 120 ? -4.283  7.150   2.099   1.000 11.236 ? 120 LEU AAA CA  1 
ATOM   966  C  C   . LEU A 1 120 ? -4.745  7.970   3.303   1.000 11.259 ? 120 LEU AAA C   1 
ATOM   967  O  O   . LEU A 1 120 ? -5.630  8.827   3.178   1.000 12.480 ? 120 LEU AAA O   1 
ATOM   968  C  CB  . LEU A 1 120 ? -5.007  5.805   2.067   1.000 11.720 ? 120 LEU AAA CB  1 
ATOM   969  C  CG  . LEU A 1 120 ? -4.793  4.973   0.790   1.000 11.925 ? 120 LEU AAA CG  1 
ATOM   970  C  CD1 . LEU A 1 120 ? -5.394  3.591   0.961   1.000 12.523 ? 120 LEU AAA CD1 1 
ATOM   971  C  CD2 . LEU A 1 120 ? -5.389  5.642   -0.440  1.000 12.112 ? 120 LEU AAA CD2 1 
ATOM   972  N  N   . GLU A 1 121 ? -4.151  7.713   4.461   1.000 11.725 ? 121 GLU AAA N   1 
ATOM   973  C  CA  . GLU A 1 121 ? -4.498  8.446   5.664   1.000 12.917 ? 121 GLU AAA CA  1 
ATOM   974  C  C   . GLU A 1 121 ? -4.292  9.946   5.441   1.000 13.457 ? 121 GLU AAA C   1 
ATOM   975  O  O   . GLU A 1 121 ? -5.172  10.768  5.763   1.000 14.323 ? 121 GLU AAA O   1 
ATOM   976  C  CB  . GLU A 1 121 ? -3.682  8.032   6.894   1.000 15.397 ? 121 GLU AAA CB  1 
ATOM   977  C  CG  . GLU A 1 121 ? -4.110  6.716   7.486   1.000 18.513 ? 121 GLU AAA CG  1 
ATOM   978  C  CD  . GLU A 1 121 ? -3.360  6.352   8.747   1.000 25.716 ? 121 GLU AAA CD  1 
ATOM   979  O  OE1 . GLU A 1 121 ? -2.161  6.630   8.791   1.000 32.936 ? 121 GLU AAA OE1 1 
ATOM   980  O  OE2 . GLU A 1 121 ? -4.003  5.835   9.678   1.000 33.051 ? 121 GLU AAA OE2 1 
ATOM   981  N  N   . TYR A 1 122 ? -3.137  10.334  4.908   1.000 12.259 ? 122 TYR AAA N   1 
ATOM   982  C  CA  . TYR A 1 122 ? -2.842  11.746  4.718   1.000 12.830 ? 122 TYR AAA CA  1 
ATOM   983  C  C   . TYR A 1 122 ? -3.577  12.342  3.526   1.000 13.957 ? 122 TYR AAA C   1 
ATOM   984  O  O   . TYR A 1 122 ? -4.000  13.475  3.586   1.000 18.423 ? 122 TYR AAA O   1 
ATOM   985  C  CB  . TYR A 1 122 ? -1.319  11.966  4.650   1.000 14.160 ? 122 TYR AAA CB  1 
ATOM   986  C  CG  . TYR A 1 122 ? -0.714  11.951  6.020   1.000 14.107 ? 122 TYR AAA CG  1 
ATOM   987  C  CD1 . TYR A 1 122 ? -0.797  13.081  6.820   1.000 16.210 ? 122 TYR AAA CD1 1 
ATOM   988  C  CD2 . TYR A 1 122 ? -0.174  10.815  6.572   1.000 15.360 ? 122 TYR AAA CD2 1 
ATOM   989  C  CE1 . TYR A 1 122 ? -0.285  13.091  8.105   1.000 17.784 ? 122 TYR AAA CE1 1 
ATOM   990  C  CE2 . TYR A 1 122 ? 0.332   10.810  7.865   1.000 16.597 ? 122 TYR AAA CE2 1 
ATOM   991  C  CZ  . TYR A 1 122 ? 0.284   11.953  8.641   1.000 17.894 ? 122 TYR AAA CZ  1 
ATOM   992  O  OH  . TYR A 1 122 ? 0.808   11.961  9.912   1.000 23.266 ? 122 TYR AAA OH  1 
ATOM   993  N  N   . LYS A 1 123 ? -3.736  11.583  2.447   1.000 12.194 ? 123 LYS AAA N   1 
ATOM   994  C  CA  . LYS A 1 123 ? -4.427  12.147  1.290   1.000 12.954 ? 123 LYS AAA CA  1 
ATOM   995  C  C   . LYS A 1 123 ? -5.912  12.402  1.608   1.000 13.067 ? 123 LYS AAA C   1 
ATOM   996  O  O   . LYS A 1 123 ? -6.456  13.442  1.190   1.000 15.060 ? 123 LYS AAA O   1 
ATOM   997  C  CB  . LYS A 1 123 ? -4.288  11.260  0.054   1.000 12.241 ? 123 LYS AAA CB  1 
ATOM   998  C  CG  . LYS A 1 123 ? -4.919  11.883  -1.165  1.000 12.412 ? 123 LYS AAA CG  1 
ATOM   999  C  CD  . LYS A 1 123 ? -4.616  11.151  -2.439  1.000 12.283 ? 123 LYS AAA CD  1 
ATOM   1000 C  CE  . LYS A 1 123 ? -5.324  11.759  -3.621  1.000 13.067 ? 123 LYS AAA CE  1 
ATOM   1001 N  NZ  . LYS A 1 123 ? -4.963  11.017  -4.852  1.000 12.836 ? 123 LYS AAA NZ  1 
ATOM   1002 N  N   . TYR A 1 124 ? -6.567  11.427  2.250   1.000 13.096 ? 124 TYR AAA N   1 
ATOM   1003 C  CA  . TYR A 1 124 ? -8.011  11.465  2.433   1.000 14.936 ? 124 TYR AAA CA  1 
ATOM   1004 C  C   . TYR A 1 124 ? -8.459  11.815  3.867   1.000 16.584 ? 124 TYR AAA C   1 
ATOM   1005 O  O   . TYR A 1 124 ? -9.663  11.800  4.161   1.000 18.565 ? 124 TYR AAA O   1 
ATOM   1006 C  CB  . TYR A 1 124 ? -8.636  10.160  1.946   1.000 15.760 ? 124 TYR AAA CB  1 
ATOM   1007 C  CG  . TYR A 1 124 ? -8.368  9.941   0.484   1.000 13.628 ? 124 TYR AAA CG  1 
ATOM   1008 C  CD1 . TYR A 1 124 ? -8.962  10.765  -0.476  1.000 15.333 ? 124 TYR AAA CD1 1 
ATOM   1009 C  CD2 . TYR A 1 124 ? -7.544  8.933   0.023   1.000 13.738 ? 124 TYR AAA CD2 1 
ATOM   1010 C  CE1 . TYR A 1 124 ? -8.700  10.631  -1.826  1.000 14.773 ? 124 TYR AAA CE1 1 
ATOM   1011 C  CE2 . TYR A 1 124 ? -7.287  8.763   -1.328  1.000 14.515 ? 124 TYR AAA CE2 1 
ATOM   1012 C  CZ  . TYR A 1 124 ? -7.862  9.616   -2.261  1.000 14.465 ? 124 TYR AAA CZ  1 
ATOM   1013 O  OH  . TYR A 1 124 ? -7.615  9.501   -3.605  1.000 15.647 ? 124 TYR AAA OH  1 
ATOM   1014 N  N   . ASP A 1 125 ? -7.502  12.138  4.732   1.000 15.949 ? 125 ASP AAA N   1 
ATOM   1015 C  CA  . ASP A 1 125 ? -7.784  12.520  6.119   1.000 18.986 ? 125 ASP AAA CA  1 
ATOM   1016 C  C   . ASP A 1 125 ? -8.549  11.385  6.809   1.000 19.042 ? 125 ASP AAA C   1 
ATOM   1017 O  O   . ASP A 1 125 ? -9.654  11.583  7.370   1.000 22.347 ? 125 ASP AAA O   1 
ATOM   1018 C  CB  . ASP A 1 125 ? -8.506  13.872  6.224   1.000 22.458 ? 125 ASP AAA CB  1 
ATOM   1019 C  CG  . ASP A 1 125 ? -8.596  14.412  7.649   1.000 27.416 ? 125 ASP AAA CG  1 
ATOM   1020 O  OD1 . ASP A 1 125 ? -7.741  14.014  8.492   1.000 30.798 ? 125 ASP AAA OD1 1 
ATOM   1021 O  OD2 . ASP A 1 125 ? -9.529  15.216  7.924   1.000 32.333 ? 125 ASP AAA OD2 1 
ATOM   1022 N  N   . LEU A 1 126 ? -7.870  10.227  6.835   1.000 17.742 ? 126 LEU AAA N   1 
ATOM   1023 C  CA  . LEU A 1 126 ? -8.398  9.018   7.489   1.000 18.913 ? 126 LEU AAA CA  1 
ATOM   1024 C  C   . LEU A 1 126 ? -7.554  8.680   8.706   1.000 24.108 ? 126 LEU AAA C   1 
ATOM   1025 O  O   . LEU A 1 126 ? -6.356  8.992   8.761   1.000 22.416 ? 126 LEU AAA O   1 
ATOM   1026 C  CB  . LEU A 1 126 ? -8.366  7.813   6.540   1.000 17.807 ? 126 LEU AAA CB  1 
ATOM   1027 C  CG  . LEU A 1 126 ? -8.849  8.028   5.112   1.000 17.560 ? 126 LEU AAA CG  1 
ATOM   1028 C  CD1 . LEU A 1 126 ? -8.648  6.755   4.296   1.000 17.810 ? 126 LEU AAA CD1 1 
ATOM   1029 C  CD2 . LEU A 1 126 ? -10.297 8.503   5.042   1.000 20.402 ? 126 LEU AAA CD2 1 
ATOM   1030 N  N   . ARG A 1 127 ? -8.187  8.036   9.665   1.000 30.130 ? 127 ARG AAA N   1 
ATOM   1031 C  CA  . ARG A 1 127 ? -7.556  7.462   10.812  1.000 31.500 ? 127 ARG AAA CA  1 
ATOM   1032 C  C   . ARG A 1 127 ? -7.876  5.975   10.769  1.000 31.840 ? 127 ARG AAA C   1 
ATOM   1033 O  O   . ARG A 1 127 ? -8.953  5.554   11.206  1.000 31.670 ? 127 ARG AAA O   1 
ATOM   1034 C  CB  . ARG A 1 127 ? -8.085  8.100   12.101  1.000 31.960 ? 127 ARG AAA CB  1 
ATOM   1035 C  CG  . ARG A 1 127 ? -7.669  9.549   12.306  1.000 32.980 ? 127 ARG AAA CG  1 
ATOM   1036 C  CD  . ARG A 1 127 ? -7.724  9.951   13.772  0.600 33.060 ? 127 ARG AAA CD  1 
ATOM   1037 N  NE  . ARG A 1 127 ? -9.088  10.146  14.250  0.600 33.380 ? 127 ARG AAA NE  1 
ATOM   1038 C  CZ  . ARG A 1 127 ? -9.796  9.257   14.948  0.600 33.490 ? 127 ARG AAA CZ  1 
ATOM   1039 N  NH1 . ARG A 1 127 ? -9.267  8.095   15.296  0.600 33.340 ? 127 ARG AAA NH1 1 
ATOM   1040 N  NH2 . ARG A 1 127 ? -11.040 9.537   15.295  0.600 33.700 ? 127 ARG AAA NH2 1 
ATOM   1041 N  N   . LEU A 1 128 ? -6.959  5.203   10.184  1.000 30.830 ? 128 LEU AAA N   1 
ATOM   1042 C  CA  . LEU A 1 128 ? -7.160  3.801   10.098  1.000 31.870 ? 128 LEU AAA CA  1 
ATOM   1043 C  C   . LEU A 1 128 ? -6.830  3.211   11.463  1.000 32.600 ? 128 LEU AAA C   1 
ATOM   1044 O  O   . LEU A 1 128 ? -5.836  3.591   12.090  1.000 33.070 ? 128 LEU AAA O   1 
ATOM   1045 C  CB  . LEU A 1 128 ? -6.267  3.212   9.005   1.000 30.160 ? 128 LEU AAA CB  1 
ATOM   1046 C  CG  . LEU A 1 128 ? -6.463  3.823   7.618   1.000 30.770 ? 128 LEU AAA CG  1 
ATOM   1047 C  CD1 . LEU A 1 128 ? -5.472  3.250   6.627   1.000 31.850 ? 128 LEU AAA CD1 1 
ATOM   1048 C  CD2 . LEU A 1 128 ? -7.885  3.602   7.121   1.000 29.810 ? 128 LEU AAA CD2 1 
ATOM   1049 N  N   . ALA A 1 129 ? -7.701  2.308   11.908  1.000 32.620 ? 129 ALA AAA N   1 
ATOM   1050 C  CA  . ALA A 1 129 ? -7.515  1.615   13.145  1.000 32.270 ? 129 ALA AAA CA  1 
ATOM   1051 C  C   . ALA A 1 129 ? -6.341  0.659   12.986  1.000 31.830 ? 129 ALA AAA C   1 
ATOM   1052 O  O   . ALA A 1 129 ? -5.997  0.231   11.881  1.000 30.560 ? 129 ALA AAA O   1 
ATOM   1053 C  CB  . ALA A 1 129 ? -8.779  0.889   13.523  1.000 32.350 ? 129 ALA AAA CB  1 
ATOM   1054 N  N   . PRO A 1 130 ? -5.637  0.318   14.082  1.000 33.000 ? 130 PRO AAA N   1 
ATOM   1055 C  CA  . PRO A 1 130 ? -4.450  -0.526  13.968  1.000 33.230 ? 130 PRO AAA CA  1 
ATOM   1056 C  C   . PRO A 1 130 ? -4.641  -1.872  13.263  1.000 33.410 ? 130 PRO AAA C   1 
ATOM   1057 O  O   . PRO A 1 130 ? -3.785  -2.212  12.443  1.000 32.830 ? 130 PRO AAA O   1 
ATOM   1058 C  CB  . PRO A 1 130 ? -3.982  -0.676  15.424  1.000 33.240 ? 130 PRO AAA CB  1 
ATOM   1059 C  CG  . PRO A 1 130 ? -4.485  0.581   16.094  1.000 33.690 ? 130 PRO AAA CG  1 
ATOM   1060 C  CD  . PRO A 1 130 ? -5.837  0.829   15.449  1.000 33.650 ? 130 PRO AAA CD  1 
ATOM   1061 N  N   . PRO A 1 131 ? -5.727  -2.680  13.511  1.000 32.091 ? 131 PRO AAA N   1 
ATOM   1062 C  CA  . PRO A 1 131 ? -5.824  -4.018  12.894  1.000 33.130 ? 131 PRO AAA CA  1 
ATOM   1063 C  C   . PRO A 1 131 ? -6.094  -4.057  11.377  1.000 27.503 ? 131 PRO AAA C   1 
ATOM   1064 O  O   . PRO A 1 131 ? -6.932  -3.323  10.888  1.000 30.672 ? 131 PRO AAA O   1 
ATOM   1065 C  CB  . PRO A 1 131 ? -7.033  -4.671  13.593  1.000 38.123 ? 131 PRO AAA CB  1 
ATOM   1066 C  CG  . PRO A 1 131 ? -7.197  -3.835  14.837  1.000 40.960 ? 131 PRO AAA CG  1 
ATOM   1067 C  CD  . PRO A 1 131 ? -6.863  -2.420  14.406  1.000 42.202 ? 131 PRO AAA CD  1 
ATOM   1068 N  N   . TRP A 1 132 ? -5.390  -4.943  10.661  1.000 24.011 ? 132 TRP AAA N   1 
ATOM   1069 C  CA  . TRP A 1 132 ? -5.664  -5.186  9.231   1.000 22.371 ? 132 TRP AAA CA  1 
ATOM   1070 C  C   . TRP A 1 132 ? -5.378  -6.655  8.906   1.000 26.308 ? 132 TRP AAA C   1 
ATOM   1071 O  O   . TRP A 1 132 ? -4.647  -7.335  9.649   1.000 26.845 ? 132 TRP AAA O   1 
ATOM   1072 C  CB  . TRP A 1 132 ? -4.904  -4.198  8.330   1.000 28.193 ? 132 TRP AAA CB  1 
ATOM   1073 C  CG  . TRP A 1 132 ? -3.428  -4.163  8.586   1.000 24.124 ? 132 TRP AAA CG  1 
ATOM   1074 C  CD1 . TRP A 1 132 ? -2.733  -3.253  9.334   1.000 26.014 ? 132 TRP AAA CD1 1 
ATOM   1075 C  CD2 . TRP A 1 132 ? -2.453  -5.055  8.035   1.000 24.174 ? 132 TRP AAA CD2 1 
ATOM   1076 N  NE1 . TRP A 1 132 ? -1.389  -3.528  9.298   1.000 27.951 ? 132 TRP AAA NE1 1 
ATOM   1077 C  CE2 . TRP A 1 132 ? -1.191  -4.652  8.535   1.000 27.440 ? 132 TRP AAA CE2 1 
ATOM   1078 C  CE3 . TRP A 1 132 ? -2.518  -6.196  7.226   1.000 26.722 ? 132 TRP AAA CE3 1 
ATOM   1079 C  CZ2 . TRP A 1 132 ? -0.015  -5.336  8.243   1.000 27.806 ? 132 TRP AAA CZ2 1 
ATOM   1080 C  CZ3 . TRP A 1 132 ? -1.340  -6.852  6.912   1.000 28.040 ? 132 TRP AAA CZ3 1 
ATOM   1081 C  CH2 . TRP A 1 132 ? -0.113  -6.437  7.425   1.000 27.951 ? 132 TRP AAA CH2 1 
ATOM   1082 N  N   . ASP A 1 133 ? -5.988  -7.126  7.814   1.000 24.408 ? 133 ASP AAA N   1 
ATOM   1083 C  CA  . ASP A 1 133 ? -5.998  -8.518  7.379   1.000 27.382 ? 133 ASP AAA CA  1 
ATOM   1084 C  C   . ASP A 1 133 ? -5.940  -8.594  5.855   1.000 25.150 ? 133 ASP AAA C   1 
ATOM   1085 O  O   . ASP A 1 133 ? -6.639  -7.879  5.149   1.000 24.692 ? 133 ASP AAA O   1 
ATOM   1086 C  CB  . ASP A 1 133 ? -7.255  -9.257  7.845   1.000 32.957 ? 133 ASP AAA CB  1 
ATOM   1087 C  CG  . ASP A 1 133 ? -7.287  -9.433  9.351   1.000 40.721 ? 133 ASP AAA CG  1 
ATOM   1088 O  OD1 . ASP A 1 133 ? -6.488  -10.256 9.859   1.000 55.001 ? 133 ASP AAA OD1 1 
ATOM   1089 O  OD2 . ASP A 1 133 ? -8.065  -8.706  10.011  1.000 45.169 ? 133 ASP AAA OD2 1 
ATOM   1090 N  N   . MET A 1 134 ? -5.042  -9.445  5.364   1.000 28.503 ? 134 MET AAA N   1 
ATOM   1091 C  CA  A MET A 1 134 ? -4.954  -9.905  4.012   0.500 30.288 ? 134 MET AAA CA  1 
ATOM   1092 C  CA  B MET A 1 134 ? -5.032  -9.748  3.953   0.500 27.185 ? 134 MET AAA CA  1 
ATOM   1093 C  C   . MET A 1 134 ? -6.224  -10.663 3.645   1.000 29.369 ? 134 MET AAA C   1 
ATOM   1094 O  O   . MET A 1 134 ? -6.509  -11.681 4.307   1.000 38.749 ? 134 MET AAA O   1 
ATOM   1095 C  CB  A MET A 1 134 ? -3.807  -10.916 3.930   0.500 33.012 ? 134 MET AAA CB  1 
ATOM   1096 C  CB  B MET A 1 134 ? -3.721  -10.407 3.500   0.500 31.470 ? 134 MET AAA CB  1 
ATOM   1097 C  CG  A MET A 1 134 ? -3.636  -11.463 2.564   0.500 29.954 ? 134 MET AAA CG  1 
ATOM   1098 C  CG  B MET A 1 134 ? -2.546  -9.443  3.398   0.500 33.251 ? 134 MET AAA CG  1 
ATOM   1099 S  SD  A MET A 1 134 ? -3.108  -10.105 1.523   0.500 30.864 ? 134 MET AAA SD  1 
ATOM   1100 S  SD  B MET A 1 134 ? -1.215  -10.040 2.305   0.500 41.966 ? 134 MET AAA SD  1 
ATOM   1101 C  CE  A MET A 1 134 ? -1.369  -10.498 1.327   0.500 31.696 ? 134 MET AAA CE  1 
ATOM   1102 C  CE  B MET A 1 134 ? -2.191  -11.119 1.253   0.500 26.543 ? 134 MET AAA CE  1 
ATOM   1103 N  N   . MET A 1 135 ? -6.932  -10.292 2.584   1.000 28.717 ? 135 MET AAA N   1 
ATOM   1104 C  CA  A MET A 1 135 ? -8.070  -11.097 2.111   0.600 31.154 ? 135 MET AAA CA  1 
ATOM   1105 C  CA  B MET A 1 135 ? -8.035  -11.103 2.131   0.400 32.443 ? 135 MET AAA CA  1 
ATOM   1106 C  C   . MET A 1 135 ? -7.493  -12.314 1.377   1.000 33.625 ? 135 MET AAA C   1 
ATOM   1107 O  O   . MET A 1 135 ? -6.674  -12.178 0.501   1.000 37.947 ? 135 MET AAA O   1 
ATOM   1108 C  CB  A MET A 1 135 ? -9.017  -10.310 1.194   0.600 28.888 ? 135 MET AAA CB  1 
ATOM   1109 C  CB  B MET A 1 135 ? -8.939  -10.273 1.235   0.400 34.165 ? 135 MET AAA CB  1 
ATOM   1110 C  CG  A MET A 1 135 ? -9.655  -9.071  1.845   0.600 28.422 ? 135 MET AAA CG  1 
ATOM   1111 C  CG  B MET A 1 135 ? -9.398  -9.050  1.956   0.400 38.413 ? 135 MET AAA CG  1 
ATOM   1112 S  SD  A MET A 1 135 ? -10.942 -9.409  3.078   0.600 30.777 ? 135 MET AAA SD  1 
ATOM   1113 S  SD  B MET A 1 135 ? -10.818 -8.435  1.128   0.400 36.631 ? 135 MET AAA SD  1 
ATOM   1114 C  CE  A MET A 1 135 ? -12.295 -9.798  1.974   0.600 42.858 ? 135 MET AAA CE  1 
ATOM   1115 C  CE  B MET A 1 135 ? -12.008 -9.719  1.515   0.400 40.086 ? 135 MET AAA CE  1 
ATOM   1116 N  N   . LYS A 1 136 ? -7.918  -13.502 1.810   1.000 36.891 ? 136 LYS AAA N   1 
ATOM   1117 C  CA  . LYS A 1 136 ? -7.351  -14.756 1.367   1.000 38.936 ? 136 LYS AAA CA  1 
ATOM   1118 C  C   . LYS A 1 136 ? -7.872  -15.110 -0.026  1.000 46.440 ? 136 LYS AAA C   1 
ATOM   1119 O  O   . LYS A 1 136 ? -7.122  -15.633 -0.851  1.000 56.688 ? 136 LYS AAA O   1 
ATOM   1120 C  CB  . LYS A 1 136 ? -7.725  -15.869 2.351   1.000 43.642 ? 136 LYS AAA CB  1 
ATOM   1121 C  CG  . LYS A 1 136 ? -7.081  -15.799 3.726   0.300 42.005 ? 136 LYS AAA CG  1 
ATOM   1122 C  CD  . LYS A 1 136 ? -7.679  -16.823 4.672   0.300 41.415 ? 136 LYS AAA CD  1 
ATOM   1123 C  CE  . LYS A 1 136 ? -6.757  -17.232 5.797   0.300 46.458 ? 136 LYS AAA CE  1 
ATOM   1124 N  NZ  . LYS A 1 136 ? -7.209  -18.495 6.426   0.300 49.598 ? 136 LYS AAA NZ  1 
ATOM   1125 N  N   . ASN A 1 137 ? -9.166  -14.866 -0.263  1.000 40.889 ? 137 ASN AAA N   1 
ATOM   1126 C  CA  . ASN A 1 137 ? -9.841  -15.436 -1.440  1.000 52.377 ? 137 ASN AAA CA  1 
ATOM   1127 C  C   . ASN A 1 137 ? -10.342 -14.344 -2.391  1.000 46.856 ? 137 ASN AAA C   1 
ATOM   1128 O  O   . ASN A 1 137 ? -11.220 -14.585 -3.205  1.000 44.392 ? 137 ASN AAA O   1 
ATOM   1129 C  CB  . ASN A 1 137 ? -10.998 -16.341 -1.019  0.500 54.278 ? 137 ASN AAA CB  1 
ATOM   1130 C  CG  . ASN A 1 137 ? -10.527 -17.463 -0.122  0.500 54.135 ? 137 ASN AAA CG  1 
ATOM   1131 O  OD1 . ASN A 1 137 ? -11.011 -17.615 0.996   0.500 53.935 ? 137 ASN AAA OD1 1 
ATOM   1132 N  ND2 . ASN A 1 137 ? -9.554  -18.225 -0.597  0.500 50.353 ? 137 ASN AAA ND2 1 
ATOM   1133 N  N   . ARG A 1 138 ? -9.769  -13.145 -2.300  1.000 37.852 ? 138 ARG AAA N   1 
ATOM   1134 C  CA  . ARG A 1 138 ? -10.200 -12.060 -3.158  1.000 34.351 ? 138 ARG AAA CA  1 
ATOM   1135 C  C   . ARG A 1 138 ? -9.060  -11.071 -3.343  1.000 27.967 ? 138 ARG AAA C   1 
ATOM   1136 O  O   . ARG A 1 138 ? -8.736  -10.325 -2.426  1.000 36.644 ? 138 ARG AAA O   1 
ATOM   1137 C  CB  . ARG A 1 138 ? -11.408 -11.338 -2.561  1.000 37.881 ? 138 ARG AAA CB  1 
ATOM   1138 C  CG  . ARG A 1 138 ? -11.690 -9.978  -3.181  0.500 39.068 ? 138 ARG AAA CG  1 
ATOM   1139 C  CD  . ARG A 1 138 ? -12.816 -10.044 -4.196  0.500 44.413 ? 138 ARG AAA CD  1 
ATOM   1140 N  NE  . ARG A 1 138 ? -14.118 -10.051 -3.551  0.500 47.393 ? 138 ARG AAA NE  1 
ATOM   1141 C  CZ  . ARG A 1 138 ? -15.082 -9.177  -3.804  0.500 46.271 ? 138 ARG AAA CZ  1 
ATOM   1142 N  NH1 . ARG A 1 138 ? -16.225 -9.248  -3.143  0.500 43.134 ? 138 ARG AAA NH1 1 
ATOM   1143 N  NH2 . ARG A 1 138 ? -14.899 -8.232  -4.714  0.500 43.808 ? 138 ARG AAA NH2 1 
ATOM   1144 N  N   . PRO A 1 139 ? -8.444  -11.041 -4.531  1.000 27.006 ? 139 PRO AAA N   1 
ATOM   1145 C  CA  . PRO A 1 139 ? -7.337  -10.121 -4.762  1.000 23.126 ? 139 PRO AAA CA  1 
ATOM   1146 C  C   . PRO A 1 139 ? -7.719  -8.642  -4.850  1.000 18.618 ? 139 PRO AAA C   1 
ATOM   1147 O  O   . PRO A 1 139 ? -6.855  -7.811  -4.735  1.000 18.513 ? 139 PRO AAA O   1 
ATOM   1148 C  CB  . PRO A 1 139 ? -6.745  -10.536 -6.115  1.000 26.982 ? 139 PRO AAA CB  1 
ATOM   1149 C  CG  . PRO A 1 139 ? -7.777  -11.410 -6.766  1.000 36.623 ? 139 PRO AAA CG  1 
ATOM   1150 C  CD  . PRO A 1 139 ? -8.679  -11.945 -5.669  1.000 32.620 ? 139 PRO AAA CD  1 
ATOM   1151 N  N   . PHE A 1 140 ? -8.983  -8.336  -5.111  1.000 20.202 ? 140 PHE AAA N   1 
ATOM   1152 C  CA  . PHE A 1 140 ? -9.420  -6.971  -5.440  1.000 19.642 ? 140 PHE AAA CA  1 
ATOM   1153 C  C   . PHE A 1 140 ? -10.882 -6.799  -5.042  1.000 19.526 ? 140 PHE AAA C   1 
ATOM   1154 O  O   . PHE A 1 140 ? -11.723 -7.588  -5.430  1.000 24.763 ? 140 PHE AAA O   1 
ATOM   1155 C  CB  . PHE A 1 140 ? -9.251  -6.697  -6.930  1.000 19.923 ? 140 PHE AAA CB  1 
ATOM   1156 C  CG  . PHE A 1 140 ? -9.476  -5.270  -7.367  1.000 18.381 ? 140 PHE AAA CG  1 
ATOM   1157 C  CD1 . PHE A 1 140 ? -10.757 -4.813  -7.628  1.000 21.908 ? 140 PHE AAA CD1 1 
ATOM   1158 C  CD2 . PHE A 1 140 ? -8.401  -4.418  -7.522  1.000 18.658 ? 140 PHE AAA CD2 1 
ATOM   1159 C  CE1 . PHE A 1 140 ? -10.966 -3.511  -8.047  1.000 22.950 ? 140 PHE AAA CE1 1 
ATOM   1160 C  CE2 . PHE A 1 140 ? -8.611  -3.108  -7.935  1.000 20.534 ? 140 PHE AAA CE2 1 
ATOM   1161 C  CZ  . PHE A 1 140 ? -9.895  -2.661  -8.198  1.000 20.489 ? 140 PHE AAA CZ  1 
ATOM   1162 N  N   . MET A 1 141 ? -11.165 -5.762  -4.246  1.000 17.444 ? 141 MET AAA N   1 
ATOM   1163 C  CA  . MET A 1 141 ? -12.524 -5.441  -3.820  1.000 19.613 ? 141 MET AAA CA  1 
ATOM   1164 C  C   . MET A 1 141 ? -13.095 -4.446  -4.823  1.000 20.218 ? 141 MET AAA C   1 
ATOM   1165 O  O   . MET A 1 141 ? -12.632 -3.298  -4.880  1.000 20.316 ? 141 MET AAA O   1 
ATOM   1166 C  CB  . MET A 1 141 ? -12.498 -4.845  -2.403  1.000 20.939 ? 141 MET AAA CB  1 
ATOM   1167 C  CG  . MET A 1 141 ? -13.837 -4.297  -1.901  0.600 16.494 ? 141 MET AAA CG  1 
ATOM   1168 S  SD  . MET A 1 141 ? -15.156 -5.522  -1.813  0.600 21.508 ? 141 MET AAA SD  1 
ATOM   1169 C  CE  . MET A 1 141 ? -14.229 -6.971  -1.307  0.600 36.365 ? 141 MET AAA CE  1 
ATOM   1170 N  N   . GLY A 1 142 ? -14.104 -4.866  -5.611  1.000 22.097 ? 142 GLY AAA N   1 
ATOM   1171 C  CA  . GLY A 1 142 ? -14.651 -4.093  -6.685  1.000 23.492 ? 142 GLY AAA CA  1 
ATOM   1172 C  C   . GLY A 1 142 ? -14.419 -4.735  -8.050  1.000 30.735 ? 142 GLY AAA C   1 
ATOM   1173 O  O   . GLY A 1 142 ? -13.962 -5.856  -8.112  1.000 34.523 ? 142 GLY AAA O   1 
ATOM   1174 N  N   . SER A 1 143 ? -14.667 -3.953  -9.121  1.000 39.378 ? 143 SER AAA N   1 
ATOM   1175 C  CA  . SER A 1 143 ? -14.477 -4.383  -10.527 1.000 46.232 ? 143 SER AAA CA  1 
ATOM   1176 C  C   . SER A 1 143 ? -13.303 -3.636  -11.178 1.000 51.401 ? 143 SER AAA C   1 
ATOM   1177 O  O   . SER A 1 143 ? -13.214 -2.416  -11.058 1.000 47.516 ? 143 SER AAA O   1 
ATOM   1178 C  CB  . SER A 1 143 ? -15.743 -4.173  -11.329 1.000 54.049 ? 143 SER AAA CB  1 
ATOM   1179 O  OG  . SER A 1 143 ? -16.426 -3.005  -10.908 1.000 66.516 ? 143 SER AAA OG  1 
ATOM   1180 N  N   . ILE A 1 144 ? -12.490 -4.370  -11.958 1.000 62.315 ? 144 ILE AAA N   1 
ATOM   1181 C  CA  . ILE A 1 144 ? -11.327 -3.840  -12.723 1.000 76.004 ? 144 ILE AAA CA  1 
ATOM   1182 C  C   . ILE A 1 144 ? -10.155 -3.682  -11.749 1.000 76.688 ? 144 ILE AAA C   1 
ATOM   1183 O  O   . ILE A 1 144 ? -9.135  -4.352  -11.900 1.000 83.020 ? 144 ILE AAA O   1 
ATOM   1184 C  CB  . ILE A 1 144 ? -11.656 -2.521  -13.467 1.000 79.207 ? 144 ILE AAA CB  1 
ATOM   1185 C  CG1 . ILE A 1 144 ? -12.628 -2.732  -14.636 1.000 77.609 ? 144 ILE AAA CG1 1 
ATOM   1186 C  CG2 . ILE A 1 144 ? -10.391 -1.814  -13.937 1.000 71.169 ? 144 ILE AAA CG2 1 
ATOM   1187 C  CD1 . ILE A 1 144 ? -13.942 -3.376  -14.257 1.000 70.298 ? 144 ILE AAA CD1 1 
HETATM 1188 NA NA  . NA  B 2 .   ? 13.613  6.530   10.326  1.000 10.660 ? 201 NA  AAA NA  1 
HETATM 1189 C  C1  A GOL C 3 .   ? 2.140   15.934  -5.202  0.400 29.320 ? 202 GOL AAA C1  1 
HETATM 1190 C  C1  B GOL C 3 .   ? 2.114   15.676  -5.219  0.400 30.430 ? 202 GOL AAA C1  1 
HETATM 1191 O  O1  A GOL C 3 .   ? 2.363   14.736  -5.967  0.400 29.570 ? 202 GOL AAA O1  1 
HETATM 1192 O  O1  B GOL C 3 .   ? 2.170   14.517  -6.068  0.400 29.480 ? 202 GOL AAA O1  1 
HETATM 1193 C  C2  A GOL C 3 .   ? 0.658   15.924  -4.872  0.400 27.710 ? 202 GOL AAA C2  1 
HETATM 1194 C  C2  B GOL C 3 .   ? 0.672   15.741  -4.740  0.400 30.070 ? 202 GOL AAA C2  1 
HETATM 1195 O  O2  A GOL C 3 .   ? 0.452   14.548  -4.563  0.400 29.920 ? 202 GOL AAA O2  1 
HETATM 1196 O  O2  B GOL C 3 .   ? 0.401   14.427  -4.270  0.400 31.920 ? 202 GOL AAA O2  1 
HETATM 1197 C  C3  A GOL C 3 .   ? 0.232   16.740  -3.648  0.400 25.420 ? 202 GOL AAA C3  1 
HETATM 1198 C  C3  B GOL C 3 .   ? 0.408   16.712  -3.594  0.400 28.670 ? 202 GOL AAA C3  1 
HETATM 1199 O  O3  A GOL C 3 .   ? -0.580  17.913  -3.942  0.400 22.220 ? 202 GOL AAA O3  1 
HETATM 1200 O  O3  B GOL C 3 .   ? -0.749  16.364  -2.794  0.400 27.610 ? 202 GOL AAA O3  1 
HETATM 1201 O  O   . HOH D 4 .   ? -16.119 -6.909  -5.311  0.500 26.440 ? 301 HOH AAA O   1 
HETATM 1202 O  O   . HOH D 4 .   ? 0.031   0.875   9.399   0.600 24.540 ? 302 HOH AAA O   1 
HETATM 1203 O  O   . HOH D 4 .   ? -11.724 12.798  3.840   1.000 25.370 ? 303 HOH AAA O   1 
HETATM 1204 O  O   . HOH D 4 .   ? 3.486   -8.692  5.124   1.000 42.410 ? 304 HOH AAA O   1 
HETATM 1205 O  O   . HOH D 4 .   ? 7.436   8.957   20.074  1.000 44.060 ? 305 HOH AAA O   1 
HETATM 1206 O  O   . HOH D 4 .   ? 0.032   7.612   8.993   1.000 36.720 ? 306 HOH AAA O   1 
HETATM 1207 O  O   . HOH D 4 .   ? 5.018   -11.475 -0.140  0.400 19.670 ? 307 HOH AAA O   1 
HETATM 1208 O  O   . HOH D 4 .   ? -4.146  -8.829  11.529  1.000 38.270 ? 308 HOH AAA O   1 
HETATM 1209 O  O   . HOH D 4 .   ? 13.977  -8.837  -2.631  1.000 33.300 ? 309 HOH AAA O   1 
HETATM 1210 O  O   . HOH D 4 .   ? -1.448  -1.271  12.497  1.000 37.200 ? 310 HOH AAA O   1 
HETATM 1211 O  O   . HOH D 4 .   ? 14.559  -5.713  -12.706 1.000 41.310 ? 311 HOH AAA O   1 
HETATM 1212 O  O   . HOH D 4 .   ? 0.248   -11.565 -5.704  1.000 32.210 ? 312 HOH AAA O   1 
HETATM 1213 O  O   . HOH D 4 .   ? 14.608  11.359  -1.842  1.000 35.650 ? 313 HOH AAA O   1 
HETATM 1214 O  O   . HOH D 4 .   ? 14.763  1.020   -9.404  1.000 24.330 ? 314 HOH AAA O   1 
HETATM 1215 O  O   . HOH D 4 .   ? -13.660 11.087  -4.914  1.000 37.240 ? 315 HOH AAA O   1 
HETATM 1216 O  O   . HOH D 4 .   ? 13.475  -11.590 -1.457  1.000 44.300 ? 316 HOH AAA O   1 
HETATM 1217 O  O   . HOH D 4 .   ? -11.602 12.532  -2.625  1.000 35.210 ? 317 HOH AAA O   1 
HETATM 1218 O  O   . HOH D 4 .   ? 23.414  7.608   4.164   1.000 51.410 ? 318 HOH AAA O   1 
HETATM 1219 O  O   . HOH D 4 .   ? 4.507   -14.539 5.107   1.000 44.680 ? 319 HOH AAA O   1 
HETATM 1220 O  O   . HOH D 4 .   ? -5.948  -10.467 -1.356  1.000 21.000 ? 320 HOH AAA O   1 
HETATM 1221 O  O   . HOH D 4 .   ? 23.589  -3.532  4.167   1.000 44.810 ? 321 HOH AAA O   1 
HETATM 1222 O  O   . HOH D 4 .   ? -6.812  12.027  -6.748  1.000 25.010 ? 322 HOH AAA O   1 
HETATM 1223 O  O   . HOH D 4 .   ? -20.766 -4.987  7.460   1.000 40.420 ? 323 HOH AAA O   1 
HETATM 1224 O  O   . HOH D 4 .   ? -2.785  14.276  -3.707  1.000 22.200 ? 324 HOH AAA O   1 
HETATM 1225 O  O   . HOH D 4 .   ? 7.038   -16.370 4.778   1.000 41.950 ? 325 HOH AAA O   1 
HETATM 1226 O  O   . HOH D 4 .   ? 19.774  3.081   -5.821  1.000 39.970 ? 326 HOH AAA O   1 
HETATM 1227 O  O   . HOH D 4 .   ? 21.507  -1.812  -4.405  1.000 33.420 ? 327 HOH AAA O   1 
HETATM 1228 O  O   . HOH D 4 .   ? -4.516  3.993   -8.263  1.000 16.200 ? 328 HOH AAA O   1 
HETATM 1229 O  O   . HOH D 4 .   ? 1.672   2.098   -20.303 1.000 23.650 ? 329 HOH AAA O   1 
HETATM 1230 O  O   . HOH D 4 .   ? -13.535 5.176   5.945   1.000 28.980 ? 330 HOH AAA O   1 
HETATM 1231 O  O   . HOH D 4 .   ? 0.441   14.123  11.444  1.000 38.100 ? 331 HOH AAA O   1 
HETATM 1232 O  O   . HOH D 4 .   ? 14.746  4.817   11.168  1.000 15.320 ? 332 HOH AAA O   1 
HETATM 1233 O  O   . HOH D 4 .   ? -9.271  3.815   -6.193  1.000 14.310 ? 333 HOH AAA O   1 
HETATM 1234 O  O   . HOH D 4 .   ? -5.179  15.600  0.200   1.000 30.620 ? 334 HOH AAA O   1 
HETATM 1235 O  O   . HOH D 4 .   ? -15.843 -0.125  10.811  1.000 44.100 ? 335 HOH AAA O   1 
HETATM 1236 O  O   . HOH D 4 .   ? 6.875   -12.871 -8.302  1.000 46.330 ? 336 HOH AAA O   1 
HETATM 1237 O  O   . HOH D 4 .   ? -15.886 -1.312  -8.791  1.000 32.660 ? 337 HOH AAA O   1 
HETATM 1238 O  O   . HOH D 4 .   ? -15.413 3.226   4.992   1.000 24.660 ? 338 HOH AAA O   1 
HETATM 1239 O  O   . HOH D 4 .   ? -13.807 -8.395  -7.187  1.000 48.990 ? 339 HOH AAA O   1 
HETATM 1240 O  O   . HOH D 4 .   ? -18.373 -6.422  -3.465  1.000 34.240 ? 340 HOH AAA O   1 
HETATM 1241 O  O   . HOH D 4 .   ? -1.931  18.985  -6.030  1.000 41.940 ? 341 HOH AAA O   1 
HETATM 1242 O  O   . HOH D 4 .   ? -14.459 8.853   -5.924  1.000 27.810 ? 342 HOH AAA O   1 
HETATM 1243 O  O   . HOH D 4 .   ? -2.304  9.163   -7.254  1.000 11.080 ? 343 HOH AAA O   1 
HETATM 1244 O  O   . HOH D 4 .   ? -12.529 8.991   1.084   1.000 18.230 ? 344 HOH AAA O   1 
HETATM 1245 O  O   . HOH D 4 .   ? -11.106 7.736   9.323   1.000 29.870 ? 345 HOH AAA O   1 
HETATM 1246 O  O   . HOH D 4 .   ? -25.852 -9.512  6.309   1.000 37.880 ? 346 HOH AAA O   1 
HETATM 1247 O  O   . HOH D 4 .   ? 5.552   4.922   12.256  1.000 21.850 ? 347 HOH AAA O   1 
HETATM 1248 O  O   . HOH D 4 .   ? 13.416  -1.040  -7.340  1.000 36.240 ? 348 HOH AAA O   1 
HETATM 1249 O  O   . HOH D 4 .   ? 11.632  14.739  12.695  1.000 16.210 ? 349 HOH AAA O   1 
HETATM 1250 O  O   . HOH D 4 .   ? -9.210  -2.205  11.910  1.000 33.710 ? 350 HOH AAA O   1 
HETATM 1251 O  O   . HOH D 4 .   ? -19.395 -4.042  -4.399  1.000 29.810 ? 351 HOH AAA O   1 
HETATM 1252 O  O   . HOH D 4 .   ? 11.309  16.272  16.983  1.000 39.490 ? 352 HOH AAA O   1 
HETATM 1253 O  O   . HOH D 4 .   ? 3.531   -13.900 -2.370  1.000 41.250 ? 353 HOH AAA O   1 
HETATM 1254 O  O   . HOH D 4 .   ? 22.896  7.266   11.273  1.000 17.470 ? 354 HOH AAA O   1 
HETATM 1255 O  O   . HOH D 4 .   ? 17.674  8.412   0.459   1.000 42.320 ? 355 HOH AAA O   1 
HETATM 1256 O  O   . HOH D 4 .   ? -11.673 0.616   -9.295  1.000 30.320 ? 356 HOH AAA O   1 
HETATM 1257 O  O   . HOH D 4 .   ? -12.786 5.743   3.876   1.000 22.490 ? 357 HOH AAA O   1 
HETATM 1258 O  O   . HOH D 4 .   ? 12.389  10.558  21.468  1.000 50.340 ? 358 HOH AAA O   1 
HETATM 1259 O  O   . HOH D 4 .   ? 20.413  10.476  4.923   1.000 32.930 ? 359 HOH AAA O   1 
HETATM 1260 O  O   . HOH D 4 .   ? 19.563  -5.148  11.589  1.000 15.580 ? 360 HOH AAA O   1 
HETATM 1261 O  O   . HOH D 4 .   ? -3.805  -11.958 -4.031  1.000 40.290 ? 361 HOH AAA O   1 
HETATM 1262 O  O   . HOH D 4 .   ? -3.567  -9.809  -11.484 1.000 33.080 ? 362 HOH AAA O   1 
HETATM 1263 O  O   . HOH D 4 .   ? 5.551   13.332  17.293  1.000 34.620 ? 363 HOH AAA O   1 
HETATM 1264 O  O   . HOH D 4 .   ? 24.360  -3.877  -3.609  1.000 49.800 ? 364 HOH AAA O   1 
HETATM 1265 O  O   . HOH D 4 .   ? 4.592   13.225  -5.356  1.000 19.030 ? 365 HOH AAA O   1 
HETATM 1266 O  O   . HOH D 4 .   ? 6.186   11.849  -0.949  1.000 10.640 ? 366 HOH AAA O   1 
HETATM 1267 O  O   . HOH D 4 .   ? 12.102  -10.585 -3.559  1.000 28.240 ? 367 HOH AAA O   1 
HETATM 1268 O  O   . HOH D 4 .   ? 17.435  9.063   14.793  0.500 18.080 ? 368 HOH AAA O   1 
HETATM 1269 O  O   . HOH D 4 .   ? -3.423  -11.355 -7.728  1.000 31.090 ? 369 HOH AAA O   1 
HETATM 1270 O  O   . HOH D 4 .   ? 23.025  -6.214  0.311   1.000 27.180 ? 370 HOH AAA O   1 
HETATM 1271 O  O   . HOH D 4 .   ? -5.536  -5.624  -5.811  1.000 15.030 ? 371 HOH AAA O   1 
HETATM 1272 O  O   . HOH D 4 .   ? -4.125  -5.045  -17.241 1.000 35.660 ? 372 HOH AAA O   1 
HETATM 1273 O  O   . HOH D 4 .   ? 0.001   -4.682  -14.696 1.000 16.200 ? 373 HOH AAA O   1 
HETATM 1274 O  O   . HOH D 4 .   ? 26.619  3.027   7.607   1.000 47.880 ? 374 HOH AAA O   1 
HETATM 1275 O  O   . HOH D 4 .   ? 6.436   1.479   -7.302  1.000 9.560  ? 375 HOH AAA O   1 
HETATM 1276 O  O   . HOH D 4 .   ? 14.574  2.485   -2.517  1.000 24.370 ? 376 HOH AAA O   1 
HETATM 1277 O  O   . HOH D 4 .   ? 12.564  10.030  -3.051  1.000 34.160 ? 377 HOH AAA O   1 
HETATM 1278 O  O   . HOH D 4 .   ? -11.979 12.416  6.069   1.000 34.820 ? 378 HOH AAA O   1 
HETATM 1279 O  O   . HOH D 4 .   ? -4.803  8.179   -13.686 1.000 20.590 ? 379 HOH AAA O   1 
HETATM 1280 O  O   . HOH D 4 .   ? 12.707  5.264   -3.926  1.000 18.380 ? 380 HOH AAA O   1 
HETATM 1281 O  O   . HOH D 4 .   ? 2.982   6.552   -12.793 1.000 10.580 ? 381 HOH AAA O   1 
HETATM 1282 O  O   . HOH D 4 .   ? 13.678  9.260   3.701   1.000 15.590 ? 382 HOH AAA O   1 
HETATM 1283 O  O   . HOH D 4 .   ? 14.423  -1.308  -4.746  1.000 35.600 ? 383 HOH AAA O   1 
HETATM 1284 O  O   . HOH D 4 .   ? 22.199  0.685   3.373   1.000 30.300 ? 384 HOH AAA O   1 
HETATM 1285 O  O   . HOH D 4 .   ? 1.095   3.206   8.246   1.000 22.300 ? 385 HOH AAA O   1 
HETATM 1286 O  O   . HOH D 4 .   ? -9.463  4.821   13.867  1.000 39.400 ? 386 HOH AAA O   1 
HETATM 1287 O  O   . HOH D 4 .   ? -3.685  -10.467 9.853   1.000 59.790 ? 387 HOH AAA O   1 
HETATM 1288 O  O   . HOH D 4 .   ? -11.103 -9.966  -6.806  1.000 33.950 ? 388 HOH AAA O   1 
HETATM 1289 O  O   . HOH D 4 .   ? -18.477 -2.740  -8.164  1.000 43.230 ? 389 HOH AAA O   1 
HETATM 1290 O  O   . HOH D 4 .   ? -4.621  14.900  5.947   1.000 35.420 ? 390 HOH AAA O   1 
HETATM 1291 O  O   . HOH D 4 .   ? 16.980  0.470   15.437  1.000 13.080 ? 391 HOH AAA O   1 
HETATM 1292 O  O   . HOH D 4 .   ? 17.784  9.361   2.678   1.000 18.650 ? 392 HOH AAA O   1 
HETATM 1293 O  O   . HOH D 4 .   ? 11.004  10.133  3.829   1.000 14.070 ? 393 HOH AAA O   1 
HETATM 1294 O  O   . HOH D 4 .   ? 6.542   -13.847 0.847   1.000 39.750 ? 394 HOH AAA O   1 
HETATM 1295 O  O   . HOH D 4 .   ? -5.318  0.037   -15.996 1.000 32.860 ? 395 HOH AAA O   1 
HETATM 1296 O  O   . HOH D 4 .   ? 17.757  3.080   -8.697  1.000 33.240 ? 396 HOH AAA O   1 
HETATM 1297 O  O   . HOH D 4 .   ? 22.496  -8.670  1.704   1.000 34.030 ? 397 HOH AAA O   1 
HETATM 1298 O  O   . HOH D 4 .   ? 10.282  -15.814 -0.786  1.000 44.040 ? 398 HOH AAA O   1 
HETATM 1299 O  O   . HOH D 4 .   ? -0.830  -9.800  -10.155 1.000 32.430 ? 399 HOH AAA O   1 
HETATM 1300 O  O   . HOH D 4 .   ? -20.296 -0.461  -6.147  1.000 36.840 ? 400 HOH AAA O   1 
HETATM 1301 O  O   . HOH D 4 .   ? 13.613  4.506   -1.097  1.000 20.900 ? 401 HOH AAA O   1 
HETATM 1302 O  O   . HOH D 4 .   ? 3.472   4.300   8.405   1.000 29.140 ? 402 HOH AAA O   1 
HETATM 1303 O  O   . HOH D 4 .   ? 1.780   1.501   12.966  1.000 45.310 ? 403 HOH AAA O   1 
HETATM 1304 O  O   . HOH D 4 .   ? 6.700   8.852   11.841  1.000 22.900 ? 404 HOH AAA O   1 
HETATM 1305 O  O   . HOH D 4 .   ? 24.823  5.805   9.853   1.000 25.030 ? 405 HOH AAA O   1 
HETATM 1306 O  O   . HOH D 4 .   ? -17.814 -8.560  -0.696  1.000 34.580 ? 406 HOH AAA O   1 
HETATM 1307 O  O   . HOH D 4 .   ? -3.500  8.717   -9.884  1.000 21.150 ? 407 HOH AAA O   1 
HETATM 1308 O  O   . HOH D 4 .   ? 26.341  1.383   11.722  1.000 33.920 ? 408 HOH AAA O   1 
HETATM 1309 O  O   . HOH D 4 .   ? -18.292 4.571   -5.735  1.000 22.630 ? 409 HOH AAA O   1 
HETATM 1310 O  O   . HOH D 4 .   ? -12.370 5.276   -7.785  1.000 27.680 ? 410 HOH AAA O   1 
HETATM 1311 O  O   . HOH D 4 .   ? 10.949  -8.610  -10.199 1.000 31.180 ? 411 HOH AAA O   1 
HETATM 1312 O  O   . HOH D 4 .   ? 17.269  -7.919  -1.868  1.000 27.390 ? 412 HOH AAA O   1 
HETATM 1313 O  O   . HOH D 4 .   ? -10.119 -13.458 3.689   1.000 45.300 ? 413 HOH AAA O   1 
HETATM 1314 O  O   . HOH D 4 .   ? -1.364  3.883   9.261   1.000 44.800 ? 414 HOH AAA O   1 
HETATM 1315 O  O   . HOH D 4 .   ? -17.898 1.534   -7.058  1.000 36.770 ? 415 HOH AAA O   1 
HETATM 1316 O  O   . HOH D 4 .   ? 2.139   9.436   10.555  1.000 43.620 ? 416 HOH AAA O   1 
HETATM 1317 O  O   . HOH D 4 .   ? 14.556  6.827   -2.586  1.000 32.310 ? 417 HOH AAA O   1 
HETATM 1318 O  O   . HOH D 4 .   ? -8.522  7.312   -8.890  1.000 26.230 ? 418 HOH AAA O   1 
HETATM 1319 O  O   . HOH D 4 .   ? 3.359   11.056  -11.676 1.000 10.180 ? 419 HOH AAA O   1 
HETATM 1320 O  O   . HOH D 4 .   ? 19.556  -8.360  0.887   1.000 21.580 ? 420 HOH AAA O   1 
HETATM 1321 O  O   . HOH D 4 .   ? -4.821  13.672  8.289   1.000 38.240 ? 421 HOH AAA O   1 
HETATM 1322 O  O   . HOH D 4 .   ? 11.664  6.462   -8.451  1.000 47.190 ? 422 HOH AAA O   1 
HETATM 1323 O  O   . HOH D 4 .   ? 18.150  10.245  -1.071  1.000 42.830 ? 423 HOH AAA O   1 
HETATM 1324 O  O   . HOH D 4 .   ? -27.102 -6.650  5.554   1.000 27.410 ? 424 HOH AAA O   1 
HETATM 1325 O  O   . HOH D 4 .   ? -22.160 -8.472  -1.036  1.000 47.100 ? 425 HOH AAA O   1 
HETATM 1326 O  O   . HOH D 4 .   ? 3.215   -8.418  -14.620 1.000 37.620 ? 426 HOH AAA O   1 
HETATM 1327 O  O   . HOH D 4 .   ? -8.275  15.321  2.664   1.000 37.720 ? 427 HOH AAA O   1 
HETATM 1328 O  O   . HOH D 4 .   ? 12.476  14.769  20.630  1.000 51.300 ? 428 HOH AAA O   1 
HETATM 1329 O  O   . HOH D 4 .   ? -3.181  -10.964 7.196   1.000 41.860 ? 429 HOH AAA O   1 
HETATM 1330 O  O   . HOH D 4 .   ? 12.405  -2.379  -10.260 1.000 33.420 ? 430 HOH AAA O   1 
HETATM 1331 O  O   . HOH D 4 .   ? 3.172   -11.157 6.390   1.000 46.040 ? 431 HOH AAA O   1 
HETATM 1332 O  O   . HOH D 4 .   ? -11.139 -13.253 1.435   1.000 48.510 ? 432 HOH AAA O   1 
HETATM 1333 O  O   . HOH D 4 .   ? 12.837  -12.357 1.010   1.000 36.980 ? 433 HOH AAA O   1 
HETATM 1334 O  O   . HOH D 4 .   ? -12.354 10.183  7.930   1.000 45.480 ? 434 HOH AAA O   1 
HETATM 1335 O  O   . HOH D 4 .   ? -3.335  -6.565  12.353  1.000 37.010 ? 435 HOH AAA O   1 
HETATM 1336 O  O   . HOH D 4 .   ? 9.003   15.967  18.742  1.000 47.060 ? 436 HOH AAA O   1 
HETATM 1337 O  O   . HOH D 4 .   ? 15.902  15.502  13.549  1.000 55.940 ? 437 HOH AAA O   1 
HETATM 1338 O  O   . HOH D 4 .   ? -9.798  11.884  10.474  1.000 56.060 ? 438 HOH AAA O   1 
HETATM 1339 O  O   . HOH D 4 .   ? -8.862  3.835   -8.922  1.000 30.690 ? 439 HOH AAA O   1 
HETATM 1340 O  O   . HOH D 4 .   ? 17.491  -2.989  -7.246  1.000 50.440 ? 440 HOH AAA O   1 
HETATM 1341 O  O   . HOH D 4 .   ? -9.311  14.641  0.518   1.000 45.500 ? 441 HOH AAA O   1 
HETATM 1342 O  O   . HOH D 4 .   ? 12.367  -11.768 -5.957  1.000 48.120 ? 442 HOH AAA O   1 
HETATM 1343 O  O   . HOH D 4 .   ? -18.984 6.701   7.153   1.000 47.510 ? 443 HOH AAA O   1 
HETATM 1344 O  O   . HOH D 4 .   ? -15.865 5.934   -7.540  1.000 55.480 ? 444 HOH AAA O   1 
HETATM 1345 O  O   . HOH D 4 .   ? -8.642  14.328  -3.337  1.000 46.850 ? 445 HOH AAA O   1 
HETATM 1346 O  O   . HOH D 4 .   ? -9.949  -6.107  9.806   1.000 53.460 ? 446 HOH AAA O   1 
HETATM 1347 O  O   . HOH D 4 .   ? 22.450  3.423   5.887   1.000 33.880 ? 447 HOH AAA O   1 
HETATM 1348 O  O   . HOH D 4 .   ? -18.256 -8.767  5.761   1.000 41.700 ? 448 HOH AAA O   1 
HETATM 1349 O  O   . HOH D 4 .   ? -3.797  15.795  -1.792  1.000 33.050 ? 449 HOH AAA O   1 
HETATM 1350 O  O   . HOH D 4 .   ? -15.209 -7.774  9.473   1.000 51.580 ? 450 HOH AAA O   1 
HETATM 1351 O  O   . HOH D 4 .   ? -12.954 0.504   -12.576 1.000 47.540 ? 451 HOH AAA O   1 
HETATM 1352 O  O   . HOH D 4 .   ? 25.887  9.920   8.558   1.000 59.320 ? 452 HOH AAA O   1 
HETATM 1353 O  O   . HOH D 4 .   ? 17.261  10.472  -3.344  1.000 41.690 ? 453 HOH AAA O   1 
HETATM 1354 O  O   . HOH D 4 .   ? 22.014  1.355   -1.451  1.000 47.790 ? 454 HOH AAA O   1 
HETATM 1355 O  O   . HOH D 4 .   ? 18.312  11.301  15.879  0.500 39.010 ? 455 HOH AAA O   1 
HETATM 1356 O  O   . HOH D 4 .   ? -0.612  -11.438 -7.948  1.000 47.690 ? 456 HOH AAA O   1 
HETATM 1357 O  O   . HOH D 4 .   ? 14.023  -1.060  -11.024 1.000 29.230 ? 457 HOH AAA O   1 
HETATM 1358 O  O   . HOH D 4 .   ? -11.265 13.271  1.544   1.000 33.150 ? 458 HOH AAA O   1 
HETATM 1359 O  O   . HOH D 4 .   ? -6.985  -2.493  -16.694 1.000 58.220 ? 459 HOH AAA O   1 
HETATM 1360 O  O   . HOH D 4 .   ? 16.380  7.868   -4.059  1.000 38.240 ? 460 HOH AAA O   1 
HETATM 1361 O  O   . HOH D 4 .   ? 5.188   3.832   6.362   1.000 21.620 ? 461 HOH AAA O   1 
HETATM 1362 O  O   . HOH D 4 .   ? -17.452 -6.261  -7.711  1.000 56.280 ? 462 HOH AAA O   1 
HETATM 1363 O  O   . HOH D 4 .   ? -25.208 -11.134 3.581   1.000 53.490 ? 463 HOH AAA O   1 
HETATM 1364 O  O   . HOH D 4 .   ? -10.847 15.111  3.701   1.000 46.680 ? 464 HOH AAA O   1 
HETATM 1365 O  O   . HOH D 4 .   ? 26.522  2.162   4.649   1.000 50.970 ? 465 HOH AAA O   1 
HETATM 1366 O  O   . HOH D 4 .   ? -3.901  11.551  9.239   1.000 55.030 ? 466 HOH AAA O   1 
HETATM 1367 O  O   . HOH D 4 .   ? 3.017   5.865   11.719  1.000 39.570 ? 467 HOH AAA O   1 
HETATM 1368 O  O   . HOH D 4 .   ? -10.374 -2.268  14.263  1.000 40.910 ? 468 HOH AAA O   1 
HETATM 1369 O  O   . HOH D 4 .   ? 12.209  -2.992  -7.112  1.000 44.600 ? 469 HOH AAA O   1 
HETATM 1370 O  O   . HOH D 4 .   ? 2.042   -11.291 -2.347  1.000 41.700 ? 470 HOH AAA O   1 
HETATM 1371 O  O   . HOH D 4 .   ? 14.265  6.563   -7.900  1.000 49.070 ? 471 HOH AAA O   1 
HETATM 1372 O  O   . HOH D 4 .   ? 19.447  -3.922  -5.849  1.000 46.170 ? 472 HOH AAA O   1 
HETATM 1373 O  O   . HOH D 4 .   ? 11.588  -10.711 -8.759  1.000 51.100 ? 473 HOH AAA O   1 
HETATM 1374 O  O   . HOH D 4 .   ? -3.084  16.533  1.498   1.000 41.760 ? 474 HOH AAA O   1 
HETATM 1375 O  O   . HOH D 4 .   ? 16.171  -11.122 2.993   0.500 30.300 ? 475 HOH AAA O   1 
HETATM 1376 O  O   . HOH D 4 .   ? -4.938  -11.422 -9.807  1.000 51.870 ? 476 HOH AAA O   1 
HETATM 1377 O  O   . HOH D 4 .   ? 26.816  3.943   11.463  1.000 39.050 ? 477 HOH AAA O   1 
HETATM 1378 O  O   . HOH D 4 .   ? -5.445  6.523   -9.271  1.000 26.010 ? 478 HOH AAA O   1 
HETATM 1379 O  O   . HOH D 4 .   ? -27.677 -7.913  2.215   1.000 24.900 ? 479 HOH AAA O   1 
HETATM 1380 O  O   . HOH D 4 .   ? -6.698  0.939   -11.348 1.000 56.520 ? 480 HOH AAA O   1 
HETATM 1381 O  O   . HOH D 4 .   ? -2.418  16.579  5.656   1.000 34.490 ? 481 HOH AAA O   1 
HETATM 1382 O  O   . HOH D 4 .   ? 24.702  -5.051  2.304   1.000 50.650 ? 482 HOH AAA O   1 
HETATM 1383 O  O   . HOH D 4 .   ? -3.861  -5.897  15.318  1.000 44.950 ? 483 HOH AAA O   1 
HETATM 1384 O  O   . HOH D 4 .   ? -13.043 2.638   -9.329  1.000 43.780 ? 484 HOH AAA O   1 
HETATM 1385 O  O   . HOH D 4 .   ? -6.999  9.694   -8.846  1.000 48.040 ? 485 HOH AAA O   1 
HETATM 1386 O  O   . HOH D 4 .   ? -6.310  3.194   -10.208 1.000 38.300 ? 486 HOH AAA O   1 
HETATM 1387 O  O   . HOH D 4 .   ? -6.648  0.208   -13.948 1.000 49.710 ? 487 HOH AAA O   1 
HETATM 1388 O  O   . HOH D 4 .   ? 18.284  4.061   -1.682  1.000 42.710 ? 488 HOH AAA O   1 
HETATM 1389 O  O   . HOH D 4 .   ? 3.651   14.839  16.380  1.000 49.350 ? 489 HOH AAA O   1 
HETATM 1390 O  O   . HOH D 4 .   ? 23.105  1.507   0.791   1.000 44.320 ? 490 HOH AAA O   1 
HETATM 1391 O  O   . HOH D 4 .   ? -21.647 -4.433  -5.520  1.000 45.180 ? 491 HOH AAA O   1 
HETATM 1392 O  O   . HOH D 4 .   ? 17.987  -10.589 1.573   1.000 37.490 ? 492 HOH AAA O   1 
HETATM 1393 O  O   . HOH D 4 .   ? -9.202  -1.273  16.672  1.000 55.810 ? 493 HOH AAA O   1 
HETATM 1394 O  O   . HOH D 4 .   ? 16.267  3.192   -0.730  1.000 35.260 ? 494 HOH AAA O   1 
HETATM 1395 O  O   . HOH D 4 .   ? -6.499  18.135  0.158   1.000 55.690 ? 495 HOH AAA O   1 
HETATM 1396 O  O   . HOH D 4 .   ? 9.764   8.227   -9.186  1.000 41.450 ? 496 HOH AAA O   1 
HETATM 1397 O  O   . HOH D 4 .   ? -9.805  3.355   -12.376 1.000 55.560 ? 497 HOH AAA O   1 
HETATM 1398 O  O   . HOH D 4 .   ? 18.659  6.144   -3.728  1.000 48.320 ? 498 HOH AAA O   1 
HETATM 1399 O  O   . HOH D 4 .   ? 8.619   9.873   -7.810  0.500 38.760 ? 499 HOH AAA O   1 
HETATM 1400 O  O   . HOH D 4 .   ? -11.174 1.769   -13.682 1.000 57.190 ? 500 HOH AAA O   1 
HETATM 1401 O  O   . HOH D 4 .   ? -6.706  5.933   -11.418 1.000 48.600 ? 501 HOH AAA O   1 
HETATM 1402 O  O   . HOH D 4 .   ? -1.812  16.717  8.619   1.000 56.270 ? 502 HOH AAA O   1 
HETATM 1403 O  O   . HOH D 4 .   ? -8.796  1.016   -14.358 1.000 59.440 ? 503 HOH AAA O   1 
# 
